data_8DD2
#
_entry.id   8DD2
#
_cell.length_a   1.00
_cell.length_b   1.00
_cell.length_c   1.00
_cell.angle_alpha   90.00
_cell.angle_beta   90.00
_cell.angle_gamma   90.00
#
_symmetry.space_group_name_H-M   'P 1'
#
loop_
_entity.id
_entity.type
_entity.pdbx_description
1 polymer 'Gamma-aminobutyric acid receptor subunit beta-2'
2 polymer 'Gamma-aminobutyric acid receptor subunit alpha-1'
3 polymer 'Gamma-aminobutyric acid receptor subunit gamma-2'
4 polymer 'Kappa Fab Light Chain'
5 polymer 'IgG2b Fab Heavy Chain'
6 branched beta-D-mannopyranose-(1-4)-2-acetamido-2-deoxy-beta-D-glucopyranose-(1-4)-2-acetamido-2-deoxy-beta-D-glucopyranose
7 branched alpha-D-mannopyranose-(1-2)-alpha-D-mannopyranose-(1-2)-alpha-D-mannopyranose-(1-3)-[alpha-D-mannopyranose-(1-2)-alpha-D-mannopyranose-(1-6)-[alpha-D-mannopyranose-(1-3)]alpha-D-mannopyranose-(1-6)]beta-D-mannopyranose-(1-4)-2-acetamido-2-deoxy-beta-D-glucopyranose-(1-4)-2-acetamido-2-deoxy-beta-D-glucopyranose
8 branched 2-acetamido-2-deoxy-beta-D-glucopyranose-(1-4)-2-acetamido-2-deoxy-beta-D-glucopyranose
9 non-polymer 2-acetamido-2-deoxy-beta-D-glucopyranose
10 non-polymer Zolpidem
11 non-polymer 'GAMMA-AMINO-BUTANOIC ACID'
#
loop_
_entity_poly.entity_id
_entity_poly.type
_entity_poly.pdbx_seq_one_letter_code
_entity_poly.pdbx_strand_id
1 'polypeptide(L)'
;QSVNDPSNMSLVKETVDRLLKGYDIRLRPDFGGPPVAVGMNIDIASIDMVSEVNMDYTLTMYFQQAWRDKRLSYNVIPLN
LTLDNRVADQLWVPDTYFLNDKKSFVHGVTVKNRMIRLHPDGTVLYGLRITTTAACMMDLRRYPLDEQNCTLEIESYGYT
TDDIEFYWRGDDNAVTGVTKIELPQFSIVDYKLITKKVVFSTGSYPRLSLSFKLKRNIGYFILQTYMPSILITILSWVSF
WINYDASAARVALGITTVLTMTTINTHLRETLPKIPYVKAIDMYLMGCFVFVFMALLEYALVNYIFFSQPARAAAIDRWS
RIFFPVVFSFFNIVYWLYYVNVDGSGATNFSLLKQAGDVEENPG
;
A,C
2 'polypeptide(L)'
;QPSLQDELKDNTTVFTRILDRLLDGYDNRLRPGLGERVTEVKTDIFVTSFGPVSDHDMEYTIDVFFRQSWKDERLKFKGP
MTVLRLNNLMASKIWTPDTFFHNGKKSVAHNMTMPNKLLRITEDGTLLYTMRLTVRAECPMHLEDFPMDAHACPLKFGSY
AYTRAEVVYEWTREPARSVVVAEDGSRLNQYDLLGQTVDSGIVQSSTGEYVVMTTHFHLKRKIGYFVIQTYLPCIMTVIL
SQVSFWLNRESVPARTVFGVTTVLTMTTLSISARNSLPKVAYATAMDWFIAVCYAFVFSALIEFATVNYFTKSQPARAAK
IDRLSRIAFPLLFGIFNLVYWATYLNREPQLKAPTPHQ
;
B,D
3 'polypeptide(L)'
;WSHPQFEKGGGSGGGSGGSSAWSHPQFEKLEVLFQGPQKSDDDYEDYASNKTWVLTPKVPEGDVTVILNNLLEGYDNKLR
PDIGVKPTLIHTDMYVNSIGPVNAINMEYTIDIFFAQTWYDRRLKFNSTIKVLRLNSNMVGKIWIPDTFFRNSKKADAHW
ITTPNRMLRIWNDGRVLYTLRLTIDAECQLQLHNFPMDEHSCPLEFSSYGYPREEIVYQWKRSSVEVGDTRSWRLYQFSF
VGLRNTTEVVKTTSGDYVVMSVYFDLSRRMGYFTIQTYIPCTLIVVLSWVSFWINKDAVPARTSLGITTVLTMTTLSTIA
RKSLPKVSYVTAMDLFVSVCFIFVFSALVEYGTLHYFVSSQPARAAKMDSYARIFFPTAFCLFNLVYWVSYLYLSRGSGA
TNFSLLKQAGDVEENPG
;
E
4 'polypeptide(L)'
;NIVMTQSPKSMSMSVGERVTLSCKASEYVGTYVSWYQQKPEQSPKLLIYGASNRYTGVPDRFTGSGSATDFTLTIGSVQA
EDLADYHCGQSYSYPTFGAGTKLELKRADAAPTVSIFPPSSEQLTSGGASVVCFLNNFYPKDINVKWKIDGSERQNGVLN
SWTDQDSKDSTYSMSSTLTLTKDEYERHNSYTCEATHKTSTSPIVKSFNRNEC
;
I,L
5 'polypeptide(L)'
;EVQLQQSGAELVKPGASVKLSCTASGFNIKDTYMYWVKQRPEQGLEWIGRIDPANGDTKYDPKFQGKATITTDTFSNTAY
LQLSSLTSEDTAVYYCARKGLRWAMDYWGQGTSVTVSTAKTTPPSVYPLAPGCGDTTGSSVTLGCLVKGYFPESVTVTWN
SGSLSSSVHTFPALLQSGLYTMSSSVTVPSSTWPSQTVTCSVAHPASSTTVDKKLEPSGPISTINPCPPCKECHKCPAPN
LEGGPSVFIFPPNIKDVLMISLTPKVTCVVVDVSEDDPDVQISWFVNNVEVHTAQTQTHREDYNSTIRVVSTLPIQHQDW
MSGKEFKCKVNNKDLPSPIERTISKIKGLVRAPQVYILPPPAEQLSRKDVSLTCLVVGFNPGDISVEWTSNGHTEENYKD
TAPVLDSDGSYFIYSKLNMKTSKWEKTDSFSCNVRHEGLKNYYLKKTISRSPGK
;
J,K
#
loop_
_chem_comp.id
_chem_comp.type
_chem_comp.name
_chem_comp.formula
ABU non-polymer 'GAMMA-AMINO-BUTANOIC ACID' 'C4 H9 N O2'
BMA D-saccharide, beta linking beta-D-mannopyranose 'C6 H12 O6'
MAN D-saccharide, alpha linking alpha-D-mannopyranose 'C6 H12 O6'
NAG D-saccharide, beta linking 2-acetamido-2-deoxy-beta-D-glucopyranose 'C8 H15 N O6'
R5R non-polymer Zolpidem 'C19 H21 N3 O'
#
# COMPACT_ATOMS: atom_id res chain seq x y z
N SER A 7 19.63 -47.88 -20.48
CA SER A 7 20.35 -46.63 -20.69
C SER A 7 20.43 -45.85 -19.39
N ASN A 8 20.95 -44.62 -19.47
CA ASN A 8 21.09 -43.75 -18.32
C ASN A 8 19.92 -42.79 -18.14
N MET A 9 18.92 -42.86 -19.02
CA MET A 9 17.69 -42.09 -18.86
C MET A 9 16.52 -42.96 -18.46
N SER A 10 16.34 -44.11 -19.11
CA SER A 10 15.28 -45.03 -18.70
C SER A 10 15.51 -45.51 -17.27
N LEU A 11 16.75 -45.84 -16.93
CA LEU A 11 17.04 -46.28 -15.57
C LEU A 11 16.76 -45.18 -14.55
N VAL A 12 17.14 -43.94 -14.87
CA VAL A 12 16.90 -42.84 -13.95
C VAL A 12 15.40 -42.62 -13.75
N LYS A 13 14.65 -42.63 -14.84
CA LYS A 13 13.20 -42.48 -14.72
C LYS A 13 12.61 -43.61 -13.90
N GLU A 14 13.08 -44.83 -14.12
CA GLU A 14 12.58 -45.98 -13.38
C GLU A 14 12.84 -45.82 -11.88
N THR A 15 14.06 -45.44 -11.52
CA THR A 15 14.38 -45.32 -10.09
C THR A 15 13.59 -44.18 -9.46
N VAL A 16 13.46 -43.05 -10.16
CA VAL A 16 12.70 -41.94 -9.57
C VAL A 16 11.24 -42.30 -9.44
N ASP A 17 10.70 -43.09 -10.38
CA ASP A 17 9.32 -43.57 -10.23
C ASP A 17 9.20 -44.48 -9.01
N ARG A 18 10.18 -45.37 -8.82
CA ARG A 18 10.12 -46.27 -7.67
C ARG A 18 10.20 -45.50 -6.37
N LEU A 19 11.04 -44.47 -6.31
CA LEU A 19 11.24 -43.73 -5.05
C LEU A 19 9.95 -43.09 -4.58
N LEU A 20 9.17 -42.53 -5.49
CA LEU A 20 7.95 -41.81 -5.15
C LEU A 20 6.71 -42.68 -5.15
N LYS A 21 6.85 -43.97 -5.45
CA LYS A 21 5.71 -44.87 -5.43
C LYS A 21 5.46 -45.34 -4.00
N GLY A 22 4.24 -45.15 -3.51
CA GLY A 22 3.95 -45.50 -2.13
C GLY A 22 4.75 -44.70 -1.13
N TYR A 23 5.01 -43.43 -1.43
CA TYR A 23 5.74 -42.55 -0.53
C TYR A 23 4.74 -41.72 0.26
N ASP A 24 4.78 -41.86 1.59
CA ASP A 24 3.85 -41.16 2.48
C ASP A 24 4.49 -39.84 2.88
N ILE A 25 4.07 -38.76 2.24
CA ILE A 25 4.60 -37.43 2.57
C ILE A 25 4.17 -36.99 3.96
N ARG A 26 3.08 -37.55 4.49
CA ARG A 26 2.60 -37.11 5.80
C ARG A 26 3.53 -37.52 6.93
N LEU A 27 4.23 -38.65 6.77
CA LEU A 27 5.11 -39.19 7.80
C LEU A 27 6.54 -38.76 7.53
N ARG A 28 7.19 -38.20 8.56
CA ARG A 28 8.59 -37.85 8.46
C ARG A 28 9.43 -39.12 8.39
N PRO A 29 10.67 -39.03 7.91
CA PRO A 29 11.55 -40.19 7.93
C PRO A 29 11.75 -40.70 9.34
N ASP A 30 11.63 -42.01 9.52
CA ASP A 30 11.69 -42.64 10.84
C ASP A 30 10.59 -42.08 11.74
N PHE A 31 9.34 -42.32 11.33
CA PHE A 31 8.21 -41.70 12.01
C PHE A 31 8.15 -42.12 13.48
N GLY A 32 8.28 -43.42 13.74
CA GLY A 32 8.25 -43.90 15.11
C GLY A 32 9.60 -44.02 15.78
N GLY A 33 10.68 -43.82 15.02
CA GLY A 33 12.00 -44.03 15.53
C GLY A 33 12.64 -42.77 16.06
N PRO A 34 13.97 -42.72 16.09
CA PRO A 34 14.67 -41.57 16.66
C PRO A 34 14.43 -40.32 15.82
N PRO A 35 14.79 -39.15 16.34
CA PRO A 35 14.58 -37.92 15.57
C PRO A 35 15.43 -37.89 14.32
N VAL A 36 14.91 -37.20 13.31
CA VAL A 36 15.66 -36.95 12.08
C VAL A 36 16.58 -35.75 12.30
N ALA A 37 17.81 -35.86 11.84
CA ALA A 37 18.81 -34.82 11.99
C ALA A 37 18.85 -33.96 10.73
N VAL A 38 18.66 -32.66 10.89
CA VAL A 38 18.62 -31.72 9.77
C VAL A 38 19.77 -30.75 9.94
N GLY A 39 20.63 -30.67 8.93
CA GLY A 39 21.76 -29.77 8.94
C GLY A 39 21.45 -28.51 8.13
N MET A 40 21.84 -27.37 8.67
CA MET A 40 21.44 -26.08 8.13
C MET A 40 22.66 -25.35 7.57
N ASN A 41 22.53 -24.86 6.34
CA ASN A 41 23.50 -23.95 5.75
C ASN A 41 22.79 -22.68 5.33
N ILE A 42 23.45 -21.54 5.56
CA ILE A 42 22.93 -20.25 5.12
C ILE A 42 24.04 -19.51 4.39
N ASP A 43 23.70 -18.91 3.26
CA ASP A 43 24.60 -18.05 2.51
C ASP A 43 23.95 -16.69 2.40
N ILE A 44 24.43 -15.73 3.17
CA ILE A 44 23.77 -14.44 3.31
C ILE A 44 24.05 -13.65 2.04
N ALA A 45 23.07 -13.61 1.13
CA ALA A 45 23.24 -12.88 -0.12
C ALA A 45 23.40 -11.38 0.15
N SER A 46 22.65 -10.85 1.11
CA SER A 46 22.74 -9.44 1.44
C SER A 46 21.86 -9.15 2.64
N ILE A 47 22.15 -8.02 3.29
CA ILE A 47 21.29 -7.45 4.33
C ILE A 47 20.87 -6.08 3.80
N ASP A 48 19.68 -6.02 3.22
CA ASP A 48 19.32 -4.90 2.36
C ASP A 48 19.22 -3.60 3.15
N MET A 49 18.46 -3.58 4.24
CA MET A 49 18.20 -2.32 4.93
C MET A 49 17.85 -2.57 6.38
N VAL A 50 18.54 -1.88 7.28
CA VAL A 50 18.27 -1.89 8.71
C VAL A 50 17.60 -0.58 9.06
N SER A 51 16.41 -0.65 9.64
CA SER A 51 15.59 0.53 9.89
C SER A 51 15.29 0.65 11.39
N GLU A 52 15.41 1.88 11.90
CA GLU A 52 15.09 2.14 13.29
C GLU A 52 13.59 2.36 13.48
N VAL A 53 12.93 3.01 12.51
CA VAL A 53 11.50 3.28 12.66
C VAL A 53 10.72 1.97 12.72
N ASN A 54 11.05 1.03 11.85
CA ASN A 54 10.33 -0.23 11.75
C ASN A 54 10.90 -1.32 12.64
N MET A 55 12.08 -1.13 13.22
CA MET A 55 12.69 -2.13 14.09
C MET A 55 12.78 -3.48 13.39
N ASP A 56 13.40 -3.49 12.22
CA ASP A 56 13.59 -4.74 11.50
C ASP A 56 14.69 -4.55 10.46
N TYR A 57 15.08 -5.66 9.85
CA TYR A 57 16.07 -5.67 8.79
C TYR A 57 15.70 -6.74 7.79
N THR A 58 15.99 -6.47 6.52
CA THR A 58 15.72 -7.42 5.45
C THR A 58 16.96 -8.27 5.20
N LEU A 59 16.76 -9.56 4.95
CA LEU A 59 17.85 -10.51 4.82
C LEU A 59 17.53 -11.46 3.67
N THR A 60 18.31 -11.38 2.60
CA THR A 60 18.25 -12.33 1.50
C THR A 60 19.33 -13.38 1.71
N MET A 61 18.97 -14.65 1.52
CA MET A 61 19.89 -15.72 1.83
C MET A 61 19.51 -16.97 1.04
N TYR A 62 20.48 -17.85 0.90
CA TYR A 62 20.26 -19.20 0.37
C TYR A 62 20.17 -20.13 1.55
N PHE A 63 18.96 -20.59 1.86
CA PHE A 63 18.69 -21.39 3.04
C PHE A 63 18.64 -22.86 2.63
N GLN A 64 19.65 -23.62 3.04
CA GLN A 64 19.77 -25.03 2.66
C GLN A 64 19.63 -25.91 3.90
N GLN A 65 18.87 -26.99 3.75
CA GLN A 65 18.68 -27.97 4.80
C GLN A 65 19.04 -29.35 4.26
N ALA A 66 19.76 -30.13 5.06
CA ALA A 66 20.20 -31.46 4.66
C ALA A 66 19.77 -32.47 5.71
N TRP A 67 18.99 -33.45 5.30
CA TRP A 67 18.57 -34.54 6.17
C TRP A 67 18.67 -35.83 5.38
N ARG A 68 18.60 -36.95 6.09
CA ARG A 68 18.74 -38.27 5.50
C ARG A 68 17.38 -38.98 5.56
N ASP A 69 16.91 -39.43 4.40
CA ASP A 69 15.64 -40.11 4.28
C ASP A 69 15.87 -41.50 3.71
N LYS A 70 15.60 -42.53 4.50
CA LYS A 70 15.83 -43.90 4.04
C LYS A 70 15.02 -44.20 2.78
N ARG A 71 13.78 -43.73 2.72
CA ARG A 71 12.90 -44.07 1.62
C ARG A 71 13.41 -43.55 0.28
N LEU A 72 14.35 -42.60 0.29
CA LEU A 72 14.87 -41.99 -0.92
C LEU A 72 16.29 -42.44 -1.21
N SER A 73 16.59 -43.70 -0.94
CA SER A 73 17.91 -44.28 -1.19
C SER A 73 17.85 -45.16 -2.43
N TYR A 74 18.87 -45.04 -3.28
CA TYR A 74 18.96 -45.82 -4.50
C TYR A 74 20.41 -46.23 -4.71
N ASN A 75 20.60 -47.39 -5.33
CA ASN A 75 21.93 -47.93 -5.55
C ASN A 75 22.22 -48.29 -7.01
N VAL A 76 21.23 -48.23 -7.90
CA VAL A 76 21.42 -48.63 -9.30
C VAL A 76 22.02 -47.53 -10.15
N ILE A 77 22.29 -46.35 -9.59
CA ILE A 77 22.81 -45.22 -10.34
C ILE A 77 23.83 -44.47 -9.49
N PRO A 78 25.10 -44.37 -9.93
CA PRO A 78 26.14 -43.72 -9.11
C PRO A 78 26.28 -42.22 -9.39
N LEU A 79 25.20 -41.47 -9.23
CA LEU A 79 25.28 -40.03 -9.38
C LEU A 79 24.18 -39.37 -8.56
N ASN A 80 24.41 -38.09 -8.24
CA ASN A 80 23.47 -37.32 -7.45
C ASN A 80 22.36 -36.79 -8.34
N LEU A 81 21.13 -37.16 -8.04
CA LEU A 81 19.98 -36.78 -8.86
C LEU A 81 19.45 -35.42 -8.43
N THR A 82 19.72 -34.40 -9.23
CA THR A 82 19.04 -33.12 -9.08
C THR A 82 17.72 -33.20 -9.84
N LEU A 83 16.63 -32.92 -9.15
CA LEU A 83 15.29 -33.03 -9.70
C LEU A 83 14.65 -31.66 -9.79
N ASP A 84 13.78 -31.50 -10.78
CA ASP A 84 13.06 -30.24 -10.93
C ASP A 84 12.33 -29.93 -9.63
N ASN A 85 12.47 -28.69 -9.15
CA ASN A 85 12.05 -28.36 -7.79
C ASN A 85 10.57 -28.63 -7.55
N ARG A 86 9.79 -28.94 -8.60
CA ARG A 86 8.40 -29.32 -8.38
C ARG A 86 8.28 -30.63 -7.62
N VAL A 87 9.36 -31.40 -7.53
CA VAL A 87 9.30 -32.67 -6.79
C VAL A 87 9.12 -32.42 -5.30
N ALA A 88 9.61 -31.28 -4.80
CA ALA A 88 9.53 -31.01 -3.37
C ALA A 88 8.09 -31.05 -2.87
N ASP A 89 7.12 -30.79 -3.75
CA ASP A 89 5.73 -30.90 -3.37
C ASP A 89 5.30 -32.33 -3.11
N GLN A 90 6.10 -33.31 -3.55
CA GLN A 90 5.81 -34.71 -3.32
C GLN A 90 6.68 -35.36 -2.26
N LEU A 91 7.68 -34.64 -1.75
CA LEU A 91 8.61 -35.18 -0.76
C LEU A 91 8.36 -34.51 0.59
N TRP A 92 8.70 -35.24 1.66
CA TRP A 92 8.68 -34.64 2.98
C TRP A 92 9.85 -33.67 3.11
N VAL A 93 9.57 -32.48 3.63
CA VAL A 93 10.62 -31.53 3.97
C VAL A 93 10.33 -31.01 5.38
N PRO A 94 11.34 -30.66 6.16
CA PRO A 94 11.07 -30.16 7.51
C PRO A 94 10.31 -28.85 7.48
N ASP A 95 9.46 -28.65 8.48
CA ASP A 95 8.65 -27.43 8.57
C ASP A 95 9.40 -26.34 9.34
N THR A 96 10.60 -26.03 8.88
CA THR A 96 11.38 -24.97 9.50
C THR A 96 10.67 -23.63 9.32
N TYR A 97 10.81 -22.77 10.33
CA TYR A 97 10.24 -21.43 10.25
C TYR A 97 11.12 -20.48 11.04
N PHE A 98 11.01 -19.21 10.73
CA PHE A 98 11.78 -18.15 11.39
C PHE A 98 10.86 -17.43 12.37
N LEU A 99 11.15 -17.57 13.65
CA LEU A 99 10.22 -17.10 14.68
C LEU A 99 10.06 -15.59 14.63
N ASN A 100 11.12 -14.85 14.34
CA ASN A 100 11.11 -13.40 14.45
C ASN A 100 10.99 -12.70 13.11
N ASP A 101 10.41 -13.35 12.11
CA ASP A 101 10.21 -12.72 10.81
C ASP A 101 8.84 -12.09 10.73
N LYS A 102 8.77 -10.97 9.99
CA LYS A 102 7.52 -10.28 9.76
C LYS A 102 6.87 -10.71 8.45
N LYS A 103 7.63 -10.67 7.37
CA LYS A 103 7.16 -11.15 6.08
C LYS A 103 8.35 -11.64 5.28
N SER A 104 8.18 -12.79 4.62
CA SER A 104 9.25 -13.37 3.83
C SER A 104 8.63 -14.10 2.65
N PHE A 105 9.42 -14.25 1.59
CA PHE A 105 8.96 -14.95 0.40
C PHE A 105 10.12 -15.73 -0.21
N VAL A 106 9.78 -16.80 -0.92
CA VAL A 106 10.73 -17.50 -1.78
C VAL A 106 10.66 -16.86 -3.16
N HIS A 107 11.83 -16.52 -3.71
CA HIS A 107 11.86 -15.91 -5.03
C HIS A 107 11.30 -16.87 -6.07
N GLY A 108 10.60 -16.31 -7.06
CA GLY A 108 9.84 -17.12 -7.99
C GLY A 108 10.05 -16.80 -9.46
N VAL A 109 11.24 -16.35 -9.82
CA VAL A 109 11.60 -16.08 -11.21
C VAL A 109 12.96 -16.70 -11.48
N THR A 110 13.10 -17.39 -12.61
CA THR A 110 12.06 -17.64 -13.60
C THR A 110 11.08 -18.69 -13.11
N VAL A 111 11.57 -19.58 -12.26
CA VAL A 111 10.74 -20.55 -11.55
C VAL A 111 10.97 -20.34 -10.06
N LYS A 112 10.31 -21.12 -9.23
CA LYS A 112 10.53 -21.04 -7.79
C LYS A 112 11.98 -21.37 -7.48
N ASN A 113 12.68 -20.45 -6.82
CA ASN A 113 14.11 -20.61 -6.52
C ASN A 113 14.24 -21.66 -5.43
N ARG A 114 14.12 -22.92 -5.83
CA ARG A 114 14.12 -24.05 -4.93
C ARG A 114 14.94 -25.16 -5.54
N MET A 115 15.62 -25.93 -4.68
CA MET A 115 16.48 -27.03 -5.12
C MET A 115 16.14 -28.27 -4.33
N ILE A 116 16.03 -29.40 -5.03
CA ILE A 116 15.97 -30.72 -4.40
C ILE A 116 17.04 -31.58 -5.05
N ARG A 117 17.98 -32.08 -4.26
CA ARG A 117 19.02 -32.97 -4.74
C ARG A 117 19.03 -34.22 -3.89
N LEU A 118 18.87 -35.38 -4.52
CA LEU A 118 18.92 -36.65 -3.84
C LEU A 118 20.28 -37.30 -4.02
N HIS A 119 20.66 -38.11 -3.05
CA HIS A 119 21.91 -38.84 -3.08
C HIS A 119 21.65 -40.32 -2.85
N PRO A 120 22.49 -41.21 -3.38
CA PRO A 120 22.20 -42.64 -3.25
C PRO A 120 22.10 -43.12 -1.82
N ASP A 121 22.81 -42.48 -0.88
CA ASP A 121 22.72 -42.89 0.51
C ASP A 121 21.41 -42.48 1.18
N GLY A 122 20.59 -41.67 0.51
CA GLY A 122 19.32 -41.22 1.05
C GLY A 122 19.30 -39.78 1.50
N THR A 123 20.43 -39.07 1.46
CA THR A 123 20.43 -37.68 1.84
C THR A 123 19.60 -36.85 0.87
N VAL A 124 19.03 -35.76 1.39
CA VAL A 124 18.27 -34.82 0.58
C VAL A 124 18.78 -33.42 0.88
N LEU A 125 19.22 -32.72 -0.15
CA LEU A 125 19.57 -31.31 -0.05
C LEU A 125 18.38 -30.49 -0.52
N TYR A 126 17.97 -29.52 0.30
CA TYR A 126 16.78 -28.71 0.04
C TYR A 126 17.16 -27.24 0.17
N GLY A 127 17.42 -26.60 -0.95
CA GLY A 127 17.79 -25.20 -0.98
C GLY A 127 16.59 -24.30 -1.21
N LEU A 128 16.66 -23.10 -0.67
CA LEU A 128 15.63 -22.09 -0.85
C LEU A 128 16.28 -20.73 -0.83
N ARG A 129 15.83 -19.84 -1.71
CA ARG A 129 16.30 -18.46 -1.73
C ARG A 129 15.21 -17.61 -1.10
N ILE A 130 15.52 -17.00 0.03
CA ILE A 130 14.53 -16.36 0.89
C ILE A 130 14.95 -14.93 1.17
N THR A 131 14.03 -13.99 0.99
CA THR A 131 14.16 -12.65 1.53
C THR A 131 13.23 -12.55 2.74
N THR A 132 13.76 -12.08 3.86
CA THR A 132 13.03 -12.08 5.12
C THR A 132 13.22 -10.75 5.83
N THR A 133 12.12 -10.10 6.18
CA THR A 133 12.14 -8.91 7.02
C THR A 133 11.96 -9.38 8.46
N ALA A 134 13.04 -9.38 9.23
CA ALA A 134 13.04 -9.93 10.58
C ALA A 134 12.97 -8.81 11.61
N ALA A 135 12.13 -9.01 12.62
CA ALA A 135 12.02 -8.04 13.69
C ALA A 135 13.29 -8.04 14.53
N CYS A 136 13.88 -6.84 14.68
CA CYS A 136 15.13 -6.67 15.42
C CYS A 136 14.95 -5.43 16.28
N MET A 137 14.47 -5.62 17.51
CA MET A 137 14.32 -4.49 18.42
C MET A 137 15.67 -3.91 18.80
N MET A 138 15.74 -2.59 18.85
CA MET A 138 16.99 -1.86 18.99
C MET A 138 16.97 -1.06 20.29
N ASP A 139 18.15 -0.93 20.89
CA ASP A 139 18.35 -0.12 22.08
C ASP A 139 19.07 1.15 21.63
N LEU A 140 18.35 2.28 21.63
CA LEU A 140 18.86 3.53 21.09
C LEU A 140 19.28 4.51 22.19
N ARG A 141 19.71 4.00 23.34
CA ARG A 141 20.24 4.89 24.37
C ARG A 141 21.45 5.66 23.85
N ARG A 142 22.35 4.97 23.15
CA ARG A 142 23.60 5.55 22.69
C ARG A 142 23.57 5.91 21.21
N TYR A 143 22.38 6.02 20.63
CA TYR A 143 22.28 6.37 19.22
C TYR A 143 22.86 7.76 19.00
N PRO A 144 23.68 7.97 17.95
CA PRO A 144 24.13 7.04 16.92
C PRO A 144 25.45 6.34 17.26
N LEU A 145 25.75 6.25 18.56
CA LEU A 145 26.95 5.57 19.04
C LEU A 145 26.64 4.16 19.54
N ASP A 146 25.69 3.49 18.91
CA ASP A 146 25.15 2.23 19.42
C ASP A 146 25.59 1.06 18.57
N GLU A 147 25.49 -0.13 19.16
CA GLU A 147 25.76 -1.39 18.49
C GLU A 147 24.55 -2.29 18.66
N GLN A 148 23.98 -2.77 17.56
CA GLN A 148 22.80 -3.61 17.60
C GLN A 148 23.17 -5.08 17.43
N ASN A 149 22.23 -5.95 17.76
CA ASN A 149 22.44 -7.39 17.78
C ASN A 149 21.30 -8.11 17.08
N CYS A 150 20.98 -7.70 15.86
CA CYS A 150 19.92 -8.35 15.11
C CYS A 150 20.19 -9.84 14.95
N THR A 151 19.13 -10.64 15.06
CA THR A 151 19.23 -12.10 15.07
C THR A 151 18.21 -12.70 14.12
N LEU A 152 18.38 -13.99 13.85
CA LEU A 152 17.41 -14.77 13.09
C LEU A 152 17.19 -16.09 13.80
N GLU A 153 15.96 -16.33 14.25
CA GLU A 153 15.63 -17.48 15.09
C GLU A 153 14.96 -18.55 14.23
N ILE A 154 15.62 -19.70 14.10
CA ILE A 154 15.16 -20.80 13.26
C ILE A 154 14.74 -21.95 14.17
N GLU A 155 13.53 -22.45 13.99
CA GLU A 155 13.09 -23.61 14.74
C GLU A 155 12.02 -24.36 13.98
N SER A 156 11.74 -25.58 14.44
CA SER A 156 10.70 -26.42 13.87
C SER A 156 9.37 -26.11 14.51
N TYR A 157 8.31 -26.08 13.71
CA TYR A 157 6.99 -25.75 14.24
C TYR A 157 6.28 -26.97 14.81
N GLY A 158 6.08 -27.99 13.99
CA GLY A 158 5.23 -29.10 14.38
C GLY A 158 5.94 -30.25 15.05
N TYR A 159 7.26 -30.31 14.95
CA TYR A 159 8.04 -31.44 15.43
C TYR A 159 8.85 -31.04 16.64
N THR A 160 8.71 -31.82 17.72
CA THR A 160 9.45 -31.57 18.95
C THR A 160 10.85 -32.18 18.84
N THR A 161 11.62 -32.09 19.92
CA THR A 161 12.98 -32.63 19.94
C THR A 161 13.01 -34.14 19.95
N ASP A 162 11.88 -34.80 20.17
CA ASP A 162 11.81 -36.24 19.97
C ASP A 162 11.66 -36.63 18.51
N ASP A 163 11.34 -35.66 17.65
CA ASP A 163 11.08 -35.90 16.24
C ASP A 163 12.09 -35.27 15.31
N ILE A 164 12.74 -34.19 15.72
CA ILE A 164 13.66 -33.47 14.85
C ILE A 164 14.75 -32.83 15.70
N GLU A 165 15.96 -32.74 15.14
CA GLU A 165 17.06 -32.06 15.79
C GLU A 165 17.80 -31.22 14.75
N PHE A 166 18.03 -29.96 15.07
CA PHE A 166 18.72 -29.03 14.19
C PHE A 166 20.19 -28.94 14.58
N TYR A 167 21.05 -28.79 13.58
CA TYR A 167 22.46 -28.51 13.82
C TYR A 167 23.00 -27.72 12.63
N TRP A 168 24.08 -26.99 12.88
CA TRP A 168 24.75 -26.26 11.82
C TRP A 168 25.68 -27.20 11.07
N ARG A 169 25.55 -27.22 9.75
CA ARG A 169 26.30 -28.16 8.92
C ARG A 169 27.70 -27.59 8.71
N GLY A 170 28.61 -27.99 9.60
CA GLY A 170 29.95 -27.46 9.65
C GLY A 170 30.25 -26.82 10.99
N ASP A 171 29.26 -26.13 11.54
CA ASP A 171 29.28 -25.55 12.87
C ASP A 171 30.18 -24.34 12.98
N ASP A 172 31.04 -24.11 11.99
CA ASP A 172 31.79 -22.88 11.87
C ASP A 172 31.57 -22.21 10.52
N ASN A 173 31.81 -22.94 9.43
CA ASN A 173 31.53 -22.45 8.09
C ASN A 173 30.15 -22.92 7.63
N ALA A 174 29.15 -22.72 8.48
CA ALA A 174 27.76 -23.00 8.12
C ALA A 174 27.07 -21.76 7.59
N VAL A 175 27.53 -20.58 8.00
CA VAL A 175 27.02 -19.30 7.51
C VAL A 175 28.15 -18.62 6.78
N THR A 176 27.89 -18.22 5.53
CA THR A 176 28.91 -17.63 4.68
C THR A 176 28.41 -16.32 4.10
N GLY A 177 29.36 -15.49 3.67
CA GLY A 177 29.03 -14.23 3.03
C GLY A 177 28.87 -13.04 3.95
N VAL A 178 29.03 -13.23 5.26
CA VAL A 178 28.89 -12.11 6.18
C VAL A 178 29.98 -11.07 5.92
N THR A 179 31.20 -11.53 5.59
CA THR A 179 32.28 -10.59 5.30
C THR A 179 31.98 -9.76 4.07
N LYS A 180 31.45 -10.39 3.02
CA LYS A 180 31.16 -9.68 1.78
C LYS A 180 30.00 -8.70 1.93
N ILE A 181 29.24 -8.77 3.01
CA ILE A 181 28.08 -7.89 3.16
C ILE A 181 28.55 -6.46 3.36
N GLU A 182 27.76 -5.53 2.84
CA GLU A 182 28.04 -4.10 2.92
C GLU A 182 26.76 -3.37 3.30
N LEU A 183 26.88 -2.41 4.22
CA LEU A 183 25.74 -1.63 4.65
C LEU A 183 26.11 -0.16 4.66
N PRO A 184 25.22 0.72 4.19
CA PRO A 184 25.56 2.16 4.18
C PRO A 184 25.86 2.71 5.55
N GLN A 185 25.19 2.24 6.60
CA GLN A 185 25.28 2.85 7.92
C GLN A 185 25.87 1.95 8.99
N PHE A 186 26.08 0.67 8.73
CA PHE A 186 26.50 -0.27 9.75
C PHE A 186 27.71 -1.05 9.28
N SER A 187 28.47 -1.55 10.24
CA SER A 187 29.58 -2.45 10.01
C SER A 187 29.37 -3.69 10.87
N ILE A 188 29.49 -4.87 10.26
CA ILE A 188 29.22 -6.12 10.98
C ILE A 188 30.47 -6.47 11.78
N VAL A 189 30.39 -6.29 13.11
CA VAL A 189 31.54 -6.59 13.96
C VAL A 189 31.83 -8.08 13.98
N ASP A 190 30.81 -8.91 14.19
CA ASP A 190 30.97 -10.35 14.18
C ASP A 190 29.60 -11.00 14.08
N TYR A 191 29.58 -12.33 14.06
CA TYR A 191 28.35 -13.09 14.05
C TYR A 191 28.58 -14.38 14.82
N LYS A 192 27.50 -14.92 15.39
CA LYS A 192 27.58 -16.15 16.18
C LYS A 192 26.48 -17.11 15.77
N LEU A 193 26.82 -18.40 15.82
CA LEU A 193 25.88 -19.48 15.55
C LEU A 193 25.60 -20.21 16.86
N ILE A 194 24.33 -20.28 17.23
CA ILE A 194 23.91 -20.87 18.49
C ILE A 194 22.93 -22.01 18.22
N THR A 195 23.05 -23.07 19.00
CA THR A 195 22.10 -24.18 19.00
C THR A 195 21.52 -24.31 20.40
N LYS A 196 20.21 -24.54 20.48
CA LYS A 196 19.55 -24.68 21.77
C LYS A 196 18.18 -25.30 21.54
N LYS A 197 17.47 -25.50 22.65
CA LYS A 197 16.11 -26.02 22.62
C LYS A 197 15.23 -25.08 23.43
N VAL A 198 14.09 -24.71 22.86
CA VAL A 198 13.14 -23.81 23.51
C VAL A 198 11.88 -24.61 23.83
N VAL A 199 11.34 -24.37 25.02
CA VAL A 199 10.21 -25.14 25.53
C VAL A 199 8.95 -24.27 25.46
N PHE A 200 7.90 -24.83 24.89
CA PHE A 200 6.57 -24.22 24.88
C PHE A 200 5.59 -25.17 25.57
N SER A 201 4.38 -24.68 25.80
CA SER A 201 3.38 -25.53 26.43
C SER A 201 3.07 -26.76 25.60
N THR A 202 3.29 -26.68 24.29
CA THR A 202 3.05 -27.83 23.41
C THR A 202 4.20 -28.82 23.41
N GLY A 203 5.38 -28.43 23.88
CA GLY A 203 6.51 -29.31 23.93
C GLY A 203 7.81 -28.53 23.86
N SER A 204 8.87 -29.25 23.50
CA SER A 204 10.21 -28.68 23.35
C SER A 204 10.64 -28.80 21.90
N TYR A 205 11.20 -27.74 21.34
CA TYR A 205 11.58 -27.71 19.94
C TYR A 205 13.02 -27.27 19.77
N PRO A 206 13.69 -27.73 18.71
CA PRO A 206 15.08 -27.30 18.48
C PRO A 206 15.11 -25.90 17.87
N ARG A 207 15.94 -25.04 18.44
CA ARG A 207 16.09 -23.67 17.99
C ARG A 207 17.53 -23.42 17.58
N LEU A 208 17.70 -22.88 16.37
CA LEU A 208 18.98 -22.34 15.93
C LEU A 208 18.87 -20.82 15.89
N SER A 209 19.97 -20.15 16.22
CA SER A 209 20.01 -18.69 16.21
C SER A 209 21.23 -18.23 15.45
N LEU A 210 21.04 -17.30 14.52
CA LEU A 210 22.12 -16.63 13.83
C LEU A 210 22.04 -15.15 14.19
N SER A 211 23.10 -14.62 14.77
CA SER A 211 23.09 -13.25 15.29
C SER A 211 24.27 -12.48 14.73
N PHE A 212 24.03 -11.23 14.40
CA PHE A 212 25.06 -10.32 13.90
C PHE A 212 25.23 -9.18 14.89
N LYS A 213 26.46 -8.70 15.00
CA LYS A 213 26.76 -7.49 15.76
C LYS A 213 26.99 -6.36 14.77
N LEU A 214 26.14 -5.34 14.84
CA LEU A 214 26.19 -4.21 13.91
C LEU A 214 26.55 -2.95 14.67
N LYS A 215 27.59 -2.26 14.20
CA LYS A 215 28.04 -1.02 14.80
C LYS A 215 27.80 0.13 13.84
N ARG A 216 27.19 1.20 14.34
CA ARG A 216 26.83 2.32 13.48
C ARG A 216 28.06 3.10 13.08
N ASN A 217 28.14 3.47 11.80
CA ASN A 217 29.21 4.29 11.29
C ASN A 217 28.94 5.74 11.67
N ILE A 218 29.68 6.25 12.65
CA ILE A 218 29.42 7.59 13.17
C ILE A 218 29.75 8.68 12.17
N GLY A 219 30.59 8.39 11.17
CA GLY A 219 31.11 9.45 10.33
C GLY A 219 30.02 10.30 9.70
N TYR A 220 28.97 9.65 9.18
CA TYR A 220 27.84 10.39 8.64
C TYR A 220 27.28 11.36 9.67
N PHE A 221 26.95 10.86 10.86
CA PHE A 221 26.21 11.64 11.83
C PHE A 221 27.00 12.84 12.31
N ILE A 222 28.31 12.72 12.43
CA ILE A 222 29.13 13.82 12.92
C ILE A 222 28.82 15.04 12.07
N LEU A 223 29.17 14.97 10.78
CA LEU A 223 28.98 16.13 9.92
C LEU A 223 27.50 16.47 9.76
N GLN A 224 26.63 15.46 9.74
CA GLN A 224 25.23 15.75 9.45
C GLN A 224 24.57 16.55 10.57
N THR A 225 24.82 16.19 11.83
CA THR A 225 24.12 16.78 12.95
C THR A 225 25.03 17.54 13.90
N TYR A 226 26.13 16.93 14.37
CA TYR A 226 26.93 17.58 15.39
C TYR A 226 27.57 18.86 14.87
N MET A 227 28.09 18.83 13.64
CA MET A 227 28.78 20.01 13.12
C MET A 227 27.87 21.24 13.07
N PRO A 228 26.66 21.18 12.52
CA PRO A 228 25.78 22.36 12.65
C PRO A 228 25.55 22.76 14.09
N SER A 229 25.39 21.78 14.98
CA SER A 229 25.23 22.09 16.40
C SER A 229 26.47 22.78 16.96
N ILE A 230 27.65 22.22 16.68
CA ILE A 230 28.89 22.76 17.22
C ILE A 230 29.07 24.20 16.75
N LEU A 231 28.88 24.43 15.46
CA LEU A 231 28.94 25.80 14.95
C LEU A 231 27.93 26.69 15.66
N ILE A 232 26.64 26.40 15.48
CA ILE A 232 25.61 27.28 16.05
C ILE A 232 25.96 27.66 17.48
N THR A 233 26.39 26.70 18.29
CA THR A 233 26.74 27.04 19.67
C THR A 233 28.07 27.81 19.75
N ILE A 234 28.88 27.79 18.69
CA ILE A 234 30.06 28.65 18.67
C ILE A 234 29.67 30.08 18.30
N LEU A 235 28.95 30.27 17.20
CA LEU A 235 28.48 31.61 16.85
C LEU A 235 27.70 32.25 18.00
N SER A 236 26.92 31.46 18.73
CA SER A 236 26.21 32.02 19.88
C SER A 236 27.16 32.75 20.82
N TRP A 237 28.45 32.45 20.77
CA TRP A 237 29.43 33.15 21.59
C TRP A 237 29.89 34.47 20.98
N VAL A 238 29.59 34.72 19.70
CA VAL A 238 30.00 35.97 19.07
C VAL A 238 29.36 37.16 19.78
N SER A 239 28.19 36.96 20.37
CA SER A 239 27.51 38.06 21.04
C SER A 239 28.37 38.66 22.13
N PHE A 240 29.26 37.86 22.75
CA PHE A 240 30.11 38.37 23.81
C PHE A 240 31.07 39.43 23.31
N TRP A 241 31.66 39.22 22.13
CA TRP A 241 32.65 40.16 21.63
C TRP A 241 32.05 41.47 21.17
N ILE A 242 30.74 41.51 20.94
CA ILE A 242 30.08 42.74 20.52
C ILE A 242 29.75 43.56 21.76
N ASN A 243 29.89 44.88 21.64
CA ASN A 243 29.58 45.76 22.76
C ASN A 243 28.12 45.61 23.15
N TYR A 244 27.86 45.61 24.46
CA TYR A 244 26.49 45.47 24.94
C TYR A 244 25.61 46.65 24.56
N ASP A 245 26.22 47.75 24.08
CA ASP A 245 25.42 48.90 23.66
C ASP A 245 24.53 48.55 22.49
N ALA A 246 25.03 47.77 21.54
CA ALA A 246 24.25 47.36 20.36
C ALA A 246 23.40 46.17 20.74
N SER A 247 22.14 46.42 21.10
CA SER A 247 21.26 45.36 21.57
C SER A 247 20.74 44.49 20.42
N ALA A 248 20.40 45.12 19.28
CA ALA A 248 19.71 44.41 18.22
C ALA A 248 20.54 43.26 17.68
N ALA A 249 21.83 43.51 17.41
CA ALA A 249 22.68 42.49 16.81
C ALA A 249 22.82 41.29 17.76
N ARG A 250 23.17 41.55 19.01
CA ARG A 250 23.40 40.47 19.96
C ARG A 250 22.14 39.65 20.19
N VAL A 251 21.00 40.33 20.38
CA VAL A 251 19.76 39.61 20.64
C VAL A 251 19.37 38.76 19.44
N ALA A 252 19.47 39.34 18.23
CA ALA A 252 19.11 38.58 17.05
C ALA A 252 19.99 37.35 16.90
N LEU A 253 21.30 37.51 17.10
CA LEU A 253 22.22 36.39 16.92
C LEU A 253 21.89 35.26 17.90
N GLY A 254 21.74 35.59 19.19
CA GLY A 254 21.45 34.54 20.15
C GLY A 254 20.15 33.84 19.85
N ILE A 255 19.10 34.61 19.57
CA ILE A 255 17.77 34.03 19.46
C ILE A 255 17.66 33.20 18.19
N THR A 256 18.29 33.65 17.09
CA THR A 256 18.30 32.85 15.88
C THR A 256 19.14 31.59 16.03
N THR A 257 20.22 31.63 16.82
CA THR A 257 20.92 30.39 17.12
C THR A 257 20.00 29.40 17.83
N VAL A 258 19.19 29.90 18.75
CA VAL A 258 18.25 29.02 19.45
C VAL A 258 17.27 28.42 18.46
N LEU A 259 16.73 29.24 17.56
CA LEU A 259 15.81 28.73 16.55
C LEU A 259 16.46 27.65 15.69
N THR A 260 17.71 27.88 15.27
CA THR A 260 18.39 26.90 14.41
C THR A 260 18.59 25.59 15.15
N MET A 261 18.91 25.65 16.45
CA MET A 261 18.98 24.44 17.24
C MET A 261 17.64 23.70 17.20
N THR A 262 16.54 24.46 17.33
CA THR A 262 15.22 23.84 17.23
C THR A 262 15.04 23.15 15.88
N THR A 263 15.53 23.77 14.80
CA THR A 263 15.41 23.17 13.48
C THR A 263 16.20 21.85 13.38
N ILE A 264 17.40 21.83 13.95
CA ILE A 264 18.16 20.58 13.92
C ILE A 264 17.39 19.49 14.67
N ASN A 265 16.73 19.86 15.79
CA ASN A 265 15.83 18.90 16.42
C ASN A 265 14.75 18.42 15.46
N THR A 266 14.11 19.36 14.75
CA THR A 266 13.00 18.98 13.88
C THR A 266 13.46 17.96 12.84
N HIS A 267 14.64 18.17 12.24
CA HIS A 267 15.14 17.18 11.29
C HIS A 267 15.46 15.86 11.97
N LEU A 268 16.05 15.90 13.18
CA LEU A 268 16.40 14.64 13.82
C LEU A 268 15.17 13.79 14.14
N ARG A 269 14.13 14.41 14.71
CA ARG A 269 13.00 13.66 15.25
C ARG A 269 12.19 12.94 14.16
N GLU A 270 12.10 13.53 12.97
CA GLU A 270 11.32 12.89 11.91
C GLU A 270 11.90 11.53 11.55
N THR A 271 13.23 11.41 11.53
CA THR A 271 13.87 10.20 11.07
C THR A 271 13.63 9.02 12.01
N LEU A 272 13.62 9.26 13.32
CA LEU A 272 13.54 8.21 14.32
C LEU A 272 12.12 8.04 14.81
N PRO A 273 11.85 6.94 15.55
CA PRO A 273 10.52 6.76 16.13
C PRO A 273 10.36 7.48 17.46
N LYS A 274 9.23 7.28 18.13
CA LYS A 274 8.91 7.97 19.37
C LYS A 274 9.41 7.17 20.58
N ILE A 275 10.73 6.99 20.62
CA ILE A 275 11.34 6.28 21.75
C ILE A 275 11.11 7.07 23.03
N PRO A 276 10.81 6.44 24.16
CA PRO A 276 10.50 7.17 25.38
C PRO A 276 11.70 7.72 26.12
N TYR A 277 12.92 7.50 25.63
CA TYR A 277 14.14 7.89 26.33
C TYR A 277 14.99 8.79 25.45
N VAL A 278 15.94 9.46 26.08
CA VAL A 278 16.83 10.39 25.40
C VAL A 278 18.01 9.62 24.83
N LYS A 279 18.33 9.89 23.57
CA LYS A 279 19.50 9.30 22.94
C LYS A 279 20.75 10.10 23.28
N ALA A 280 21.91 9.57 22.86
CA ALA A 280 23.14 10.32 23.01
C ALA A 280 23.06 11.64 22.26
N ILE A 281 22.58 11.59 21.02
CA ILE A 281 22.38 12.81 20.25
C ILE A 281 21.38 13.73 20.93
N ASP A 282 20.37 13.16 21.57
CA ASP A 282 19.42 14.00 22.32
C ASP A 282 20.11 14.70 23.47
N MET A 283 20.99 14.00 24.19
CA MET A 283 21.74 14.64 25.26
C MET A 283 22.61 15.77 24.72
N TYR A 284 23.27 15.54 23.58
CA TYR A 284 24.13 16.59 23.02
C TYR A 284 23.31 17.81 22.64
N LEU A 285 22.16 17.61 22.00
CA LEU A 285 21.30 18.74 21.67
C LEU A 285 20.80 19.44 22.93
N MET A 286 20.43 18.69 23.97
CA MET A 286 20.08 19.29 25.25
C MET A 286 21.17 20.23 25.71
N GLY A 287 22.37 19.71 25.88
CA GLY A 287 23.45 20.51 26.42
C GLY A 287 23.74 21.74 25.59
N CYS A 288 23.81 21.58 24.27
CA CYS A 288 24.19 22.70 23.43
C CYS A 288 23.11 23.78 23.39
N PHE A 289 21.83 23.37 23.36
CA PHE A 289 20.77 24.36 23.47
C PHE A 289 20.81 25.06 24.83
N VAL A 290 21.10 24.31 25.89
CA VAL A 290 21.23 24.93 27.20
C VAL A 290 22.33 25.97 27.18
N PHE A 291 23.43 25.68 26.50
CA PHE A 291 24.52 26.65 26.41
C PHE A 291 24.08 27.92 25.69
N VAL A 292 23.39 27.77 24.56
CA VAL A 292 22.93 28.95 23.83
C VAL A 292 21.93 29.74 24.67
N PHE A 293 21.03 29.02 25.35
CA PHE A 293 20.02 29.66 26.19
C PHE A 293 20.66 30.44 27.32
N MET A 294 21.68 29.87 27.96
CA MET A 294 22.36 30.57 29.04
C MET A 294 23.17 31.74 28.52
N ALA A 295 23.72 31.65 27.31
CA ALA A 295 24.38 32.81 26.72
C ALA A 295 23.39 33.96 26.54
N LEU A 296 22.21 33.65 26.00
CA LEU A 296 21.20 34.70 25.82
C LEU A 296 20.73 35.24 27.17
N LEU A 297 20.59 34.37 28.16
CA LEU A 297 20.19 34.82 29.49
C LEU A 297 21.26 35.73 30.10
N GLU A 298 22.53 35.41 29.87
CA GLU A 298 23.60 36.29 30.34
C GLU A 298 23.55 37.64 29.64
N TYR A 299 23.24 37.63 28.34
CA TYR A 299 23.09 38.90 27.62
C TYR A 299 21.99 39.74 28.23
N ALA A 300 20.84 39.11 28.52
CA ALA A 300 19.74 39.85 29.15
C ALA A 300 20.13 40.34 30.54
N LEU A 301 20.83 39.52 31.30
CA LEU A 301 21.23 39.91 32.65
C LEU A 301 22.20 41.09 32.63
N VAL A 302 23.15 41.08 31.69
CA VAL A 302 24.08 42.20 31.60
C VAL A 302 23.36 43.46 31.13
N ASN A 303 22.41 43.31 30.20
CA ASN A 303 21.59 44.45 29.81
C ASN A 303 20.86 45.03 31.01
N TYR A 304 20.37 44.16 31.90
CA TYR A 304 19.69 44.64 33.10
C TYR A 304 20.65 45.33 34.06
N ILE A 305 21.79 44.69 34.35
CA ILE A 305 22.72 45.20 35.34
C ILE A 305 23.49 46.42 34.86
N PHE A 306 23.44 46.72 33.55
CA PHE A 306 24.11 47.91 33.06
C PHE A 306 23.60 49.18 33.73
N PHE A 307 22.40 49.14 34.32
CA PHE A 307 21.84 50.32 34.97
C PHE A 307 22.44 50.52 36.36
N SER A 308 22.24 49.55 37.26
CA SER A 308 22.60 49.76 38.66
C SER A 308 24.10 49.99 38.83
N GLN A 309 24.93 49.19 38.15
CA GLN A 309 26.35 49.49 38.11
C GLN A 309 26.96 48.92 36.83
N PRO A 310 27.39 49.78 35.89
CA PRO A 310 28.01 49.26 34.67
C PRO A 310 29.29 48.48 34.90
N ALA A 311 29.97 48.70 36.03
CA ALA A 311 31.23 47.99 36.28
C ALA A 311 31.03 46.48 36.29
N ARG A 312 29.98 46.03 37.00
CA ARG A 312 29.64 44.61 36.96
C ARG A 312 29.19 44.19 35.57
N ALA A 313 28.44 45.06 34.89
CA ALA A 313 27.98 44.76 33.53
C ALA A 313 29.13 44.65 32.53
N ALA A 314 30.32 45.10 32.90
CA ALA A 314 31.52 44.93 32.08
C ALA A 314 32.38 43.77 32.55
N ALA A 315 32.46 43.54 33.85
CA ALA A 315 33.25 42.42 34.37
C ALA A 315 32.59 41.08 34.05
N ILE A 316 31.26 41.03 34.09
CA ILE A 316 30.56 39.77 33.85
C ILE A 316 30.78 39.32 32.42
N ASP A 317 30.86 40.27 31.47
CA ASP A 317 31.06 39.89 30.08
C ASP A 317 32.39 39.19 29.88
N ARG A 318 33.47 39.75 30.45
CA ARG A 318 34.77 39.12 30.29
C ARG A 318 34.85 37.80 31.05
N TRP A 319 34.19 37.73 32.21
CA TRP A 319 34.15 36.46 32.94
C TRP A 319 33.48 35.37 32.11
N SER A 320 32.34 35.70 31.49
CA SER A 320 31.69 34.74 30.62
C SER A 320 32.56 34.38 29.42
N ARG A 321 33.20 35.38 28.82
CA ARG A 321 34.08 35.12 27.69
C ARG A 321 35.14 34.10 28.06
N ILE A 322 35.73 34.24 29.25
CA ILE A 322 36.77 33.30 29.67
C ILE A 322 36.18 31.93 29.99
N PHE A 323 35.02 31.90 30.64
CA PHE A 323 34.54 30.67 31.24
C PHE A 323 33.78 29.78 30.27
N PHE A 324 32.88 30.34 29.47
CA PHE A 324 32.01 29.51 28.63
C PHE A 324 32.80 28.60 27.70
N PRO A 325 33.85 29.03 27.02
CA PRO A 325 34.63 28.07 26.21
C PRO A 325 35.16 26.91 27.04
N VAL A 326 35.61 27.19 28.26
CA VAL A 326 36.10 26.12 29.13
C VAL A 326 34.98 25.14 29.43
N VAL A 327 33.79 25.66 29.76
CA VAL A 327 32.67 24.79 30.11
C VAL A 327 32.26 23.94 28.92
N PHE A 328 32.19 24.55 27.73
CA PHE A 328 31.81 23.79 26.55
C PHE A 328 32.84 22.73 26.22
N SER A 329 34.13 23.06 26.33
CA SER A 329 35.16 22.06 26.09
C SER A 329 35.02 20.90 27.08
N PHE A 330 34.76 21.22 28.35
CA PHE A 330 34.58 20.17 29.36
C PHE A 330 33.38 19.30 29.01
N PHE A 331 32.26 19.91 28.63
CA PHE A 331 31.08 19.13 28.29
C PHE A 331 31.34 18.23 27.10
N ASN A 332 31.96 18.77 26.05
CA ASN A 332 32.24 17.95 24.87
C ASN A 332 33.18 16.80 25.21
N ILE A 333 34.23 17.07 25.99
CA ILE A 333 35.18 16.03 26.35
C ILE A 333 34.47 14.93 27.12
N VAL A 334 33.71 15.30 28.15
CA VAL A 334 33.03 14.31 28.97
C VAL A 334 32.06 13.49 28.12
N TYR A 335 31.26 14.17 27.30
CA TYR A 335 30.26 13.48 26.51
C TYR A 335 30.89 12.51 25.53
N TRP A 336 31.91 12.94 24.79
CA TRP A 336 32.51 12.08 23.78
C TRP A 336 33.25 10.92 24.43
N LEU A 337 33.95 11.15 25.55
CA LEU A 337 34.60 10.04 26.22
C LEU A 337 33.58 9.04 26.76
N TYR A 338 32.47 9.53 27.31
CA TYR A 338 31.47 8.63 27.86
C TYR A 338 30.80 7.80 26.79
N TYR A 339 30.44 8.41 25.67
CA TYR A 339 29.69 7.73 24.62
C TYR A 339 30.58 7.08 23.57
N VAL A 340 31.89 7.14 23.72
CA VAL A 340 32.81 6.45 22.83
C VAL A 340 33.76 5.58 23.65
N ASP B 10 7.68 -52.46 6.25
CA ASP B 10 8.34 -51.27 6.79
C ASP B 10 7.66 -50.82 8.08
N ASN B 11 8.45 -50.16 8.94
CA ASN B 11 7.87 -49.61 10.17
C ASN B 11 6.86 -48.51 9.87
N THR B 12 6.96 -47.86 8.72
CA THR B 12 6.04 -46.79 8.36
C THR B 12 4.74 -47.29 7.77
N THR B 13 4.68 -48.55 7.34
CA THR B 13 3.46 -49.05 6.70
C THR B 13 2.28 -49.07 7.66
N VAL B 14 2.52 -49.39 8.93
CA VAL B 14 1.42 -49.41 9.89
C VAL B 14 0.80 -48.03 10.01
N PHE B 15 1.63 -46.99 10.04
CA PHE B 15 1.10 -45.63 10.20
C PHE B 15 0.41 -45.16 8.94
N THR B 16 0.93 -45.54 7.77
CA THR B 16 0.23 -45.23 6.53
C THR B 16 -1.14 -45.87 6.52
N ARG B 17 -1.23 -47.12 6.96
CA ARG B 17 -2.52 -47.80 7.02
C ARG B 17 -3.45 -47.11 8.02
N ILE B 18 -2.92 -46.70 9.17
CA ILE B 18 -3.74 -46.03 10.17
C ILE B 18 -4.30 -44.72 9.60
N LEU B 19 -3.45 -43.94 8.94
CA LEU B 19 -3.90 -42.66 8.40
C LEU B 19 -4.85 -42.85 7.23
N ASP B 20 -4.68 -43.91 6.44
CA ASP B 20 -5.62 -44.18 5.37
C ASP B 20 -6.97 -44.65 5.90
N ARG B 21 -6.97 -45.37 7.02
CA ARG B 21 -8.23 -45.77 7.62
C ARG B 21 -8.94 -44.60 8.30
N LEU B 22 -8.18 -43.67 8.88
CA LEU B 22 -8.79 -42.49 9.49
C LEU B 22 -9.52 -41.65 8.46
N LEU B 23 -8.90 -41.45 7.30
CA LEU B 23 -9.45 -40.56 6.28
C LEU B 23 -10.38 -41.27 5.31
N ASP B 24 -10.59 -42.57 5.47
CA ASP B 24 -11.49 -43.29 4.59
C ASP B 24 -12.94 -42.98 4.95
N GLY B 25 -13.73 -42.59 3.95
CA GLY B 25 -15.11 -42.23 4.21
C GLY B 25 -15.25 -41.08 5.17
N TYR B 26 -14.35 -40.10 5.10
CA TYR B 26 -14.35 -38.96 6.01
C TYR B 26 -14.82 -37.73 5.25
N ASP B 27 -15.76 -37.00 5.84
CA ASP B 27 -16.30 -35.78 5.27
C ASP B 27 -15.78 -34.60 6.08
N ASN B 28 -14.85 -33.84 5.50
CA ASN B 28 -14.35 -32.64 6.15
C ASN B 28 -15.30 -31.46 5.98
N ARG B 29 -16.42 -31.65 5.30
CA ARG B 29 -17.44 -30.62 5.19
C ARG B 29 -18.39 -30.58 6.37
N LEU B 30 -18.33 -31.57 7.26
CA LEU B 30 -19.26 -31.71 8.37
C LEU B 30 -18.50 -31.65 9.68
N ARG B 31 -18.97 -30.83 10.61
CA ARG B 31 -18.33 -30.71 11.90
C ARG B 31 -18.57 -31.96 12.72
N PRO B 32 -17.70 -32.23 13.70
CA PRO B 32 -17.96 -33.37 14.61
C PRO B 32 -19.28 -33.18 15.34
N GLY B 33 -20.06 -34.26 15.41
CA GLY B 33 -21.36 -34.19 16.05
C GLY B 33 -22.27 -33.20 15.36
N LEU B 34 -22.35 -33.28 14.03
CA LEU B 34 -23.11 -32.28 13.27
C LEU B 34 -24.56 -32.25 13.68
N GLY B 35 -25.17 -33.41 13.90
CA GLY B 35 -26.57 -33.46 14.24
C GLY B 35 -26.87 -33.75 15.69
N GLU B 36 -25.91 -34.30 16.43
CA GLU B 36 -26.18 -34.83 17.76
C GLU B 36 -25.78 -33.88 18.89
N ARG B 37 -24.59 -33.28 18.84
CA ARG B 37 -24.10 -32.47 19.94
C ARG B 37 -23.49 -31.20 19.38
N VAL B 38 -22.81 -30.45 20.25
CA VAL B 38 -22.22 -29.16 19.91
C VAL B 38 -20.70 -29.32 19.92
N THR B 39 -20.07 -28.94 18.82
CA THR B 39 -18.61 -28.98 18.75
C THR B 39 -18.04 -27.90 19.66
N GLU B 40 -17.32 -28.34 20.70
CA GLU B 40 -16.77 -27.44 21.70
C GLU B 40 -15.27 -27.31 21.45
N VAL B 41 -14.84 -26.10 21.09
CA VAL B 41 -13.46 -25.85 20.69
C VAL B 41 -12.77 -25.14 21.83
N LYS B 42 -11.78 -25.79 22.44
CA LYS B 42 -10.98 -25.18 23.48
C LYS B 42 -9.88 -24.34 22.83
N THR B 43 -9.76 -23.08 23.26
CA THR B 43 -8.86 -22.13 22.62
C THR B 43 -7.80 -21.66 23.59
N ASP B 44 -6.68 -21.24 23.02
CA ASP B 44 -5.50 -20.84 23.79
C ASP B 44 -4.64 -19.95 22.91
N ILE B 45 -4.04 -18.93 23.50
CA ILE B 45 -3.23 -17.96 22.77
C ILE B 45 -1.89 -17.79 23.49
N PHE B 46 -0.80 -17.84 22.74
CA PHE B 46 0.53 -17.51 23.24
C PHE B 46 1.08 -16.37 22.40
N VAL B 47 1.20 -15.19 23.01
CA VAL B 47 1.65 -13.99 22.31
C VAL B 47 3.17 -14.03 22.27
N THR B 48 3.73 -14.35 21.10
CA THR B 48 5.18 -14.35 20.96
C THR B 48 5.74 -12.94 20.86
N SER B 49 4.92 -11.96 20.50
CA SER B 49 5.34 -10.57 20.50
C SER B 49 4.15 -9.65 20.30
N PHE B 50 4.07 -8.59 21.09
CA PHE B 50 2.99 -7.60 20.98
C PHE B 50 3.53 -6.47 20.11
N GLY B 51 3.12 -6.47 18.84
CA GLY B 51 3.68 -5.58 17.87
C GLY B 51 3.48 -4.11 18.22
N PRO B 52 3.92 -3.22 17.34
CA PRO B 52 3.74 -1.79 17.62
C PRO B 52 2.28 -1.39 17.56
N VAL B 53 1.95 -0.32 18.27
CA VAL B 53 0.60 0.24 18.31
C VAL B 53 0.62 1.52 17.50
N SER B 54 -0.21 1.56 16.46
CA SER B 54 -0.28 2.72 15.56
C SER B 54 -1.47 3.57 16.01
N ASP B 55 -1.17 4.69 16.67
CA ASP B 55 -2.24 5.59 17.10
C ASP B 55 -2.91 6.24 15.91
N HIS B 56 -2.14 6.60 14.88
CA HIS B 56 -2.71 7.30 13.74
C HIS B 56 -3.74 6.43 13.02
N ASP B 57 -3.44 5.14 12.84
CA ASP B 57 -4.37 4.21 12.22
C ASP B 57 -5.33 3.57 13.21
N MET B 58 -5.13 3.79 14.52
CA MET B 58 -5.96 3.19 15.55
C MET B 58 -5.98 1.67 15.42
N GLU B 59 -4.78 1.10 15.47
CA GLU B 59 -4.61 -0.35 15.31
C GLU B 59 -3.35 -0.78 16.04
N TYR B 60 -3.22 -2.08 16.23
CA TYR B 60 -2.02 -2.66 16.82
C TYR B 60 -1.75 -3.99 16.14
N THR B 61 -0.50 -4.41 16.19
CA THR B 61 -0.07 -5.68 15.63
C THR B 61 0.29 -6.63 16.75
N ILE B 62 -0.03 -7.90 16.55
CA ILE B 62 0.26 -8.94 17.55
C ILE B 62 0.62 -10.22 16.82
N ASP B 63 1.66 -10.90 17.29
CA ASP B 63 2.08 -12.19 16.76
C ASP B 63 1.83 -13.25 17.83
N VAL B 64 1.11 -14.30 17.44
CA VAL B 64 0.63 -15.29 18.39
C VAL B 64 0.79 -16.70 17.81
N PHE B 65 0.81 -17.68 18.70
CA PHE B 65 0.53 -19.07 18.37
C PHE B 65 -0.92 -19.32 18.76
N PHE B 66 -1.81 -19.41 17.78
CA PHE B 66 -3.23 -19.61 18.04
C PHE B 66 -3.49 -21.10 18.15
N ARG B 67 -3.84 -21.55 19.35
CA ARG B 67 -4.07 -22.96 19.63
C ARG B 67 -5.55 -23.23 19.78
N GLN B 68 -6.04 -24.24 19.08
CA GLN B 68 -7.42 -24.69 19.19
C GLN B 68 -7.43 -26.20 19.35
N SER B 69 -8.27 -26.68 20.27
CA SER B 69 -8.40 -28.10 20.52
C SER B 69 -9.87 -28.48 20.52
N TRP B 70 -10.17 -29.63 19.96
CA TRP B 70 -11.54 -30.14 19.91
C TRP B 70 -11.47 -31.64 19.73
N LYS B 71 -12.59 -32.30 19.97
CA LYS B 71 -12.67 -33.75 19.90
C LYS B 71 -13.44 -34.16 18.66
N ASP B 72 -12.88 -35.12 17.92
CA ASP B 72 -13.48 -35.65 16.70
C ASP B 72 -13.53 -37.17 16.82
N GLU B 73 -14.72 -37.72 17.04
CA GLU B 73 -14.84 -39.15 17.26
C GLU B 73 -14.44 -39.94 16.02
N ARG B 74 -14.56 -39.34 14.83
CA ARG B 74 -14.20 -40.03 13.60
C ARG B 74 -12.70 -40.30 13.51
N LEU B 75 -11.89 -39.60 14.28
CA LEU B 75 -10.44 -39.68 14.18
C LEU B 75 -9.83 -40.53 15.27
N LYS B 76 -10.63 -41.35 15.95
CA LYS B 76 -10.10 -42.31 16.92
C LYS B 76 -9.29 -43.38 16.20
N PHE B 77 -8.17 -43.77 16.81
CA PHE B 77 -7.31 -44.78 16.22
C PHE B 77 -6.64 -45.58 17.33
N LYS B 78 -6.17 -46.77 16.99
CA LYS B 78 -5.47 -47.65 17.90
C LYS B 78 -4.18 -48.08 17.22
N GLY B 79 -3.06 -47.52 17.67
CA GLY B 79 -1.78 -47.79 17.05
C GLY B 79 -0.67 -47.94 18.06
N PRO B 80 0.55 -48.17 17.58
CA PRO B 80 1.69 -48.29 18.51
C PRO B 80 1.98 -47.02 19.27
N MET B 81 1.51 -45.87 18.80
CA MET B 81 1.71 -44.59 19.47
C MET B 81 0.38 -44.02 19.92
N THR B 82 0.44 -43.17 20.95
CA THR B 82 -0.76 -42.53 21.49
C THR B 82 -1.06 -41.19 20.83
N VAL B 83 -0.06 -40.52 20.27
CA VAL B 83 -0.23 -39.22 19.64
C VAL B 83 0.42 -39.26 18.27
N LEU B 84 -0.30 -38.78 17.26
CA LEU B 84 0.22 -38.64 15.91
C LEU B 84 0.62 -37.18 15.68
N ARG B 85 1.92 -36.91 15.67
CA ARG B 85 2.41 -35.59 15.29
C ARG B 85 2.52 -35.57 13.77
N LEU B 86 1.55 -34.96 13.11
CA LEU B 86 1.37 -35.10 11.68
C LEU B 86 1.78 -33.83 10.95
N ASN B 87 2.18 -34.00 9.69
CA ASN B 87 2.50 -32.87 8.84
C ASN B 87 1.26 -32.00 8.65
N ASN B 88 1.46 -30.68 8.62
CA ASN B 88 0.33 -29.77 8.64
C ASN B 88 -0.61 -29.97 7.46
N LEU B 89 -0.16 -30.60 6.37
CA LEU B 89 -1.04 -30.82 5.24
C LEU B 89 -2.19 -31.76 5.60
N MET B 90 -2.07 -32.50 6.71
CA MET B 90 -3.20 -33.29 7.19
C MET B 90 -4.34 -32.41 7.68
N ALA B 91 -4.02 -31.20 8.16
CA ALA B 91 -5.06 -30.31 8.67
C ALA B 91 -6.08 -29.98 7.60
N SER B 92 -5.66 -29.87 6.34
CA SER B 92 -6.60 -29.58 5.27
C SER B 92 -7.48 -30.77 4.93
N LYS B 93 -7.04 -31.99 5.22
CA LYS B 93 -7.81 -33.19 4.90
C LYS B 93 -8.92 -33.47 5.90
N ILE B 94 -8.94 -32.77 7.03
CA ILE B 94 -9.92 -33.01 8.09
C ILE B 94 -10.69 -31.71 8.33
N TRP B 95 -11.75 -31.82 9.14
CA TRP B 95 -12.51 -30.65 9.53
C TRP B 95 -11.76 -29.87 10.59
N THR B 96 -11.64 -28.56 10.38
CA THR B 96 -11.06 -27.67 11.37
C THR B 96 -11.98 -26.48 11.56
N PRO B 97 -12.01 -25.89 12.75
CA PRO B 97 -12.89 -24.74 12.98
C PRO B 97 -12.43 -23.55 12.17
N ASP B 98 -13.41 -22.76 11.71
CA ASP B 98 -13.13 -21.56 10.92
C ASP B 98 -13.16 -20.32 11.80
N THR B 99 -12.23 -20.30 12.75
CA THR B 99 -12.11 -19.14 13.64
C THR B 99 -11.61 -17.93 12.86
N PHE B 100 -12.16 -16.77 13.17
CA PHE B 100 -11.72 -15.52 12.57
C PHE B 100 -11.72 -14.45 13.64
N PHE B 101 -11.01 -13.36 13.38
CA PHE B 101 -10.89 -12.27 14.33
C PHE B 101 -11.86 -11.16 13.96
N HIS B 102 -12.79 -10.86 14.87
CA HIS B 102 -13.88 -9.94 14.57
C HIS B 102 -13.36 -8.56 14.22
N ASN B 103 -12.37 -8.07 14.98
CA ASN B 103 -11.82 -6.74 14.79
C ASN B 103 -10.47 -6.76 14.07
N GLY B 104 -10.18 -7.83 13.35
CA GLY B 104 -8.94 -7.92 12.62
C GLY B 104 -8.98 -7.18 11.30
N LYS B 105 -8.09 -6.21 11.12
CA LYS B 105 -8.02 -5.47 9.87
C LYS B 105 -7.34 -6.28 8.78
N LYS B 106 -6.30 -7.02 9.14
CA LYS B 106 -5.55 -7.82 8.18
C LYS B 106 -4.63 -8.78 8.95
N SER B 107 -4.69 -10.06 8.61
CA SER B 107 -3.93 -11.08 9.32
C SER B 107 -3.07 -11.86 8.33
N VAL B 108 -2.00 -12.44 8.86
CA VAL B 108 -1.07 -13.23 8.07
C VAL B 108 -0.97 -14.60 8.71
N ALA B 109 -1.23 -15.64 7.93
CA ALA B 109 -0.96 -17.01 8.32
C ALA B 109 0.39 -17.40 7.72
N HIS B 110 1.43 -17.29 8.53
CA HIS B 110 2.79 -17.45 8.01
C HIS B 110 3.00 -18.85 7.46
N ASN B 111 3.70 -18.94 6.33
CA ASN B 111 4.01 -20.23 5.73
C ASN B 111 5.43 -20.23 5.18
N MET B 112 6.38 -19.69 5.93
CA MET B 112 7.79 -19.77 5.60
C MET B 112 8.48 -20.60 6.68
N THR B 113 9.16 -21.67 6.30
CA THR B 113 9.33 -22.15 4.92
C THR B 113 8.17 -23.01 4.46
N MET B 114 7.36 -23.48 5.41
CA MET B 114 6.15 -24.25 5.16
C MET B 114 5.06 -23.69 6.05
N PRO B 115 3.79 -23.97 5.74
CA PRO B 115 2.70 -23.49 6.61
C PRO B 115 3.00 -23.72 8.08
N ASN B 116 3.13 -22.63 8.84
CA ASN B 116 3.47 -22.75 10.25
C ASN B 116 2.27 -23.27 11.02
N LYS B 117 1.88 -24.51 10.76
CA LYS B 117 0.74 -25.13 11.40
C LYS B 117 1.16 -26.43 12.07
N LEU B 118 0.38 -26.84 13.05
CA LEU B 118 0.64 -28.00 13.86
C LEU B 118 -0.65 -28.80 14.00
N LEU B 119 -0.55 -30.12 13.91
CA LEU B 119 -1.72 -30.99 14.02
C LEU B 119 -1.33 -32.25 14.76
N ARG B 120 -1.91 -32.45 15.94
CA ARG B 120 -1.63 -33.60 16.78
C ARG B 120 -2.93 -34.32 17.08
N ILE B 121 -3.02 -35.59 16.69
CA ILE B 121 -4.21 -36.40 16.91
C ILE B 121 -3.92 -37.39 18.01
N THR B 122 -4.73 -37.37 19.07
CA THR B 122 -4.60 -38.29 20.17
C THR B 122 -5.45 -39.53 19.92
N GLU B 123 -5.05 -40.66 20.50
CA GLU B 123 -5.67 -41.93 20.16
C GLU B 123 -7.17 -41.91 20.41
N ASP B 124 -7.64 -41.07 21.33
CA ASP B 124 -9.05 -41.00 21.66
C ASP B 124 -9.82 -40.00 20.80
N GLY B 125 -9.16 -39.38 19.82
CA GLY B 125 -9.82 -38.47 18.91
C GLY B 125 -9.67 -37.00 19.24
N THR B 126 -8.95 -36.66 20.30
CA THR B 126 -8.68 -35.25 20.57
C THR B 126 -7.75 -34.69 19.52
N LEU B 127 -7.98 -33.42 19.16
CA LEU B 127 -7.16 -32.73 18.18
C LEU B 127 -6.55 -31.49 18.79
N LEU B 128 -5.29 -31.22 18.44
CA LEU B 128 -4.62 -29.97 18.76
C LEU B 128 -4.17 -29.35 17.46
N TYR B 129 -4.64 -28.14 17.18
CA TYR B 129 -4.39 -27.46 15.92
C TYR B 129 -3.85 -26.08 16.23
N THR B 130 -2.55 -25.90 16.08
CA THR B 130 -1.88 -24.63 16.37
C THR B 130 -1.41 -24.01 15.07
N MET B 131 -1.29 -22.68 15.07
CA MET B 131 -0.83 -21.96 13.90
C MET B 131 -0.21 -20.64 14.33
N ARG B 132 0.76 -20.19 13.55
CA ARG B 132 1.43 -18.92 13.79
C ARG B 132 0.76 -17.83 12.96
N LEU B 133 0.34 -16.76 13.62
CA LEU B 133 -0.40 -15.69 12.98
C LEU B 133 0.17 -14.34 13.38
N THR B 134 0.09 -13.40 12.45
CA THR B 134 0.33 -11.98 12.73
C THR B 134 -0.98 -11.25 12.49
N VAL B 135 -1.62 -10.81 13.57
CA VAL B 135 -2.93 -10.19 13.49
C VAL B 135 -2.75 -8.68 13.62
N ARG B 136 -3.22 -7.95 12.62
CA ARG B 136 -3.30 -6.49 12.68
C ARG B 136 -4.76 -6.16 12.99
N ALA B 137 -5.02 -5.78 14.23
CA ALA B 137 -6.38 -5.56 14.71
C ALA B 137 -6.57 -4.08 15.05
N GLU B 138 -7.83 -3.64 14.99
CA GLU B 138 -8.16 -2.26 15.25
C GLU B 138 -8.45 -2.07 16.74
N CYS B 139 -7.94 -0.96 17.28
CA CYS B 139 -8.04 -0.65 18.70
C CYS B 139 -8.63 0.75 18.83
N PRO B 140 -9.96 0.88 18.86
CA PRO B 140 -10.55 2.20 19.07
C PRO B 140 -10.03 2.82 20.35
N MET B 141 -9.63 4.08 20.27
CA MET B 141 -8.91 4.71 21.38
C MET B 141 -9.21 6.19 21.41
N HIS B 142 -9.70 6.67 22.54
CA HIS B 142 -9.96 8.09 22.74
C HIS B 142 -8.71 8.76 23.27
N LEU B 143 -8.33 9.87 22.63
CA LEU B 143 -7.05 10.53 22.89
C LEU B 143 -7.22 11.85 23.62
N GLU B 144 -8.27 11.98 24.45
CA GLU B 144 -8.47 13.23 25.18
C GLU B 144 -7.32 13.48 26.15
N ASP B 145 -6.87 12.45 26.86
CA ASP B 145 -5.80 12.57 27.83
C ASP B 145 -4.42 12.38 27.20
N PHE B 146 -4.34 12.38 25.89
CA PHE B 146 -3.07 12.23 25.20
C PHE B 146 -2.12 13.34 25.65
N PRO B 147 -0.85 13.03 25.97
CA PRO B 147 -0.16 11.74 25.92
C PRO B 147 -0.24 10.93 27.21
N MET B 148 -0.99 11.38 28.20
CA MET B 148 -1.15 10.65 29.45
C MET B 148 -2.41 9.79 29.40
N ASP B 149 -2.45 8.91 28.40
CA ASP B 149 -3.63 8.12 28.12
C ASP B 149 -3.31 6.63 28.21
N ALA B 150 -4.29 5.85 28.65
CA ALA B 150 -4.22 4.41 28.65
C ALA B 150 -5.31 3.86 27.75
N HIS B 151 -5.04 2.70 27.14
CA HIS B 151 -5.97 2.05 26.24
C HIS B 151 -6.08 0.58 26.58
N ALA B 152 -7.24 0.01 26.31
CA ALA B 152 -7.49 -1.42 26.45
C ALA B 152 -7.83 -1.93 25.05
N CYS B 153 -6.80 -2.35 24.33
CA CYS B 153 -6.97 -2.76 22.94
C CYS B 153 -7.55 -4.17 22.88
N PRO B 154 -8.71 -4.38 22.26
CA PRO B 154 -9.33 -5.71 22.29
C PRO B 154 -8.80 -6.62 21.18
N LEU B 155 -9.06 -7.91 21.37
CA LEU B 155 -8.80 -8.93 20.36
C LEU B 155 -9.97 -9.91 20.42
N LYS B 156 -10.97 -9.69 19.60
CA LYS B 156 -12.17 -10.51 19.57
C LYS B 156 -12.05 -11.54 18.47
N PHE B 157 -12.39 -12.79 18.79
CA PHE B 157 -12.39 -13.84 17.78
C PHE B 157 -13.52 -14.80 18.06
N GLY B 158 -13.92 -15.52 17.01
CA GLY B 158 -15.00 -16.46 17.12
C GLY B 158 -15.14 -17.20 15.82
N SER B 159 -16.23 -17.93 15.67
CA SER B 159 -16.46 -18.72 14.48
C SER B 159 -17.16 -17.88 13.42
N TYR B 160 -16.80 -18.15 12.17
CA TYR B 160 -17.54 -17.67 11.01
C TYR B 160 -18.47 -18.78 10.56
N ALA B 161 -19.76 -18.48 10.40
CA ALA B 161 -20.78 -19.34 9.86
C ALA B 161 -21.33 -20.37 10.84
N TYR B 162 -20.76 -20.52 12.04
CA TYR B 162 -21.27 -21.50 13.00
C TYR B 162 -21.81 -20.76 14.22
N THR B 163 -23.09 -20.98 14.52
CA THR B 163 -23.76 -20.30 15.61
C THR B 163 -23.50 -21.03 16.92
N ARG B 164 -23.92 -20.39 18.02
CA ARG B 164 -23.67 -20.97 19.34
C ARG B 164 -24.32 -22.33 19.50
N ALA B 165 -25.32 -22.65 18.69
CA ALA B 165 -25.95 -23.97 18.75
C ALA B 165 -25.16 -25.03 17.99
N GLU B 166 -24.09 -24.64 17.32
CA GLU B 166 -23.26 -25.58 16.56
C GLU B 166 -21.84 -25.63 17.07
N VAL B 167 -21.19 -24.48 17.25
CA VAL B 167 -19.82 -24.40 17.75
C VAL B 167 -19.77 -23.38 18.87
N VAL B 168 -19.21 -23.78 20.01
CA VAL B 168 -18.98 -22.89 21.13
C VAL B 168 -17.51 -22.95 21.51
N TYR B 169 -16.93 -21.79 21.82
CA TYR B 169 -15.53 -21.69 22.18
C TYR B 169 -15.37 -21.65 23.70
N GLU B 170 -14.18 -22.03 24.15
CA GLU B 170 -13.86 -22.04 25.57
C GLU B 170 -12.35 -21.95 25.70
N TRP B 171 -11.91 -21.43 26.84
CA TRP B 171 -10.49 -21.39 27.14
C TRP B 171 -10.00 -22.75 27.62
N THR B 172 -8.78 -23.11 27.21
CA THR B 172 -8.21 -24.38 27.64
C THR B 172 -7.98 -24.40 29.13
N ARG B 173 -7.15 -23.48 29.62
CA ARG B 173 -6.83 -23.37 31.04
C ARG B 173 -7.78 -22.38 31.69
N GLU B 174 -7.50 -22.00 32.92
CA GLU B 174 -8.31 -20.98 33.57
C GLU B 174 -8.29 -19.72 32.71
N PRO B 175 -9.41 -19.00 32.62
CA PRO B 175 -9.43 -17.81 31.76
C PRO B 175 -8.30 -16.84 32.05
N ALA B 176 -7.87 -16.71 33.31
CA ALA B 176 -6.78 -15.79 33.63
C ALA B 176 -5.43 -16.30 33.17
N ARG B 177 -5.33 -17.54 32.69
CA ARG B 177 -4.05 -18.13 32.32
C ARG B 177 -4.06 -18.67 30.88
N SER B 178 -5.04 -18.29 30.07
CA SER B 178 -5.12 -18.82 28.71
C SER B 178 -4.48 -17.91 27.68
N VAL B 179 -4.30 -16.63 27.99
CA VAL B 179 -3.54 -15.73 27.14
C VAL B 179 -2.22 -15.46 27.83
N VAL B 180 -1.13 -16.01 27.28
CA VAL B 180 0.20 -15.91 27.87
C VAL B 180 1.06 -15.10 26.94
N VAL B 181 1.80 -14.14 27.49
CA VAL B 181 2.65 -13.23 26.73
C VAL B 181 4.09 -13.55 27.05
N ALA B 182 4.90 -13.75 26.02
CA ALA B 182 6.32 -14.00 26.21
C ALA B 182 6.98 -12.78 26.86
N GLU B 183 7.81 -13.04 27.87
CA GLU B 183 8.43 -11.93 28.60
C GLU B 183 9.34 -11.10 27.70
N ASP B 184 10.10 -11.75 26.83
CA ASP B 184 10.96 -11.04 25.90
C ASP B 184 10.23 -10.55 24.66
N GLY B 185 9.02 -11.03 24.42
CA GLY B 185 8.26 -10.66 23.24
C GLY B 185 7.44 -9.40 23.41
N SER B 186 8.09 -8.24 23.37
CA SER B 186 7.39 -6.96 23.41
C SER B 186 8.02 -6.04 22.38
N ARG B 187 7.25 -5.66 21.37
CA ARG B 187 7.72 -4.76 20.33
C ARG B 187 7.19 -3.35 20.50
N LEU B 188 6.65 -3.02 21.66
CA LEU B 188 6.15 -1.68 21.90
C LEU B 188 7.31 -0.71 22.08
N ASN B 189 7.16 0.49 21.52
CA ASN B 189 8.13 1.56 21.67
C ASN B 189 7.67 2.63 22.64
N GLN B 190 6.46 3.17 22.43
CA GLN B 190 5.95 4.27 23.23
C GLN B 190 4.74 3.87 24.08
N TYR B 191 4.49 2.57 24.24
CA TYR B 191 3.41 2.08 25.07
C TYR B 191 3.95 1.04 26.04
N ASP B 192 3.33 0.97 27.21
CA ASP B 192 3.68 0.00 28.24
C ASP B 192 2.53 -0.99 28.39
N LEU B 193 2.84 -2.28 28.30
CA LEU B 193 1.83 -3.32 28.43
C LEU B 193 1.69 -3.68 29.91
N LEU B 194 0.55 -3.33 30.48
CA LEU B 194 0.30 -3.56 31.90
C LEU B 194 -0.25 -4.95 32.19
N GLY B 195 -1.02 -5.52 31.28
CA GLY B 195 -1.58 -6.84 31.47
C GLY B 195 -2.67 -7.09 30.46
N GLN B 196 -3.23 -8.29 30.55
CA GLN B 196 -4.31 -8.69 29.66
C GLN B 196 -5.45 -9.31 30.46
N THR B 197 -6.67 -9.07 30.00
CA THR B 197 -7.86 -9.67 30.58
C THR B 197 -8.67 -10.32 29.46
N VAL B 198 -9.32 -11.43 29.78
CA VAL B 198 -10.10 -12.17 28.80
C VAL B 198 -11.55 -12.20 29.23
N ASP B 199 -12.43 -12.35 28.25
CA ASP B 199 -13.85 -12.50 28.52
C ASP B 199 -14.45 -13.32 27.39
N SER B 200 -15.61 -13.91 27.67
CA SER B 200 -16.34 -14.71 26.69
C SER B 200 -17.78 -14.25 26.70
N GLY B 201 -18.35 -14.03 25.52
CA GLY B 201 -19.69 -13.50 25.43
C GLY B 201 -20.45 -13.98 24.21
N ILE B 202 -21.52 -13.28 23.87
CA ILE B 202 -22.38 -13.64 22.75
C ILE B 202 -22.52 -12.43 21.84
N VAL B 203 -22.53 -12.67 20.53
CA VAL B 203 -22.72 -11.63 19.53
C VAL B 203 -23.90 -12.04 18.66
N GLN B 204 -24.81 -11.10 18.43
CA GLN B 204 -25.95 -11.31 17.56
C GLN B 204 -25.67 -10.67 16.20
N SER B 205 -25.82 -11.45 15.14
CA SER B 205 -25.60 -10.99 13.78
C SER B 205 -26.85 -11.24 12.95
N SER B 206 -26.81 -10.73 11.72
CA SER B 206 -27.91 -10.99 10.79
C SER B 206 -28.05 -12.47 10.46
N THR B 207 -27.01 -13.26 10.72
CA THR B 207 -27.02 -14.68 10.39
C THR B 207 -27.36 -15.58 11.57
N GLY B 208 -27.10 -15.14 12.80
CA GLY B 208 -27.46 -15.94 13.95
C GLY B 208 -26.78 -15.41 15.21
N GLU B 209 -26.69 -16.29 16.20
CA GLU B 209 -26.07 -15.99 17.48
C GLU B 209 -24.74 -16.73 17.58
N TYR B 210 -23.69 -16.01 17.94
CA TYR B 210 -22.34 -16.55 17.92
C TYR B 210 -21.65 -16.33 19.25
N VAL B 211 -20.75 -17.24 19.59
CA VAL B 211 -19.87 -17.06 20.73
C VAL B 211 -18.68 -16.22 20.30
N VAL B 212 -18.38 -15.19 21.08
CA VAL B 212 -17.24 -14.31 20.84
C VAL B 212 -16.31 -14.40 22.05
N MET B 213 -15.03 -14.67 21.79
CA MET B 213 -14.01 -14.71 22.82
C MET B 213 -13.19 -13.43 22.72
N THR B 214 -13.10 -12.70 23.83
CA THR B 214 -12.47 -11.40 23.85
C THR B 214 -11.24 -11.40 24.75
N THR B 215 -10.18 -10.77 24.28
CA THR B 215 -9.00 -10.48 25.08
C THR B 215 -8.75 -8.98 25.02
N HIS B 216 -8.48 -8.38 26.17
CA HIS B 216 -8.16 -6.96 26.24
C HIS B 216 -6.74 -6.81 26.71
N PHE B 217 -5.92 -6.12 25.92
CA PHE B 217 -4.55 -5.80 26.30
C PHE B 217 -4.54 -4.35 26.78
N HIS B 218 -4.07 -4.13 27.99
CA HIS B 218 -4.11 -2.82 28.63
C HIS B 218 -2.78 -2.11 28.41
N LEU B 219 -2.83 -0.93 27.81
CA LEU B 219 -1.65 -0.18 27.41
C LEU B 219 -1.62 1.17 28.10
N LYS B 220 -0.44 1.57 28.54
CA LYS B 220 -0.19 2.89 29.09
C LYS B 220 0.87 3.57 28.25
N ARG B 221 0.59 4.77 27.78
CA ARG B 221 1.51 5.47 26.90
C ARG B 221 2.67 6.06 27.70
N LYS B 222 3.89 5.86 27.22
CA LYS B 222 5.07 6.42 27.85
C LYS B 222 5.21 7.89 27.44
N ILE B 223 5.48 8.75 28.42
CA ILE B 223 5.43 10.19 28.22
C ILE B 223 6.80 10.81 27.92
N GLY B 224 7.89 10.07 28.12
CA GLY B 224 9.20 10.68 28.01
C GLY B 224 9.44 11.37 26.68
N TYR B 225 9.08 10.69 25.58
CA TYR B 225 9.27 11.30 24.28
C TYR B 225 8.52 12.61 24.18
N PHE B 226 7.25 12.60 24.58
CA PHE B 226 6.46 13.82 24.50
C PHE B 226 6.96 14.87 25.46
N VAL B 227 7.46 14.46 26.63
CA VAL B 227 8.13 15.41 27.51
C VAL B 227 9.20 16.17 26.75
N ILE B 228 10.26 15.45 26.35
CA ILE B 228 11.43 16.10 25.76
C ILE B 228 11.10 16.79 24.45
N GLN B 229 10.04 16.39 23.76
CA GLN B 229 9.76 16.92 22.43
C GLN B 229 8.77 18.08 22.43
N THR B 230 7.79 18.09 23.34
CA THR B 230 6.74 19.08 23.31
C THR B 230 6.63 19.93 24.58
N TYR B 231 6.97 19.39 25.75
CA TYR B 231 6.71 20.14 26.97
C TYR B 231 7.91 21.03 27.28
N LEU B 232 9.09 20.43 27.48
CA LEU B 232 10.28 21.23 27.69
C LEU B 232 10.45 22.32 26.65
N PRO B 233 10.27 22.07 25.36
CA PRO B 233 10.24 23.19 24.40
C PRO B 233 9.22 24.25 24.75
N CYS B 234 8.04 23.86 25.24
CA CYS B 234 7.01 24.85 25.52
C CYS B 234 7.33 25.66 26.77
N ILE B 235 7.78 25.00 27.84
CA ILE B 235 8.19 25.74 29.04
C ILE B 235 9.38 26.64 28.73
N MET B 236 10.35 26.13 27.98
CA MET B 236 11.49 26.95 27.59
C MET B 236 11.04 28.14 26.75
N THR B 237 10.10 27.94 25.83
CA THR B 237 9.61 29.06 25.03
C THR B 237 8.94 30.11 25.91
N VAL B 238 8.14 29.66 26.88
CA VAL B 238 7.47 30.61 27.77
C VAL B 238 8.49 31.42 28.55
N ILE B 239 9.50 30.75 29.09
CA ILE B 239 10.51 31.46 29.88
C ILE B 239 11.34 32.39 28.99
N LEU B 240 11.63 31.96 27.77
CA LEU B 240 12.35 32.79 26.83
C LEU B 240 11.55 34.02 26.45
N SER B 241 10.23 33.88 26.34
CA SER B 241 9.38 35.05 26.15
C SER B 241 9.39 35.95 27.38
N GLN B 242 9.42 35.36 28.57
CA GLN B 242 9.40 36.17 29.78
C GLN B 242 10.69 36.95 29.98
N VAL B 243 11.83 36.42 29.52
CA VAL B 243 13.10 37.12 29.75
C VAL B 243 13.03 38.53 29.21
N SER B 244 12.19 38.75 28.20
CA SER B 244 12.07 40.08 27.61
C SER B 244 11.63 41.13 28.63
N PHE B 245 11.04 40.70 29.74
CA PHE B 245 10.60 41.64 30.76
C PHE B 245 11.78 42.40 31.36
N TRP B 246 12.89 41.70 31.61
CA TRP B 246 14.03 42.32 32.28
C TRP B 246 14.81 43.27 31.39
N LEU B 247 14.56 43.26 30.08
CA LEU B 247 15.31 44.12 29.18
C LEU B 247 14.88 45.58 29.34
N ASN B 248 15.68 46.47 28.76
CA ASN B 248 15.40 47.90 28.84
C ASN B 248 14.19 48.27 27.99
N ARG B 249 13.42 49.24 28.48
CA ARG B 249 12.28 49.73 27.70
C ARG B 249 12.72 50.40 26.41
N GLU B 250 13.98 50.82 26.33
CA GLU B 250 14.49 51.45 25.11
C GLU B 250 14.76 50.44 24.00
N SER B 251 15.09 49.20 24.37
CA SER B 251 15.48 48.18 23.39
C SER B 251 14.24 47.63 22.67
N VAL B 252 13.53 48.54 22.01
CA VAL B 252 12.27 48.16 21.37
C VAL B 252 12.48 47.05 20.33
N PRO B 253 13.42 47.16 19.38
CA PRO B 253 13.57 46.07 18.41
C PRO B 253 13.93 44.73 19.04
N ALA B 254 14.74 44.72 20.10
CA ALA B 254 15.12 43.47 20.73
C ALA B 254 13.90 42.75 21.30
N ARG B 255 13.08 43.46 22.06
CA ARG B 255 11.90 42.86 22.65
C ARG B 255 10.88 42.49 21.58
N THR B 256 10.79 43.29 20.51
CA THR B 256 9.91 42.94 19.40
C THR B 256 10.33 41.61 18.79
N VAL B 257 11.63 41.43 18.56
CA VAL B 257 12.13 40.18 18.01
C VAL B 257 11.87 39.02 18.96
N PHE B 258 12.10 39.24 20.26
CA PHE B 258 11.70 38.25 21.25
C PHE B 258 10.27 37.80 21.00
N GLY B 259 9.33 38.75 21.01
CA GLY B 259 7.94 38.39 20.90
C GLY B 259 7.62 37.64 19.62
N VAL B 260 8.09 38.17 18.49
CA VAL B 260 7.71 37.60 17.20
C VAL B 260 8.28 36.20 17.06
N THR B 261 9.54 36.00 17.42
CA THR B 261 10.12 34.66 17.24
C THR B 261 9.62 33.68 18.30
N THR B 262 9.28 34.16 19.51
CA THR B 262 8.63 33.27 20.47
C THR B 262 7.31 32.78 19.92
N VAL B 263 6.54 33.66 19.29
CA VAL B 263 5.28 33.24 18.69
C VAL B 263 5.53 32.32 17.50
N LEU B 264 6.58 32.59 16.74
CA LEU B 264 7.00 31.68 15.68
C LEU B 264 7.22 30.27 16.22
N THR B 265 8.00 30.16 17.29
CA THR B 265 8.24 28.86 17.89
C THR B 265 6.96 28.23 18.39
N MET B 266 6.08 29.03 19.02
CA MET B 266 4.83 28.49 19.54
C MET B 266 3.98 27.92 18.41
N THR B 267 3.87 28.63 17.29
CA THR B 267 3.10 28.13 16.16
C THR B 267 3.73 26.87 15.57
N THR B 268 5.06 26.86 15.45
CA THR B 268 5.74 25.67 14.95
C THR B 268 5.48 24.48 15.86
N LEU B 269 5.52 24.69 17.17
CA LEU B 269 5.28 23.60 18.11
C LEU B 269 3.82 23.16 18.05
N SER B 270 2.90 24.11 17.87
CA SER B 270 1.49 23.75 17.77
C SER B 270 1.24 22.87 16.54
N ILE B 271 1.81 23.24 15.39
CA ILE B 271 1.61 22.43 14.20
C ILE B 271 2.37 21.11 14.29
N SER B 272 3.53 21.11 14.94
CA SER B 272 4.37 19.91 15.02
C SER B 272 3.86 18.92 16.06
N ALA B 273 3.06 19.39 17.02
CA ALA B 273 2.52 18.48 18.02
C ALA B 273 1.30 17.73 17.49
N ARG B 274 0.51 18.36 16.62
CA ARG B 274 -0.74 17.75 16.16
C ARG B 274 -0.48 16.53 15.28
N ASN B 275 0.55 16.57 14.44
CA ASN B 275 0.83 15.42 13.58
C ASN B 275 1.34 14.22 14.38
N SER B 276 1.71 14.42 15.64
CA SER B 276 2.16 13.32 16.48
C SER B 276 1.03 12.37 16.87
N LEU B 277 -0.22 12.75 16.60
CA LEU B 277 -1.39 11.94 16.88
C LEU B 277 -2.39 12.12 15.74
N PRO B 278 -3.33 11.20 15.58
CA PRO B 278 -4.25 11.30 14.43
C PRO B 278 -5.08 12.58 14.47
N LYS B 279 -5.79 12.80 13.37
CA LYS B 279 -6.67 13.95 13.23
C LYS B 279 -7.94 13.70 14.02
N VAL B 280 -7.98 14.19 15.25
CA VAL B 280 -9.13 14.04 16.14
C VAL B 280 -9.80 15.40 16.29
N ALA B 281 -11.13 15.41 16.18
CA ALA B 281 -11.86 16.67 16.32
C ALA B 281 -11.68 17.27 17.70
N TYR B 282 -11.74 16.44 18.74
CA TYR B 282 -11.63 16.94 20.11
C TYR B 282 -10.20 17.40 20.40
N ALA B 283 -10.04 18.10 21.51
CA ALA B 283 -8.76 18.65 21.92
C ALA B 283 -8.15 17.79 23.03
N THR B 284 -6.86 17.53 22.91
CA THR B 284 -6.14 16.69 23.85
C THR B 284 -5.48 17.52 24.94
N ALA B 285 -4.94 16.83 25.95
CA ALA B 285 -4.28 17.52 27.04
C ALA B 285 -3.07 18.31 26.55
N MET B 286 -2.30 17.70 25.65
CA MET B 286 -1.16 18.41 25.06
C MET B 286 -1.62 19.67 24.34
N ASP B 287 -2.76 19.61 23.66
CA ASP B 287 -3.28 20.81 23.00
C ASP B 287 -3.63 21.89 24.01
N TRP B 288 -4.23 21.51 25.13
CA TRP B 288 -4.55 22.50 26.16
C TRP B 288 -3.29 23.12 26.73
N PHE B 289 -2.26 22.31 26.99
CA PHE B 289 -1.01 22.86 27.50
C PHE B 289 -0.37 23.81 26.51
N ILE B 290 -0.35 23.42 25.22
CA ILE B 290 0.22 24.29 24.20
C ILE B 290 -0.58 25.59 24.12
N ALA B 291 -1.90 25.51 24.19
CA ALA B 291 -2.73 26.70 24.13
C ALA B 291 -2.46 27.62 25.31
N VAL B 292 -2.31 27.07 26.50
CA VAL B 292 -2.05 27.90 27.68
C VAL B 292 -0.69 28.58 27.57
N CYS B 293 0.34 27.84 27.18
CA CYS B 293 1.65 28.46 27.01
C CYS B 293 1.61 29.52 25.91
N TYR B 294 0.79 29.27 24.90
CA TYR B 294 0.63 30.21 23.80
C TYR B 294 0.01 31.49 24.32
N ALA B 295 -1.04 31.37 25.12
CA ALA B 295 -1.68 32.54 25.72
C ALA B 295 -0.71 33.29 26.61
N PHE B 296 0.14 32.57 27.34
CA PHE B 296 1.14 33.24 28.17
C PHE B 296 2.11 34.05 27.33
N VAL B 297 2.57 33.47 26.22
CA VAL B 297 3.53 34.17 25.36
C VAL B 297 2.91 35.45 24.83
N PHE B 298 1.67 35.35 24.35
CA PHE B 298 0.97 36.50 23.82
C PHE B 298 0.78 37.52 24.94
N SER B 299 0.46 37.05 26.14
CA SER B 299 0.28 37.93 27.28
C SER B 299 1.53 38.76 27.49
N ALA B 300 2.68 38.11 27.48
CA ALA B 300 3.96 38.80 27.63
C ALA B 300 4.17 39.79 26.50
N LEU B 301 3.83 39.40 25.27
CA LEU B 301 3.98 40.30 24.14
C LEU B 301 3.11 41.54 24.30
N ILE B 302 1.87 41.36 24.77
CA ILE B 302 0.99 42.50 24.99
C ILE B 302 1.52 43.38 26.12
N GLU B 303 2.12 42.76 27.14
CA GLU B 303 2.73 43.57 28.20
C GLU B 303 3.84 44.45 27.63
N PHE B 304 4.69 43.87 26.79
CA PHE B 304 5.76 44.67 26.17
C PHE B 304 5.17 45.76 25.29
N ALA B 305 4.17 45.43 24.48
CA ALA B 305 3.60 46.41 23.57
C ALA B 305 2.97 47.56 24.34
N THR B 306 2.24 47.26 25.43
CA THR B 306 1.58 48.32 26.18
C THR B 306 2.60 49.15 26.95
N VAL B 307 3.66 48.53 27.49
CA VAL B 307 4.64 49.33 28.19
C VAL B 307 5.46 50.17 27.22
N ASN B 308 5.56 49.74 25.97
CA ASN B 308 6.20 50.57 24.94
C ASN B 308 5.29 51.71 24.51
N TYR B 309 3.99 51.45 24.36
CA TYR B 309 3.06 52.51 24.00
C TYR B 309 2.95 53.54 25.12
N PHE B 310 3.07 53.10 26.38
CA PHE B 310 2.99 53.98 27.53
C PHE B 310 4.35 54.43 28.04
N THR B 311 5.42 54.09 27.34
CA THR B 311 6.75 54.54 27.75
C THR B 311 6.87 56.05 27.58
N LYS B 312 7.77 56.65 28.36
CA LYS B 312 8.04 58.09 28.31
C LYS B 312 6.76 58.91 28.31
N SER B 313 5.72 58.39 28.95
CA SER B 313 4.45 59.10 29.12
C SER B 313 4.02 59.17 30.57
N GLN B 314 4.31 58.13 31.36
CA GLN B 314 4.07 58.15 32.80
C GLN B 314 5.06 57.20 33.47
N PRO B 315 5.98 57.71 34.30
CA PRO B 315 7.03 56.82 34.83
C PRO B 315 6.51 55.80 35.83
N ALA B 316 5.66 56.23 36.76
CA ALA B 316 5.16 55.31 37.79
C ALA B 316 4.40 54.16 37.16
N ARG B 317 3.55 54.44 36.17
CA ARG B 317 2.77 53.39 35.55
C ARG B 317 3.66 52.30 34.97
N ALA B 318 4.64 52.69 34.16
CA ALA B 318 5.51 51.70 33.52
C ALA B 318 6.34 50.96 34.56
N ALA B 319 6.99 51.70 35.47
CA ALA B 319 7.82 51.07 36.48
C ALA B 319 7.01 50.14 37.38
N LYS B 320 5.70 50.36 37.49
CA LYS B 320 4.88 49.49 38.31
C LYS B 320 4.43 48.26 37.52
N ILE B 321 3.97 48.45 36.29
CA ILE B 321 3.43 47.33 35.53
C ILE B 321 4.54 46.36 35.13
N ASP B 322 5.73 46.87 34.81
CA ASP B 322 6.81 45.97 34.43
C ASP B 322 7.17 45.05 35.58
N ARG B 323 7.29 45.60 36.79
CA ARG B 323 7.59 44.77 37.95
C ARG B 323 6.44 43.82 38.26
N LEU B 324 5.20 44.31 38.13
CA LEU B 324 4.05 43.46 38.40
C LEU B 324 4.02 42.26 37.45
N SER B 325 4.29 42.50 36.17
CA SER B 325 4.37 41.40 35.20
C SER B 325 5.51 40.45 35.55
N ARG B 326 6.69 41.01 35.85
CA ARG B 326 7.83 40.18 36.22
C ARG B 326 7.47 39.23 37.35
N ILE B 327 6.73 39.72 38.35
CA ILE B 327 6.43 38.89 39.50
C ILE B 327 5.29 37.93 39.21
N ALA B 328 4.29 38.36 38.44
CA ALA B 328 3.08 37.57 38.28
C ALA B 328 3.26 36.45 37.25
N PHE B 329 3.81 36.77 36.08
CA PHE B 329 3.84 35.79 35.00
C PHE B 329 4.51 34.49 35.42
N PRO B 330 5.70 34.50 36.01
CA PRO B 330 6.26 33.23 36.52
C PRO B 330 5.35 32.54 37.52
N LEU B 331 4.72 33.30 38.41
CA LEU B 331 3.84 32.68 39.42
C LEU B 331 2.64 32.01 38.76
N LEU B 332 1.99 32.71 37.83
CA LEU B 332 0.85 32.12 37.13
C LEU B 332 1.26 30.89 36.36
N PHE B 333 2.41 30.95 35.67
CA PHE B 333 2.86 29.80 34.90
C PHE B 333 3.15 28.61 35.81
N GLY B 334 3.78 28.85 36.96
CA GLY B 334 4.02 27.76 37.89
C GLY B 334 2.74 27.15 38.43
N ILE B 335 1.79 28.00 38.80
CA ILE B 335 0.51 27.48 39.30
C ILE B 335 -0.19 26.65 38.24
N PHE B 336 -0.19 27.14 37.00
CA PHE B 336 -0.83 26.38 35.92
C PHE B 336 -0.13 25.04 35.72
N ASN B 337 1.20 25.03 35.73
CA ASN B 337 1.92 23.78 35.53
C ASN B 337 1.56 22.79 36.63
N LEU B 338 1.56 23.24 37.87
CA LEU B 338 1.24 22.35 38.98
C LEU B 338 -0.17 21.78 38.82
N VAL B 339 -1.14 22.65 38.55
CA VAL B 339 -2.53 22.20 38.46
C VAL B 339 -2.70 21.23 37.29
N TYR B 340 -2.12 21.58 36.14
CA TYR B 340 -2.29 20.76 34.95
C TYR B 340 -1.66 19.39 35.12
N TRP B 341 -0.43 19.35 35.65
CA TRP B 341 0.24 18.08 35.83
C TRP B 341 -0.49 17.22 36.87
N ALA B 342 -0.97 17.83 37.95
CA ALA B 342 -1.74 17.05 38.92
C ALA B 342 -3.06 16.57 38.33
N THR B 343 -3.62 17.30 37.37
CA THR B 343 -4.91 16.93 36.83
C THR B 343 -4.85 15.63 36.02
N TYR B 344 -3.84 15.49 35.18
CA TYR B 344 -3.77 14.37 34.23
C TYR B 344 -2.93 13.21 34.70
N LEU B 345 -1.91 13.44 35.53
CA LEU B 345 -1.09 12.33 36.00
C LEU B 345 -1.83 11.46 37.02
N ASN B 346 -2.68 12.07 37.85
CA ASN B 346 -3.41 11.29 38.84
C ASN B 346 -4.39 10.33 38.18
N ARG B 347 -5.11 10.80 37.17
CA ARG B 347 -6.16 10.00 36.54
C ARG B 347 -5.76 9.59 35.13
N SER C 7 -26.31 -42.46 12.94
CA SER C 7 -27.29 -41.65 12.23
C SER C 7 -26.99 -40.17 12.41
N ASN C 8 -27.59 -39.33 11.58
CA ASN C 8 -27.41 -37.89 11.53
C ASN C 8 -26.02 -37.49 11.05
N MET C 9 -25.12 -38.44 10.81
CA MET C 9 -23.81 -38.16 10.24
C MET C 9 -23.63 -38.85 8.89
N SER C 10 -23.86 -40.15 8.82
CA SER C 10 -23.90 -40.83 7.53
C SER C 10 -25.05 -40.30 6.69
N LEU C 11 -26.18 -40.00 7.33
CA LEU C 11 -27.32 -39.44 6.61
C LEU C 11 -26.96 -38.09 5.98
N VAL C 12 -26.34 -37.21 6.76
CA VAL C 12 -25.95 -35.90 6.24
C VAL C 12 -24.90 -36.07 5.15
N LYS C 13 -23.94 -36.97 5.35
CA LYS C 13 -22.90 -37.17 4.35
C LYS C 13 -23.49 -37.64 3.03
N GLU C 14 -24.41 -38.61 3.07
CA GLU C 14 -24.99 -39.11 1.84
C GLU C 14 -25.90 -38.07 1.21
N THR C 15 -26.60 -37.28 2.01
CA THR C 15 -27.41 -36.19 1.45
C THR C 15 -26.52 -35.22 0.69
N VAL C 16 -25.42 -34.78 1.30
CA VAL C 16 -24.54 -33.81 0.67
C VAL C 16 -23.88 -34.43 -0.56
N ASP C 17 -23.51 -35.70 -0.49
CA ASP C 17 -22.92 -36.37 -1.65
C ASP C 17 -23.90 -36.43 -2.80
N ARG C 18 -25.16 -36.76 -2.52
CA ARG C 18 -26.18 -36.80 -3.56
C ARG C 18 -26.40 -35.42 -4.16
N LEU C 19 -26.41 -34.38 -3.32
CA LEU C 19 -26.60 -33.03 -3.83
C LEU C 19 -25.51 -32.66 -4.82
N LEU C 20 -24.25 -32.92 -4.47
CA LEU C 20 -23.13 -32.58 -5.32
C LEU C 20 -22.93 -33.55 -6.47
N LYS C 21 -23.61 -34.69 -6.46
CA LYS C 21 -23.49 -35.65 -7.55
C LYS C 21 -24.11 -35.08 -8.82
N GLY C 22 -23.36 -35.10 -9.91
CA GLY C 22 -23.87 -34.56 -11.17
C GLY C 22 -24.28 -33.11 -11.06
N TYR C 23 -23.51 -32.30 -10.34
CA TYR C 23 -23.79 -30.87 -10.19
C TYR C 23 -22.91 -30.10 -11.16
N ASP C 24 -23.53 -29.31 -12.03
CA ASP C 24 -22.83 -28.58 -13.07
C ASP C 24 -22.60 -27.16 -12.59
N ILE C 25 -21.40 -26.90 -12.05
CA ILE C 25 -21.06 -25.57 -11.58
C ILE C 25 -21.02 -24.57 -12.73
N ARG C 26 -20.91 -25.04 -13.97
CA ARG C 26 -20.89 -24.13 -15.11
C ARG C 26 -22.25 -23.52 -15.41
N LEU C 27 -23.33 -24.04 -14.83
CA LEU C 27 -24.68 -23.59 -15.12
C LEU C 27 -25.31 -22.96 -13.88
N ARG C 28 -25.95 -21.81 -14.07
CA ARG C 28 -26.67 -21.15 -13.00
C ARG C 28 -27.98 -21.87 -12.70
N PRO C 29 -28.58 -21.60 -11.55
CA PRO C 29 -29.92 -22.12 -11.28
C PRO C 29 -30.90 -21.68 -12.36
N ASP C 30 -31.65 -22.63 -12.90
CA ASP C 30 -32.56 -22.37 -14.02
C ASP C 30 -31.79 -21.77 -15.20
N PHE C 31 -30.85 -22.56 -15.72
CA PHE C 31 -29.93 -22.04 -16.74
C PHE C 31 -30.69 -21.57 -17.97
N GLY C 32 -31.65 -22.37 -18.43
CA GLY C 32 -32.47 -22.00 -19.56
C GLY C 32 -33.79 -21.37 -19.20
N GLY C 33 -34.04 -21.09 -17.93
CA GLY C 33 -35.32 -20.59 -17.48
C GLY C 33 -35.29 -19.10 -17.17
N PRO C 34 -36.11 -18.68 -16.22
CA PRO C 34 -36.16 -17.26 -15.87
C PRO C 34 -34.98 -16.87 -15.00
N PRO C 35 -34.73 -15.58 -14.83
CA PRO C 35 -33.57 -15.15 -14.04
C PRO C 35 -33.66 -15.62 -12.60
N VAL C 36 -32.49 -15.89 -12.02
CA VAL C 36 -32.38 -16.25 -10.61
C VAL C 36 -32.28 -14.96 -9.80
N ALA C 37 -33.04 -14.87 -8.72
CA ALA C 37 -33.07 -13.69 -7.88
C ALA C 37 -32.06 -13.83 -6.75
N VAL C 38 -31.21 -12.82 -6.58
CA VAL C 38 -30.16 -12.82 -5.58
C VAL C 38 -30.39 -11.63 -4.66
N GLY C 39 -30.61 -11.91 -3.37
CA GLY C 39 -30.81 -10.87 -2.39
C GLY C 39 -29.51 -10.51 -1.70
N MET C 40 -29.22 -9.21 -1.66
CA MET C 40 -27.97 -8.71 -1.11
C MET C 40 -28.19 -8.21 0.31
N ASN C 41 -27.33 -8.65 1.21
CA ASN C 41 -27.37 -8.23 2.61
C ASN C 41 -25.95 -7.85 3.02
N ILE C 42 -25.79 -6.69 3.64
CA ILE C 42 -24.49 -6.17 4.01
C ILE C 42 -24.52 -5.75 5.47
N ASP C 43 -23.41 -5.97 6.17
CA ASP C 43 -23.24 -5.55 7.56
C ASP C 43 -21.93 -4.79 7.64
N ILE C 44 -21.99 -3.46 7.58
CA ILE C 44 -20.77 -2.67 7.56
C ILE C 44 -20.01 -2.85 8.86
N ALA C 45 -18.75 -3.23 8.76
CA ALA C 45 -17.90 -3.39 9.93
C ALA C 45 -17.13 -2.12 10.27
N SER C 46 -16.65 -1.39 9.26
CA SER C 46 -15.94 -0.14 9.50
C SER C 46 -15.65 0.55 8.18
N ILE C 47 -15.53 1.87 8.24
CA ILE C 47 -15.00 2.66 7.13
C ILE C 47 -13.60 3.05 7.57
N ASP C 48 -12.62 2.26 7.15
CA ASP C 48 -11.32 2.27 7.81
C ASP C 48 -10.59 3.59 7.59
N MET C 49 -10.61 4.13 6.37
CA MET C 49 -9.93 5.38 6.12
C MET C 49 -10.48 6.00 4.84
N VAL C 50 -10.46 7.33 4.80
CA VAL C 50 -11.00 8.11 3.70
C VAL C 50 -9.94 9.14 3.32
N SER C 51 -9.26 8.92 2.19
CA SER C 51 -8.11 9.72 1.81
C SER C 51 -8.44 10.55 0.58
N GLU C 52 -8.21 11.87 0.68
CA GLU C 52 -8.36 12.74 -0.46
C GLU C 52 -7.18 12.61 -1.43
N VAL C 53 -6.02 12.19 -0.93
CA VAL C 53 -4.86 12.02 -1.79
C VAL C 53 -5.13 10.95 -2.84
N ASN C 54 -5.63 9.80 -2.41
CA ASN C 54 -5.92 8.69 -3.32
C ASN C 54 -7.35 8.69 -3.81
N MET C 55 -8.20 9.60 -3.31
CA MET C 55 -9.59 9.68 -3.75
C MET C 55 -10.29 8.33 -3.62
N ASP C 56 -10.18 7.73 -2.43
CA ASP C 56 -10.81 6.46 -2.16
C ASP C 56 -11.08 6.33 -0.67
N TYR C 57 -11.76 5.23 -0.32
CA TYR C 57 -12.03 4.91 1.08
C TYR C 57 -12.00 3.40 1.21
N THR C 58 -11.74 2.93 2.43
CA THR C 58 -11.63 1.51 2.71
C THR C 58 -12.82 1.06 3.53
N LEU C 59 -13.51 0.03 3.06
CA LEU C 59 -14.74 -0.45 3.67
C LEU C 59 -14.61 -1.93 3.97
N THR C 60 -14.78 -2.30 5.24
CA THR C 60 -14.84 -3.69 5.66
C THR C 60 -16.28 -4.04 5.96
N MET C 61 -16.73 -5.20 5.47
CA MET C 61 -18.14 -5.53 5.54
C MET C 61 -18.31 -7.04 5.47
N TYR C 62 -19.48 -7.50 5.93
CA TYR C 62 -19.90 -8.89 5.77
C TYR C 62 -20.90 -8.91 4.61
N PHE C 63 -20.45 -9.42 3.46
CA PHE C 63 -21.25 -9.42 2.25
C PHE C 63 -22.00 -10.75 2.16
N GLN C 64 -23.32 -10.69 2.27
CA GLN C 64 -24.18 -11.87 2.24
C GLN C 64 -25.02 -11.87 0.98
N GLN C 65 -25.12 -13.04 0.33
CA GLN C 65 -25.94 -13.24 -0.85
C GLN C 65 -26.84 -14.43 -0.63
N ALA C 66 -28.11 -14.30 -0.98
CA ALA C 66 -29.09 -15.36 -0.83
C ALA C 66 -29.78 -15.59 -2.16
N TRP C 67 -29.86 -16.86 -2.57
CA TRP C 67 -30.57 -17.23 -3.79
C TRP C 67 -31.09 -18.64 -3.60
N ARG C 68 -31.79 -19.13 -4.62
CA ARG C 68 -32.41 -20.45 -4.58
C ARG C 68 -31.82 -21.31 -5.69
N ASP C 69 -31.33 -22.48 -5.33
CA ASP C 69 -30.79 -23.46 -6.28
C ASP C 69 -31.53 -24.77 -6.05
N LYS C 70 -32.52 -25.05 -6.90
CA LYS C 70 -33.31 -26.26 -6.73
C LYS C 70 -32.47 -27.52 -6.82
N ARG C 71 -31.28 -27.45 -7.44
CA ARG C 71 -30.39 -28.60 -7.46
C ARG C 71 -29.84 -28.91 -6.08
N LEU C 72 -29.92 -27.97 -5.14
CA LEU C 72 -29.42 -28.14 -3.78
C LEU C 72 -30.56 -28.23 -2.78
N SER C 73 -31.64 -28.91 -3.18
CA SER C 73 -32.82 -29.09 -2.34
C SER C 73 -32.83 -30.50 -1.78
N TYR C 74 -33.04 -30.61 -0.47
CA TYR C 74 -33.10 -31.89 0.21
C TYR C 74 -34.27 -31.87 1.18
N ASN C 75 -34.84 -33.05 1.43
CA ASN C 75 -35.97 -33.17 2.33
C ASN C 75 -35.82 -34.31 3.32
N VAL C 76 -34.73 -35.08 3.26
CA VAL C 76 -34.57 -36.24 4.14
C VAL C 76 -34.01 -35.86 5.50
N ILE C 77 -33.52 -34.63 5.67
CA ILE C 77 -32.96 -34.18 6.94
C ILE C 77 -33.61 -32.86 7.31
N PRO C 78 -34.31 -32.75 8.44
CA PRO C 78 -34.86 -31.43 8.85
C PRO C 78 -33.94 -30.55 9.70
N LEU C 79 -32.97 -29.90 9.07
CA LEU C 79 -32.30 -28.77 9.71
C LEU C 79 -31.49 -28.02 8.65
N ASN C 80 -31.28 -26.74 8.90
CA ASN C 80 -30.39 -25.96 8.05
C ASN C 80 -28.97 -26.50 8.13
N LEU C 81 -28.32 -26.65 6.99
CA LEU C 81 -26.99 -27.22 6.89
C LEU C 81 -25.97 -26.10 6.75
N THR C 82 -25.03 -26.02 7.68
CA THR C 82 -23.83 -25.21 7.52
C THR C 82 -22.69 -26.14 7.17
N LEU C 83 -22.03 -25.88 6.05
CA LEU C 83 -20.96 -26.73 5.55
C LEU C 83 -19.65 -25.96 5.55
N ASP C 84 -18.55 -26.71 5.60
CA ASP C 84 -17.23 -26.11 5.56
C ASP C 84 -17.12 -25.19 4.36
N ASN C 85 -16.50 -24.02 4.57
CA ASN C 85 -16.55 -22.97 3.57
C ASN C 85 -15.98 -23.42 2.23
N ARG C 86 -15.15 -24.47 2.22
CA ARG C 86 -14.58 -24.96 0.97
C ARG C 86 -15.63 -25.53 0.04
N VAL C 87 -16.85 -25.79 0.52
CA VAL C 87 -17.91 -26.27 -0.35
C VAL C 87 -18.29 -25.23 -1.38
N ALA C 88 -18.05 -23.95 -1.08
CA ALA C 88 -18.42 -22.89 -2.01
C ALA C 88 -17.73 -23.04 -3.36
N ASP C 89 -16.61 -23.75 -3.41
CA ASP C 89 -15.91 -23.96 -4.66
C ASP C 89 -16.57 -25.01 -5.54
N GLN C 90 -17.33 -25.92 -4.95
CA GLN C 90 -18.03 -26.95 -5.71
C GLN C 90 -19.44 -26.54 -6.10
N LEU C 91 -19.94 -25.41 -5.61
CA LEU C 91 -21.27 -24.92 -5.91
C LEU C 91 -21.18 -23.71 -6.82
N TRP C 92 -22.34 -23.29 -7.32
CA TRP C 92 -22.45 -22.08 -8.13
C TRP C 92 -22.71 -20.89 -7.21
N VAL C 93 -21.97 -19.82 -7.42
CA VAL C 93 -22.18 -18.58 -6.68
C VAL C 93 -22.26 -17.44 -7.69
N PRO C 94 -23.08 -16.42 -7.46
CA PRO C 94 -23.18 -15.33 -8.43
C PRO C 94 -21.84 -14.61 -8.58
N ASP C 95 -21.58 -14.18 -9.81
CA ASP C 95 -20.32 -13.49 -10.12
C ASP C 95 -20.41 -12.00 -9.82
N THR C 96 -20.79 -11.69 -8.58
CA THR C 96 -20.91 -10.30 -8.16
C THR C 96 -19.54 -9.64 -8.12
N TYR C 97 -19.49 -8.36 -8.50
CA TYR C 97 -18.27 -7.59 -8.42
C TYR C 97 -18.62 -6.15 -8.12
N PHE C 98 -17.66 -5.43 -7.55
CA PHE C 98 -17.81 -4.01 -7.25
C PHE C 98 -17.07 -3.22 -8.30
N LEU C 99 -17.80 -2.44 -9.09
CA LEU C 99 -17.19 -1.77 -10.24
C LEU C 99 -16.12 -0.79 -9.81
N ASN C 100 -16.35 -0.06 -8.73
CA ASN C 100 -15.49 1.05 -8.36
C ASN C 100 -14.46 0.67 -7.29
N ASP C 101 -14.16 -0.61 -7.12
CA ASP C 101 -13.15 -1.03 -6.17
C ASP C 101 -11.79 -1.05 -6.84
N LYS C 102 -10.80 -0.45 -6.18
CA LYS C 102 -9.45 -0.45 -6.71
C LYS C 102 -8.69 -1.70 -6.27
N LYS C 103 -8.81 -2.06 -5.00
CA LYS C 103 -8.16 -3.25 -4.46
C LYS C 103 -9.00 -3.77 -3.31
N SER C 104 -9.27 -5.08 -3.31
CA SER C 104 -10.12 -5.69 -2.30
C SER C 104 -9.69 -7.13 -2.11
N PHE C 105 -10.06 -7.70 -0.96
CA PHE C 105 -9.71 -9.07 -0.66
C PHE C 105 -10.68 -9.64 0.36
N VAL C 106 -10.79 -10.97 0.35
CA VAL C 106 -11.53 -11.71 1.36
C VAL C 106 -10.57 -12.10 2.46
N HIS C 107 -10.93 -11.79 3.70
CA HIS C 107 -10.07 -12.14 4.83
C HIS C 107 -9.90 -13.65 4.90
N GLY C 108 -8.67 -14.08 5.19
CA GLY C 108 -8.34 -15.48 5.09
C GLY C 108 -7.67 -16.08 6.30
N VAL C 109 -7.93 -15.52 7.48
CA VAL C 109 -7.40 -16.03 8.74
C VAL C 109 -8.56 -16.24 9.70
N THR C 110 -8.62 -17.39 10.37
CA THR C 110 -7.65 -18.47 10.26
C THR C 110 -7.85 -19.25 8.96
N VAL C 111 -9.08 -19.23 8.44
CA VAL C 111 -9.39 -19.78 7.14
C VAL C 111 -10.14 -18.71 6.35
N LYS C 112 -10.41 -19.00 5.09
CA LYS C 112 -11.18 -18.08 4.25
C LYS C 112 -12.47 -17.70 4.96
N ASN C 113 -12.63 -16.40 5.22
CA ASN C 113 -13.81 -15.92 5.93
C ASN C 113 -15.01 -15.98 5.01
N ARG C 114 -15.52 -17.19 4.78
CA ARG C 114 -16.59 -17.43 3.83
C ARG C 114 -17.58 -18.39 4.46
N MET C 115 -18.86 -18.21 4.15
CA MET C 115 -19.94 -18.99 4.75
C MET C 115 -20.80 -19.61 3.66
N ILE C 116 -21.17 -20.87 3.85
CA ILE C 116 -22.17 -21.54 3.02
C ILE C 116 -23.19 -22.19 3.95
N ARG C 117 -24.44 -21.75 3.84
CA ARG C 117 -25.53 -22.29 4.63
C ARG C 117 -26.64 -22.72 3.68
N LEU C 118 -27.01 -23.99 3.73
CA LEU C 118 -28.04 -24.55 2.86
C LEU C 118 -29.32 -24.77 3.65
N HIS C 119 -30.45 -24.59 2.99
CA HIS C 119 -31.77 -24.80 3.56
C HIS C 119 -32.50 -25.87 2.76
N PRO C 120 -33.45 -26.57 3.37
CA PRO C 120 -34.09 -27.69 2.66
C PRO C 120 -34.75 -27.28 1.35
N ASP C 121 -35.32 -26.07 1.28
CA ASP C 121 -36.02 -25.65 0.07
C ASP C 121 -35.07 -25.36 -1.09
N GLY C 122 -33.77 -25.38 -0.86
CA GLY C 122 -32.79 -25.09 -1.88
C GLY C 122 -32.10 -23.75 -1.72
N THR C 123 -32.58 -22.91 -0.81
CA THR C 123 -31.97 -21.60 -0.61
C THR C 123 -30.53 -21.76 -0.17
N VAL C 124 -29.68 -20.84 -0.62
CA VAL C 124 -28.26 -20.83 -0.29
C VAL C 124 -27.92 -19.46 0.26
N LEU C 125 -27.45 -19.39 1.50
CA LEU C 125 -26.96 -18.17 2.09
C LEU C 125 -25.43 -18.18 2.04
N TYR C 126 -24.86 -17.22 1.33
CA TYR C 126 -23.43 -17.19 1.01
C TYR C 126 -22.85 -15.90 1.53
N GLY C 127 -21.93 -16.00 2.48
CA GLY C 127 -21.39 -14.84 3.17
C GLY C 127 -19.90 -14.71 2.96
N LEU C 128 -19.43 -13.46 3.00
CA LEU C 128 -18.01 -13.16 2.88
C LEU C 128 -17.69 -11.95 3.74
N ARG C 129 -16.52 -11.94 4.36
CA ARG C 129 -15.98 -10.75 5.00
C ARG C 129 -15.00 -10.13 4.02
N ILE C 130 -15.39 -8.98 3.46
CA ILE C 130 -14.65 -8.33 2.40
C ILE C 130 -14.25 -6.95 2.88
N THR C 131 -12.98 -6.59 2.69
CA THR C 131 -12.54 -5.21 2.83
C THR C 131 -12.05 -4.74 1.47
N THR C 132 -12.66 -3.67 0.98
CA THR C 132 -12.43 -3.17 -0.36
C THR C 132 -12.07 -1.69 -0.29
N THR C 133 -11.07 -1.30 -1.07
CA THR C 133 -10.74 0.11 -1.26
C THR C 133 -11.48 0.58 -2.51
N ALA C 134 -12.44 1.47 -2.33
CA ALA C 134 -13.31 1.92 -3.40
C ALA C 134 -13.01 3.37 -3.74
N ALA C 135 -13.05 3.68 -5.03
CA ALA C 135 -12.79 5.04 -5.49
C ALA C 135 -14.06 5.88 -5.38
N CYS C 136 -13.92 7.09 -4.86
CA CYS C 136 -14.99 8.08 -4.89
C CYS C 136 -14.34 9.44 -5.10
N MET C 137 -14.60 10.04 -6.27
CA MET C 137 -14.07 11.37 -6.53
C MET C 137 -14.68 12.38 -5.57
N MET C 138 -13.83 13.24 -5.04
CA MET C 138 -14.22 14.22 -4.03
C MET C 138 -14.13 15.62 -4.61
N ASP C 139 -15.14 16.43 -4.32
CA ASP C 139 -15.16 17.82 -4.72
C ASP C 139 -14.69 18.65 -3.53
N LEU C 140 -13.44 19.11 -3.59
CA LEU C 140 -12.80 19.77 -2.47
C LEU C 140 -12.94 21.29 -2.53
N ARG C 141 -13.87 21.81 -3.34
CA ARG C 141 -14.01 23.26 -3.45
C ARG C 141 -14.41 23.87 -2.11
N ARG C 142 -15.28 23.20 -1.35
CA ARG C 142 -15.68 23.66 -0.03
C ARG C 142 -14.83 23.03 1.06
N TYR C 143 -13.73 22.37 0.70
CA TYR C 143 -12.86 21.75 1.70
C TYR C 143 -12.33 22.82 2.64
N PRO C 144 -12.29 22.54 3.97
CA PRO C 144 -12.65 21.33 4.70
C PRO C 144 -14.08 21.34 5.22
N LEU C 145 -14.90 22.25 4.69
CA LEU C 145 -16.31 22.35 5.03
C LEU C 145 -17.20 21.60 4.06
N ASP C 146 -16.66 20.59 3.38
CA ASP C 146 -17.36 19.90 2.31
C ASP C 146 -18.08 18.67 2.84
N GLU C 147 -19.05 18.21 2.06
CA GLU C 147 -19.77 16.96 2.31
C GLU C 147 -19.57 16.05 1.11
N GLN C 148 -18.98 14.89 1.35
CA GLN C 148 -18.69 13.94 0.29
C GLN C 148 -19.76 12.86 0.22
N ASN C 149 -19.83 12.19 -0.92
CA ASN C 149 -20.83 11.17 -1.19
C ASN C 149 -20.11 10.02 -1.90
N CYS C 150 -19.61 9.07 -1.11
CA CYS C 150 -18.86 7.94 -1.64
C CYS C 150 -19.78 6.72 -1.71
N THR C 151 -19.64 5.95 -2.79
CA THR C 151 -20.59 4.92 -3.14
C THR C 151 -19.87 3.60 -3.39
N LEU C 152 -20.60 2.51 -3.22
CA LEU C 152 -20.13 1.18 -3.61
C LEU C 152 -21.13 0.60 -4.60
N GLU C 153 -20.66 0.31 -5.81
CA GLU C 153 -21.51 -0.09 -6.91
C GLU C 153 -21.41 -1.60 -7.10
N ILE C 154 -22.45 -2.33 -6.70
CA ILE C 154 -22.48 -3.78 -6.77
C ILE C 154 -23.18 -4.18 -8.06
N GLU C 155 -22.54 -5.06 -8.82
CA GLU C 155 -23.05 -5.42 -10.15
C GLU C 155 -22.66 -6.85 -10.48
N SER C 156 -23.42 -7.46 -11.39
CA SER C 156 -23.08 -8.75 -11.95
C SER C 156 -22.23 -8.57 -13.19
N TYR C 157 -21.21 -9.41 -13.34
CA TYR C 157 -20.30 -9.22 -14.46
C TYR C 157 -20.82 -9.89 -15.73
N GLY C 158 -21.01 -11.20 -15.69
CA GLY C 158 -21.30 -11.95 -16.90
C GLY C 158 -22.76 -12.19 -17.17
N TYR C 159 -23.61 -11.96 -16.18
CA TYR C 159 -25.03 -12.26 -16.28
C TYR C 159 -25.82 -10.97 -16.46
N THR C 160 -26.66 -10.94 -17.48
CA THR C 160 -27.51 -9.79 -17.75
C THR C 160 -28.77 -9.86 -16.90
N THR C 161 -29.66 -8.89 -17.08
CA THR C 161 -30.92 -8.90 -16.35
C THR C 161 -31.83 -10.04 -16.76
N ASP C 162 -31.53 -10.72 -17.87
CA ASP C 162 -32.28 -11.92 -18.23
C ASP C 162 -31.86 -13.12 -17.40
N ASP C 163 -30.62 -13.13 -16.90
CA ASP C 163 -30.07 -14.28 -16.19
C ASP C 163 -30.12 -14.12 -14.68
N ILE C 164 -30.00 -12.89 -14.17
CA ILE C 164 -29.89 -12.65 -12.74
C ILE C 164 -30.51 -11.31 -12.43
N GLU C 165 -31.09 -11.20 -11.23
CA GLU C 165 -31.62 -9.95 -10.74
C GLU C 165 -31.16 -9.75 -9.31
N PHE C 166 -30.88 -8.49 -8.96
CA PHE C 166 -30.39 -8.11 -7.65
C PHE C 166 -31.47 -7.35 -6.89
N TYR C 167 -31.58 -7.62 -5.60
CA TYR C 167 -32.49 -6.85 -4.75
C TYR C 167 -31.91 -6.80 -3.35
N TRP C 168 -32.27 -5.76 -2.61
CA TRP C 168 -31.84 -5.61 -1.23
C TRP C 168 -32.79 -6.39 -0.32
N ARG C 169 -32.25 -7.32 0.44
CA ARG C 169 -33.06 -8.12 1.35
C ARG C 169 -33.47 -7.27 2.53
N GLY C 170 -34.73 -6.84 2.56
CA GLY C 170 -35.23 -5.95 3.59
C GLY C 170 -35.51 -4.56 3.05
N ASP C 171 -34.59 -4.06 2.21
CA ASP C 171 -34.73 -2.80 1.50
C ASP C 171 -34.58 -1.60 2.42
N ASP C 172 -34.56 -1.82 3.72
CA ASP C 172 -34.14 -0.82 4.68
C ASP C 172 -33.16 -1.39 5.68
N ASN C 173 -33.38 -2.64 6.12
CA ASN C 173 -32.48 -3.34 7.01
C ASN C 173 -31.50 -4.23 6.24
N ALA C 174 -31.44 -4.08 4.92
CA ALA C 174 -30.46 -4.82 4.14
C ALA C 174 -29.04 -4.47 4.58
N VAL C 175 -28.80 -3.20 4.87
CA VAL C 175 -27.49 -2.71 5.29
C VAL C 175 -27.59 -2.32 6.76
N THR C 176 -26.72 -2.89 7.59
CA THR C 176 -26.72 -2.64 9.02
C THR C 176 -25.34 -2.20 9.46
N GLY C 177 -25.28 -1.60 10.64
CA GLY C 177 -24.03 -1.21 11.26
C GLY C 177 -23.52 0.16 10.88
N VAL C 178 -24.24 0.91 10.04
CA VAL C 178 -23.78 2.23 9.64
C VAL C 178 -23.74 3.16 10.83
N THR C 179 -24.78 3.13 11.67
CA THR C 179 -24.84 4.05 12.81
C THR C 179 -23.69 3.81 13.78
N LYS C 180 -23.17 2.59 13.83
CA LYS C 180 -22.06 2.27 14.73
C LYS C 180 -20.73 2.78 14.22
N ILE C 181 -20.61 3.07 12.93
CA ILE C 181 -19.32 3.45 12.36
C ILE C 181 -18.88 4.79 12.93
N GLU C 182 -17.61 4.89 13.28
CA GLU C 182 -17.01 6.13 13.74
C GLU C 182 -15.80 6.46 12.89
N LEU C 183 -15.73 7.70 12.41
CA LEU C 183 -14.61 8.16 11.61
C LEU C 183 -13.91 9.31 12.32
N PRO C 184 -12.58 9.34 12.34
CA PRO C 184 -11.90 10.41 13.08
C PRO C 184 -12.25 11.80 12.60
N GLN C 185 -12.48 11.99 11.30
CA GLN C 185 -12.70 13.30 10.71
C GLN C 185 -13.94 13.32 9.83
N PHE C 186 -14.92 12.47 10.11
CA PHE C 186 -16.10 12.39 9.27
C PHE C 186 -17.27 11.91 10.11
N SER C 187 -18.48 12.17 9.61
CA SER C 187 -19.71 11.67 10.20
C SER C 187 -20.65 11.25 9.09
N ILE C 188 -21.31 10.12 9.28
CA ILE C 188 -22.21 9.58 8.26
C ILE C 188 -23.56 10.26 8.42
N VAL C 189 -23.88 11.17 7.50
CA VAL C 189 -25.15 11.90 7.58
C VAL C 189 -26.32 10.96 7.31
N ASP C 190 -26.22 10.15 6.25
CA ASP C 190 -27.24 9.16 5.94
C ASP C 190 -26.69 8.25 4.86
N TYR C 191 -27.50 7.27 4.46
CA TYR C 191 -27.13 6.33 3.42
C TYR C 191 -28.37 5.92 2.65
N LYS C 192 -28.16 5.46 1.42
CA LYS C 192 -29.26 5.07 0.56
C LYS C 192 -28.92 3.75 -0.14
N LEU C 193 -29.96 2.94 -0.35
CA LEU C 193 -29.86 1.70 -1.11
C LEU C 193 -30.66 1.86 -2.39
N ILE C 194 -30.01 1.63 -3.53
CA ILE C 194 -30.59 1.90 -4.84
C ILE C 194 -30.53 0.62 -5.67
N THR C 195 -31.62 0.33 -6.37
CA THR C 195 -31.71 -0.80 -7.28
C THR C 195 -32.03 -0.27 -8.67
N LYS C 196 -31.15 -0.56 -9.63
CA LYS C 196 -31.32 -0.05 -10.99
C LYS C 196 -30.69 -1.04 -11.96
N LYS C 197 -30.59 -0.62 -13.22
CA LYS C 197 -29.97 -1.41 -14.27
C LYS C 197 -29.04 -0.52 -15.07
N VAL C 198 -27.92 -1.07 -15.50
CA VAL C 198 -26.94 -0.37 -16.30
C VAL C 198 -26.79 -1.09 -17.64
N VAL C 199 -26.70 -0.32 -18.71
CA VAL C 199 -26.61 -0.86 -20.06
C VAL C 199 -25.18 -0.71 -20.55
N PHE C 200 -24.59 -1.81 -20.98
CA PHE C 200 -23.29 -1.84 -21.61
C PHE C 200 -23.43 -2.39 -23.02
N SER C 201 -22.36 -2.28 -23.80
CA SER C 201 -22.40 -2.79 -25.17
C SER C 201 -22.74 -4.26 -25.20
N THR C 202 -22.43 -5.00 -24.14
CA THR C 202 -22.64 -6.45 -24.11
C THR C 202 -23.99 -6.84 -23.54
N GLY C 203 -24.76 -5.90 -23.02
CA GLY C 203 -26.09 -6.21 -22.51
C GLY C 203 -26.48 -5.25 -21.41
N SER C 204 -27.55 -5.61 -20.71
CA SER C 204 -28.06 -4.86 -19.58
C SER C 204 -27.87 -5.68 -18.32
N TYR C 205 -27.34 -5.05 -17.27
CA TYR C 205 -26.95 -5.78 -16.07
C TYR C 205 -27.61 -5.18 -14.84
N PRO C 206 -27.83 -5.99 -13.81
CA PRO C 206 -28.40 -5.46 -12.56
C PRO C 206 -27.32 -4.85 -11.68
N ARG C 207 -27.63 -3.67 -11.14
CA ARG C 207 -26.71 -2.97 -10.27
C ARG C 207 -27.41 -2.55 -9.00
N LEU C 208 -26.75 -2.77 -7.87
CA LEU C 208 -27.16 -2.18 -6.60
C LEU C 208 -26.10 -1.17 -6.18
N SER C 209 -26.53 -0.09 -5.54
CA SER C 209 -25.63 0.97 -5.10
C SER C 209 -25.91 1.30 -3.66
N LEU C 210 -24.90 1.15 -2.81
CA LEU C 210 -24.93 1.61 -1.43
C LEU C 210 -24.06 2.84 -1.33
N SER C 211 -24.62 3.95 -0.86
CA SER C 211 -23.92 5.22 -0.83
C SER C 211 -24.06 5.85 0.56
N PHE C 212 -23.05 6.64 0.93
CA PHE C 212 -23.02 7.32 2.20
C PHE C 212 -22.78 8.81 1.98
N LYS C 213 -23.43 9.63 2.79
CA LYS C 213 -23.19 11.06 2.81
C LYS C 213 -22.28 11.36 3.99
N LEU C 214 -21.09 11.87 3.71
CA LEU C 214 -20.07 12.13 4.73
C LEU C 214 -19.89 13.63 4.89
N LYS C 215 -20.00 14.10 6.13
CA LYS C 215 -19.78 15.50 6.47
C LYS C 215 -18.50 15.62 7.27
N ARG C 216 -17.58 16.46 6.81
CA ARG C 216 -16.27 16.56 7.44
C ARG C 216 -16.36 17.35 8.74
N ASN C 217 -15.65 16.86 9.76
CA ASN C 217 -15.59 17.54 11.05
C ASN C 217 -14.56 18.66 10.98
N ILE C 218 -15.02 19.91 11.18
CA ILE C 218 -14.13 21.06 11.13
C ILE C 218 -13.28 21.21 12.38
N GLY C 219 -13.57 20.46 13.45
CA GLY C 219 -12.89 20.70 14.71
C GLY C 219 -11.38 20.60 14.59
N TYR C 220 -10.89 19.56 13.93
CA TYR C 220 -9.45 19.40 13.77
C TYR C 220 -8.86 20.53 12.97
N PHE C 221 -9.50 20.87 11.84
CA PHE C 221 -8.94 21.87 10.95
C PHE C 221 -8.89 23.25 11.60
N ILE C 222 -9.81 23.53 12.52
CA ILE C 222 -9.79 24.83 13.19
C ILE C 222 -8.42 25.00 13.82
N LEU C 223 -8.11 24.18 14.81
CA LEU C 223 -6.84 24.32 15.53
C LEU C 223 -5.64 23.89 14.71
N GLN C 224 -5.83 23.29 13.54
CA GLN C 224 -4.68 22.95 12.70
C GLN C 224 -4.29 24.07 11.76
N THR C 225 -5.24 24.78 11.15
CA THR C 225 -4.95 25.75 10.12
C THR C 225 -5.58 27.11 10.35
N TYR C 226 -6.79 27.17 10.91
CA TYR C 226 -7.50 28.44 11.00
C TYR C 226 -6.98 29.27 12.16
N MET C 227 -6.84 28.68 13.34
CA MET C 227 -6.33 29.43 14.48
C MET C 227 -4.91 29.93 14.24
N PRO C 228 -3.96 29.13 13.75
CA PRO C 228 -2.63 29.68 13.48
C PRO C 228 -2.65 30.87 12.55
N SER C 229 -3.41 30.80 11.44
CA SER C 229 -3.44 31.93 10.52
C SER C 229 -4.07 33.16 11.18
N ILE C 230 -5.17 32.97 11.90
CA ILE C 230 -5.83 34.08 12.56
C ILE C 230 -4.86 34.76 13.52
N LEU C 231 -4.19 33.97 14.36
CA LEU C 231 -3.36 34.58 15.39
C LEU C 231 -2.05 35.12 14.82
N ILE C 232 -1.59 34.58 13.69
CA ILE C 232 -0.48 35.22 12.99
C ILE C 232 -0.90 36.58 12.47
N THR C 233 -2.15 36.71 11.99
CA THR C 233 -2.63 38.03 11.59
C THR C 233 -2.71 38.97 12.80
N ILE C 234 -3.17 38.44 13.93
CA ILE C 234 -3.19 39.24 15.17
C ILE C 234 -1.80 39.75 15.48
N LEU C 235 -0.81 38.86 15.41
CA LEU C 235 0.57 39.26 15.67
C LEU C 235 1.01 40.31 14.67
N SER C 236 0.63 40.16 13.40
CA SER C 236 1.04 41.13 12.39
C SER C 236 0.52 42.52 12.72
N TRP C 237 -0.72 42.61 13.20
CA TRP C 237 -1.26 43.92 13.52
C TRP C 237 -0.46 44.64 14.60
N VAL C 238 0.33 43.92 15.38
CA VAL C 238 1.09 44.53 16.46
C VAL C 238 2.05 45.59 15.95
N SER C 239 2.37 45.56 14.65
CA SER C 239 3.28 46.56 14.10
C SER C 239 2.79 47.97 14.35
N PHE C 240 1.47 48.17 14.30
CA PHE C 240 0.93 49.51 14.44
C PHE C 240 1.22 50.09 15.83
N TRP C 241 1.10 49.26 16.87
CA TRP C 241 1.28 49.77 18.22
C TRP C 241 2.73 50.19 18.46
N ILE C 242 3.69 49.47 17.87
CA ILE C 242 5.10 49.83 18.02
C ILE C 242 5.34 51.23 17.45
N ASN C 243 6.32 51.92 18.02
CA ASN C 243 6.70 53.23 17.52
C ASN C 243 7.18 53.13 16.07
N TYR C 244 6.67 54.02 15.22
CA TYR C 244 7.02 53.96 13.80
C TYR C 244 8.48 54.29 13.53
N ASP C 245 9.19 54.87 14.49
CA ASP C 245 10.60 55.16 14.29
C ASP C 245 11.41 53.87 14.12
N ALA C 246 11.11 52.86 14.92
CA ALA C 246 11.87 51.61 14.92
C ALA C 246 11.52 50.83 13.65
N SER C 247 12.14 51.24 12.55
CA SER C 247 11.86 50.61 11.25
C SER C 247 12.20 49.12 11.28
N ALA C 248 13.36 48.77 11.85
CA ALA C 248 13.81 47.39 11.83
C ALA C 248 12.84 46.47 12.55
N ALA C 249 12.32 46.92 13.69
CA ALA C 249 11.40 46.09 14.48
C ALA C 249 10.17 45.71 13.66
N ARG C 250 9.52 46.71 13.07
CA ARG C 250 8.32 46.45 12.28
C ARG C 250 8.63 45.62 11.05
N VAL C 251 9.80 45.84 10.43
CA VAL C 251 10.20 45.03 9.28
C VAL C 251 10.29 43.56 9.69
N ALA C 252 11.01 43.29 10.78
CA ALA C 252 11.15 41.91 11.24
C ALA C 252 9.79 41.29 11.53
N LEU C 253 8.94 42.05 12.22
CA LEU C 253 7.61 41.56 12.54
C LEU C 253 6.84 41.14 11.28
N GLY C 254 6.77 42.04 10.30
CA GLY C 254 6.01 41.75 9.11
C GLY C 254 6.57 40.58 8.31
N ILE C 255 7.88 40.56 8.13
CA ILE C 255 8.48 39.48 7.33
C ILE C 255 8.31 38.15 8.05
N THR C 256 8.40 38.15 9.37
CA THR C 256 8.17 36.93 10.14
C THR C 256 6.75 36.43 9.93
N THR C 257 5.77 37.34 9.95
CA THR C 257 4.39 36.91 9.71
C THR C 257 4.23 36.33 8.31
N VAL C 258 4.88 36.91 7.32
CA VAL C 258 4.78 36.37 5.97
C VAL C 258 5.37 34.97 5.90
N LEU C 259 6.53 34.77 6.54
CA LEU C 259 7.15 33.45 6.55
C LEU C 259 6.27 32.42 7.26
N THR C 260 5.64 32.82 8.37
CA THR C 260 4.73 31.90 9.05
C THR C 260 3.56 31.50 8.15
N MET C 261 2.98 32.46 7.44
CA MET C 261 1.92 32.10 6.51
C MET C 261 2.43 31.11 5.47
N THR C 262 3.64 31.34 4.96
CA THR C 262 4.21 30.42 3.98
C THR C 262 4.32 29.01 4.54
N THR C 263 4.84 28.88 5.77
CA THR C 263 5.02 27.54 6.32
C THR C 263 3.69 26.85 6.58
N ILE C 264 2.69 27.58 7.10
CA ILE C 264 1.39 26.95 7.28
C ILE C 264 0.85 26.45 5.95
N ASN C 265 0.96 27.26 4.90
CA ASN C 265 0.46 26.81 3.62
C ASN C 265 1.22 25.60 3.11
N THR C 266 2.54 25.56 3.30
CA THR C 266 3.31 24.41 2.84
C THR C 266 2.87 23.14 3.56
N HIS C 267 2.65 23.24 4.87
CA HIS C 267 2.17 22.08 5.61
C HIS C 267 0.81 21.63 5.11
N LEU C 268 -0.09 22.57 4.83
CA LEU C 268 -1.38 22.18 4.24
C LEU C 268 -1.19 21.53 2.87
N ARG C 269 -0.32 22.09 2.04
CA ARG C 269 -0.16 21.62 0.68
C ARG C 269 0.34 20.18 0.65
N GLU C 270 1.29 19.85 1.52
CA GLU C 270 1.85 18.50 1.48
C GLU C 270 0.77 17.44 1.65
N THR C 271 -0.16 17.65 2.57
CA THR C 271 -1.16 16.63 2.88
C THR C 271 -2.08 16.38 1.68
N LEU C 272 -2.54 17.44 1.02
CA LEU C 272 -3.56 17.34 -0.01
C LEU C 272 -2.95 16.97 -1.36
N PRO C 273 -3.78 16.54 -2.30
CA PRO C 273 -3.30 16.23 -3.64
C PRO C 273 -3.21 17.50 -4.49
N LYS C 274 -2.74 17.32 -5.72
CA LYS C 274 -2.63 18.42 -6.67
C LYS C 274 -3.97 18.59 -7.38
N ILE C 275 -4.68 19.66 -7.03
CA ILE C 275 -6.01 19.92 -7.58
C ILE C 275 -6.03 21.31 -8.21
N PRO C 276 -6.64 21.49 -9.38
CA PRO C 276 -6.59 22.80 -10.04
C PRO C 276 -7.35 23.89 -9.30
N TYR C 277 -8.60 23.61 -8.93
CA TYR C 277 -9.45 24.62 -8.36
C TYR C 277 -8.94 25.03 -6.97
N VAL C 278 -9.64 25.99 -6.36
CA VAL C 278 -9.23 26.62 -5.11
C VAL C 278 -10.20 26.21 -4.03
N LYS C 279 -9.66 25.75 -2.89
CA LYS C 279 -10.46 25.27 -1.78
C LYS C 279 -10.80 26.41 -0.82
N ALA C 280 -11.73 26.14 0.09
CA ALA C 280 -12.11 27.15 1.07
C ALA C 280 -10.96 27.47 2.01
N ILE C 281 -10.24 26.46 2.47
CA ILE C 281 -9.06 26.70 3.29
C ILE C 281 -8.03 27.49 2.49
N ASP C 282 -7.94 27.26 1.18
CA ASP C 282 -7.08 28.06 0.34
C ASP C 282 -7.54 29.51 0.27
N MET C 283 -8.86 29.73 0.18
CA MET C 283 -9.38 31.09 0.19
C MET C 283 -9.02 31.79 1.50
N TYR C 284 -9.20 31.10 2.62
CA TYR C 284 -8.87 31.70 3.91
C TYR C 284 -7.38 32.03 3.98
N LEU C 285 -6.55 31.13 3.48
CA LEU C 285 -5.11 31.39 3.53
C LEU C 285 -4.71 32.54 2.63
N MET C 286 -5.29 32.67 1.43
CA MET C 286 -5.00 33.86 0.64
C MET C 286 -5.47 35.12 1.36
N GLY C 287 -6.66 35.08 1.97
CA GLY C 287 -7.14 36.25 2.70
C GLY C 287 -6.17 36.67 3.80
N CYS C 288 -5.73 35.71 4.60
CA CYS C 288 -4.83 36.05 5.69
C CYS C 288 -3.48 36.54 5.18
N PHE C 289 -2.95 35.92 4.11
CA PHE C 289 -1.70 36.41 3.57
C PHE C 289 -1.87 37.82 3.02
N VAL C 290 -3.00 38.10 2.37
CA VAL C 290 -3.28 39.43 1.89
C VAL C 290 -3.26 40.42 3.05
N PHE C 291 -3.84 40.04 4.19
CA PHE C 291 -3.85 40.94 5.33
C PHE C 291 -2.43 41.21 5.83
N VAL C 292 -1.62 40.16 5.93
CA VAL C 292 -0.24 40.35 6.40
C VAL C 292 0.53 41.23 5.42
N PHE C 293 0.40 40.95 4.12
CA PHE C 293 1.09 41.72 3.10
C PHE C 293 0.64 43.17 3.12
N MET C 294 -0.65 43.40 3.35
CA MET C 294 -1.17 44.76 3.41
C MET C 294 -0.65 45.50 4.63
N ALA C 295 -0.50 44.79 5.76
CA ALA C 295 0.14 45.41 6.91
C ALA C 295 1.57 45.82 6.60
N LEU C 296 2.31 44.94 5.93
CA LEU C 296 3.68 45.29 5.55
C LEU C 296 3.72 46.49 4.61
N LEU C 297 2.82 46.53 3.64
CA LEU C 297 2.74 47.67 2.74
C LEU C 297 2.39 48.95 3.48
N GLU C 298 1.49 48.85 4.46
CA GLU C 298 1.14 50.01 5.27
C GLU C 298 2.35 50.53 6.03
N TYR C 299 3.13 49.61 6.61
CA TYR C 299 4.35 50.03 7.30
C TYR C 299 5.31 50.73 6.33
N ALA C 300 5.48 50.15 5.14
CA ALA C 300 6.36 50.78 4.15
C ALA C 300 5.85 52.16 3.76
N LEU C 301 4.54 52.32 3.64
CA LEU C 301 3.97 53.60 3.26
C LEU C 301 4.21 54.65 4.35
N VAL C 302 3.97 54.29 5.61
CA VAL C 302 4.20 55.24 6.68
C VAL C 302 5.68 55.59 6.77
N ASN C 303 6.56 54.62 6.48
CA ASN C 303 7.99 54.93 6.44
C ASN C 303 8.31 55.88 5.31
N TYR C 304 7.63 55.73 4.17
CA TYR C 304 7.94 56.58 3.01
C TYR C 304 7.63 58.05 3.30
N ILE C 305 6.50 58.32 3.97
CA ILE C 305 6.11 59.69 4.26
C ILE C 305 6.64 60.09 5.64
N PHE C 306 7.56 59.28 6.17
CA PHE C 306 8.14 59.60 7.47
C PHE C 306 8.90 60.92 7.43
N PHE C 307 9.74 61.10 6.41
CA PHE C 307 10.49 62.36 6.29
C PHE C 307 9.55 63.53 6.08
N SER C 308 8.48 63.33 5.32
CA SER C 308 7.46 64.34 5.13
C SER C 308 6.72 64.51 6.46
N GLN C 309 5.68 65.33 6.46
CA GLN C 309 4.91 65.65 7.66
C GLN C 309 4.63 64.36 8.45
N PRO C 310 5.24 64.18 9.62
CA PRO C 310 4.93 62.99 10.42
C PRO C 310 3.49 62.91 10.87
N ALA C 311 2.75 64.02 10.85
CA ALA C 311 1.35 63.98 11.26
C ALA C 311 0.56 63.05 10.35
N ARG C 312 0.81 63.10 9.04
CA ARG C 312 0.09 62.23 8.11
C ARG C 312 0.42 60.77 8.37
N ALA C 313 1.70 60.46 8.63
CA ALA C 313 2.07 59.09 8.95
C ALA C 313 1.38 58.62 10.23
N ALA C 314 1.34 59.47 11.24
CA ALA C 314 0.66 59.11 12.49
C ALA C 314 -0.83 58.88 12.24
N ALA C 315 -1.46 59.72 11.41
CA ALA C 315 -2.87 59.56 11.12
C ALA C 315 -3.12 58.25 10.39
N ILE C 316 -2.26 57.90 9.43
CA ILE C 316 -2.40 56.64 8.73
C ILE C 316 -2.24 55.46 9.69
N ASP C 317 -1.25 55.54 10.58
CA ASP C 317 -1.08 54.47 11.57
C ASP C 317 -2.30 54.35 12.46
N ARG C 318 -2.87 55.48 12.88
CA ARG C 318 -4.07 55.44 13.72
C ARG C 318 -5.23 54.82 12.96
N TRP C 319 -5.40 55.18 11.69
CA TRP C 319 -6.46 54.58 10.88
C TRP C 319 -6.30 53.07 10.83
N SER C 320 -5.07 52.60 10.54
CA SER C 320 -4.84 51.17 10.44
C SER C 320 -5.12 50.47 11.75
N ARG C 321 -4.68 51.06 12.87
CA ARG C 321 -4.82 50.44 14.18
C ARG C 321 -6.24 49.99 14.45
N ILE C 322 -7.23 50.69 13.90
CA ILE C 322 -8.62 50.36 14.11
C ILE C 322 -9.25 49.67 12.91
N PHE C 323 -8.81 49.98 11.69
CA PHE C 323 -9.44 49.37 10.52
C PHE C 323 -9.04 47.91 10.33
N PHE C 324 -7.76 47.59 10.52
CA PHE C 324 -7.32 46.24 10.20
C PHE C 324 -8.07 45.19 11.01
N PRO C 325 -8.19 45.29 12.34
CA PRO C 325 -9.04 44.34 13.06
C PRO C 325 -10.47 44.33 12.57
N VAL C 326 -11.03 45.51 12.26
CA VAL C 326 -12.41 45.57 11.81
C VAL C 326 -12.57 44.88 10.47
N VAL C 327 -11.69 45.19 9.52
CA VAL C 327 -11.79 44.60 8.19
C VAL C 327 -11.58 43.10 8.26
N PHE C 328 -10.63 42.65 9.09
CA PHE C 328 -10.41 41.21 9.23
C PHE C 328 -11.62 40.53 9.83
N SER C 329 -12.24 41.15 10.84
CA SER C 329 -13.45 40.57 11.42
C SER C 329 -14.57 40.48 10.39
N PHE C 330 -14.75 41.54 9.60
CA PHE C 330 -15.77 41.51 8.56
C PHE C 330 -15.49 40.42 7.54
N PHE C 331 -14.22 40.28 7.14
CA PHE C 331 -13.84 39.23 6.20
C PHE C 331 -14.12 37.85 6.78
N ASN C 332 -13.84 37.67 8.06
CA ASN C 332 -14.15 36.40 8.71
C ASN C 332 -15.65 36.12 8.71
N ILE C 333 -16.46 37.14 9.03
CA ILE C 333 -17.90 36.95 9.02
C ILE C 333 -18.37 36.53 7.62
N VAL C 334 -17.88 37.23 6.59
CA VAL C 334 -18.31 36.93 5.23
C VAL C 334 -17.89 35.52 4.85
N TYR C 335 -16.63 35.17 5.12
CA TYR C 335 -16.13 33.85 4.74
C TYR C 335 -16.89 32.74 5.44
N TRP C 336 -17.13 32.88 6.74
CA TRP C 336 -17.78 31.81 7.49
C TRP C 336 -19.27 31.73 7.21
N LEU C 337 -19.90 32.84 6.81
CA LEU C 337 -21.30 32.78 6.41
C LEU C 337 -21.46 32.20 5.01
N TYR C 338 -20.50 32.47 4.12
CA TYR C 338 -20.58 31.91 2.77
C TYR C 338 -20.48 30.39 2.78
N TYR C 339 -19.58 29.84 3.59
CA TYR C 339 -19.30 28.40 3.57
C TYR C 339 -20.15 27.63 4.57
N VAL C 340 -21.10 28.29 5.24
CA VAL C 340 -22.00 27.60 6.15
C VAL C 340 -23.43 28.05 5.87
N ASP D 10 -32.15 -32.94 -13.95
CA ASP D 10 -32.85 -32.67 -15.19
C ASP D 10 -33.10 -31.18 -15.34
N ASN D 11 -33.66 -30.80 -16.51
CA ASN D 11 -33.91 -29.40 -16.87
C ASN D 11 -32.61 -28.67 -17.20
N THR D 12 -31.47 -29.32 -16.94
CA THR D 12 -30.18 -28.82 -17.38
C THR D 12 -29.28 -29.95 -17.89
N THR D 13 -29.73 -31.20 -17.84
CA THR D 13 -28.90 -32.29 -18.33
C THR D 13 -28.64 -32.16 -19.81
N VAL D 14 -29.56 -31.57 -20.57
CA VAL D 14 -29.31 -31.32 -21.98
C VAL D 14 -28.16 -30.34 -22.14
N PHE D 15 -28.16 -29.26 -21.35
CA PHE D 15 -27.07 -28.29 -21.43
C PHE D 15 -25.76 -28.87 -20.93
N THR D 16 -25.81 -29.69 -19.88
CA THR D 16 -24.60 -30.35 -19.43
C THR D 16 -24.04 -31.26 -20.51
N ARG D 17 -24.91 -31.99 -21.21
CA ARG D 17 -24.46 -32.82 -22.32
C ARG D 17 -23.85 -31.97 -23.42
N ILE D 18 -24.48 -30.84 -23.75
CA ILE D 18 -23.93 -29.96 -24.77
C ILE D 18 -22.53 -29.50 -24.39
N LEU D 19 -22.36 -29.02 -23.16
CA LEU D 19 -21.06 -28.52 -22.74
C LEU D 19 -20.03 -29.64 -22.71
N ASP D 20 -20.39 -30.82 -22.21
CA ASP D 20 -19.46 -31.93 -22.15
C ASP D 20 -19.05 -32.35 -23.56
N ARG D 21 -19.98 -32.33 -24.51
CA ARG D 21 -19.66 -32.64 -25.90
C ARG D 21 -18.70 -31.61 -26.48
N LEU D 22 -18.91 -30.33 -26.16
CA LEU D 22 -18.04 -29.29 -26.71
C LEU D 22 -16.60 -29.51 -26.29
N LEU D 23 -16.37 -29.79 -25.01
CA LEU D 23 -15.01 -29.97 -24.52
C LEU D 23 -14.42 -31.31 -24.94
N ASP D 24 -15.26 -32.30 -25.21
CA ASP D 24 -14.76 -33.63 -25.56
C ASP D 24 -13.94 -33.54 -26.84
N GLY D 25 -12.73 -34.08 -26.79
CA GLY D 25 -11.84 -34.02 -27.95
C GLY D 25 -11.50 -32.60 -28.36
N TYR D 26 -11.34 -31.71 -27.38
CA TYR D 26 -10.99 -30.32 -27.63
C TYR D 26 -9.59 -30.07 -27.10
N ASP D 27 -8.70 -29.61 -27.98
CA ASP D 27 -7.33 -29.29 -27.61
C ASP D 27 -7.20 -27.78 -27.51
N ASN D 28 -7.08 -27.27 -26.29
CA ASN D 28 -6.98 -25.84 -26.06
C ASN D 28 -5.56 -25.32 -26.20
N ARG D 29 -4.60 -26.18 -26.55
CA ARG D 29 -3.26 -25.75 -26.90
C ARG D 29 -3.16 -25.24 -28.32
N LEU D 30 -4.16 -25.48 -29.15
CA LEU D 30 -4.15 -25.11 -30.56
C LEU D 30 -5.17 -24.02 -30.81
N ARG D 31 -4.75 -22.98 -31.53
CA ARG D 31 -5.66 -21.91 -31.87
C ARG D 31 -6.70 -22.41 -32.88
N PRO D 32 -7.87 -21.79 -32.93
CA PRO D 32 -8.86 -22.19 -33.93
C PRO D 32 -8.34 -21.97 -35.34
N GLY D 33 -8.63 -22.94 -36.21
CA GLY D 33 -8.13 -22.87 -37.58
C GLY D 33 -6.63 -22.86 -37.64
N LEU D 34 -5.99 -23.77 -36.91
CA LEU D 34 -4.53 -23.76 -36.82
C LEU D 34 -3.87 -23.88 -38.19
N GLY D 35 -4.37 -24.77 -39.04
CA GLY D 35 -3.75 -25.01 -40.33
C GLY D 35 -4.49 -24.38 -41.48
N GLU D 36 -5.81 -24.23 -41.35
CA GLU D 36 -6.63 -23.79 -42.48
C GLU D 36 -6.52 -22.28 -42.71
N ARG D 37 -6.45 -21.48 -41.65
CA ARG D 37 -6.60 -20.04 -41.80
C ARG D 37 -5.87 -19.34 -40.66
N VAL D 38 -6.05 -18.02 -40.59
CA VAL D 38 -5.45 -17.16 -39.57
C VAL D 38 -6.53 -16.79 -38.56
N THR D 39 -6.22 -16.90 -37.28
CA THR D 39 -7.16 -16.54 -36.23
C THR D 39 -7.31 -15.03 -36.16
N GLU D 40 -8.53 -14.54 -36.36
CA GLU D 40 -8.80 -13.11 -36.39
C GLU D 40 -9.54 -12.76 -35.11
N VAL D 41 -8.88 -11.99 -34.24
CA VAL D 41 -9.43 -11.61 -32.95
C VAL D 41 -9.91 -10.18 -33.04
N LYS D 42 -11.19 -9.95 -32.74
CA LYS D 42 -11.76 -8.62 -32.75
C LYS D 42 -11.75 -8.07 -31.32
N THR D 43 -11.10 -6.92 -31.14
CA THR D 43 -10.87 -6.36 -29.83
C THR D 43 -11.66 -5.08 -29.64
N ASP D 44 -12.01 -4.81 -28.38
CA ASP D 44 -12.77 -3.63 -28.02
C ASP D 44 -12.45 -3.28 -26.58
N ILE D 45 -12.42 -1.99 -26.27
CA ILE D 45 -12.09 -1.51 -24.93
C ILE D 45 -13.16 -0.53 -24.49
N PHE D 46 -13.67 -0.73 -23.27
CA PHE D 46 -14.52 0.23 -22.61
C PHE D 46 -13.82 0.69 -21.34
N VAL D 47 -13.51 1.97 -21.25
CA VAL D 47 -12.75 2.52 -20.14
C VAL D 47 -13.74 2.99 -19.09
N THR D 48 -13.94 2.18 -18.05
CA THR D 48 -14.84 2.56 -16.97
C THR D 48 -14.26 3.68 -16.11
N SER D 49 -12.95 3.91 -16.18
CA SER D 49 -12.33 5.01 -15.47
C SER D 49 -10.90 5.20 -15.93
N PHE D 50 -10.51 6.45 -16.21
CA PHE D 50 -9.15 6.77 -16.59
C PHE D 50 -8.42 7.22 -15.33
N GLY D 51 -7.58 6.33 -14.80
CA GLY D 51 -7.01 6.52 -13.50
C GLY D 51 -6.08 7.71 -13.45
N PRO D 52 -5.59 8.02 -12.25
CA PRO D 52 -4.66 9.14 -12.12
C PRO D 52 -3.37 8.89 -12.86
N VAL D 53 -2.76 9.97 -13.34
CA VAL D 53 -1.48 9.92 -14.02
C VAL D 53 -0.39 10.19 -13.01
N SER D 54 0.63 9.33 -12.98
CA SER D 54 1.75 9.47 -12.07
C SER D 54 2.95 10.00 -12.86
N ASP D 55 3.33 11.25 -12.60
CA ASP D 55 4.44 11.85 -13.32
C ASP D 55 5.78 11.31 -12.82
N HIS D 56 5.93 11.13 -11.51
CA HIS D 56 7.18 10.60 -10.99
C HIS D 56 7.49 9.24 -11.59
N ASP D 57 6.49 8.35 -11.62
CA ASP D 57 6.65 7.05 -12.26
C ASP D 57 6.44 7.10 -13.76
N MET D 58 5.91 8.21 -14.28
CA MET D 58 5.63 8.36 -15.71
C MET D 58 4.75 7.22 -16.22
N GLU D 59 3.66 6.97 -15.48
CA GLU D 59 2.68 5.96 -15.82
C GLU D 59 1.29 6.50 -15.55
N TYR D 60 0.29 5.85 -16.12
CA TYR D 60 -1.10 6.15 -15.85
C TYR D 60 -1.84 4.85 -15.59
N THR D 61 -2.86 4.92 -14.74
CA THR D 61 -3.73 3.80 -14.46
C THR D 61 -5.00 3.93 -15.29
N ILE D 62 -5.50 2.80 -15.76
CA ILE D 62 -6.73 2.77 -16.54
C ILE D 62 -7.47 1.48 -16.21
N ASP D 63 -8.75 1.62 -15.87
CA ASP D 63 -9.61 0.47 -15.57
C ASP D 63 -10.56 0.27 -16.74
N VAL D 64 -10.58 -0.95 -17.29
CA VAL D 64 -11.23 -1.21 -18.56
C VAL D 64 -12.01 -2.52 -18.52
N PHE D 65 -13.01 -2.61 -19.38
CA PHE D 65 -13.59 -3.89 -19.79
C PHE D 65 -12.91 -4.25 -21.11
N PHE D 66 -12.05 -5.27 -21.08
CA PHE D 66 -11.29 -5.67 -22.25
C PHE D 66 -12.05 -6.78 -22.95
N ARG D 67 -12.62 -6.48 -24.11
CA ARG D 67 -13.47 -7.40 -24.85
C ARG D 67 -12.73 -7.94 -26.07
N GLN D 68 -12.74 -9.25 -26.23
CA GLN D 68 -12.16 -9.90 -27.40
C GLN D 68 -13.16 -10.90 -27.95
N SER D 69 -13.24 -10.99 -29.27
CA SER D 69 -14.14 -11.92 -29.93
C SER D 69 -13.41 -12.60 -31.07
N TRP D 70 -13.63 -13.90 -31.21
CA TRP D 70 -13.07 -14.69 -32.28
C TRP D 70 -13.99 -15.87 -32.54
N LYS D 71 -13.78 -16.53 -33.68
CA LYS D 71 -14.64 -17.63 -34.11
C LYS D 71 -13.90 -18.94 -33.93
N ASP D 72 -14.55 -19.89 -33.26
CA ASP D 72 -13.99 -21.22 -33.02
C ASP D 72 -14.94 -22.25 -33.60
N GLU D 73 -14.52 -22.92 -34.67
CA GLU D 73 -15.37 -23.91 -35.31
C GLU D 73 -15.65 -25.08 -34.37
N ARG D 74 -14.68 -25.45 -33.54
CA ARG D 74 -14.83 -26.58 -32.65
C ARG D 74 -15.91 -26.39 -31.60
N LEU D 75 -16.37 -25.16 -31.38
CA LEU D 75 -17.37 -24.86 -30.37
C LEU D 75 -18.76 -24.65 -30.94
N LYS D 76 -18.99 -25.02 -32.19
CA LYS D 76 -20.34 -24.98 -32.75
C LYS D 76 -21.22 -25.99 -32.03
N PHE D 77 -22.48 -25.61 -31.83
CA PHE D 77 -23.42 -26.47 -31.12
C PHE D 77 -24.83 -26.18 -31.60
N LYS D 78 -25.72 -27.15 -31.35
CA LYS D 78 -27.14 -27.00 -31.59
C LYS D 78 -27.87 -27.26 -30.28
N GLY D 79 -28.73 -26.33 -29.88
CA GLY D 79 -29.46 -26.45 -28.64
C GLY D 79 -30.64 -25.50 -28.57
N PRO D 80 -31.39 -25.58 -27.48
CA PRO D 80 -32.55 -24.68 -27.33
C PRO D 80 -32.18 -23.21 -27.24
N MET D 81 -30.95 -22.90 -26.85
CA MET D 81 -30.50 -21.52 -26.65
C MET D 81 -29.45 -21.17 -27.69
N THR D 82 -29.56 -19.98 -28.27
CA THR D 82 -28.64 -19.56 -29.32
C THR D 82 -27.29 -19.12 -28.74
N VAL D 83 -27.28 -18.53 -27.55
CA VAL D 83 -26.06 -18.03 -26.93
C VAL D 83 -25.94 -18.62 -25.54
N LEU D 84 -24.80 -19.23 -25.23
CA LEU D 84 -24.53 -19.83 -23.93
C LEU D 84 -23.73 -18.85 -23.08
N ARG D 85 -24.38 -18.24 -22.09
CA ARG D 85 -23.70 -17.36 -21.15
C ARG D 85 -23.14 -18.22 -20.03
N LEU D 86 -21.85 -18.53 -20.11
CA LEU D 86 -21.22 -19.49 -19.22
C LEU D 86 -20.35 -18.78 -18.19
N ASN D 87 -19.97 -19.52 -17.15
CA ASN D 87 -19.08 -18.95 -16.14
C ASN D 87 -17.70 -18.70 -16.71
N ASN D 88 -16.95 -17.85 -16.01
CA ASN D 88 -15.57 -17.57 -16.40
C ASN D 88 -14.71 -18.83 -16.37
N LEU D 89 -14.96 -19.75 -15.42
CA LEU D 89 -14.11 -20.93 -15.31
C LEU D 89 -14.12 -21.76 -16.58
N MET D 90 -15.19 -21.69 -17.37
CA MET D 90 -15.20 -22.37 -18.66
C MET D 90 -14.14 -21.80 -19.59
N ALA D 91 -13.76 -20.54 -19.40
CA ALA D 91 -12.80 -19.91 -20.31
C ALA D 91 -11.42 -20.55 -20.22
N SER D 92 -11.09 -21.14 -19.07
CA SER D 92 -9.79 -21.76 -18.93
C SER D 92 -9.69 -23.10 -19.65
N LYS D 93 -10.82 -23.73 -19.95
CA LYS D 93 -10.81 -25.02 -20.64
C LYS D 93 -10.69 -24.89 -22.15
N ILE D 94 -10.87 -23.70 -22.71
CA ILE D 94 -10.85 -23.50 -24.14
C ILE D 94 -9.69 -22.56 -24.49
N TRP D 95 -9.37 -22.51 -25.78
CA TRP D 95 -8.33 -21.61 -26.25
C TRP D 95 -8.83 -20.18 -26.22
N THR D 96 -8.03 -19.29 -25.64
CA THR D 96 -8.28 -17.87 -25.65
C THR D 96 -7.00 -17.14 -26.04
N PRO D 97 -7.11 -15.99 -26.71
CA PRO D 97 -5.89 -15.29 -27.15
C PRO D 97 -5.05 -14.87 -25.96
N ASP D 98 -3.74 -14.93 -26.13
CA ASP D 98 -2.80 -14.53 -25.09
C ASP D 98 -2.34 -13.09 -25.31
N THR D 99 -3.30 -12.18 -25.25
CA THR D 99 -3.02 -10.77 -25.42
C THR D 99 -2.19 -10.27 -24.25
N PHE D 100 -1.27 -9.36 -24.52
CA PHE D 100 -0.50 -8.70 -23.48
C PHE D 100 -0.27 -7.26 -23.89
N PHE D 101 -0.02 -6.41 -22.90
CA PHE D 101 0.14 -4.98 -23.13
C PHE D 101 1.63 -4.67 -23.26
N HIS D 102 2.01 -4.15 -24.43
CA HIS D 102 3.42 -3.95 -24.74
C HIS D 102 4.08 -3.00 -23.75
N ASN D 103 3.39 -1.93 -23.38
CA ASN D 103 3.91 -0.92 -22.48
C ASN D 103 3.29 -1.01 -21.09
N GLY D 104 2.71 -2.16 -20.74
CA GLY D 104 2.10 -2.33 -19.43
C GLY D 104 3.14 -2.69 -18.39
N LYS D 105 3.12 -1.97 -17.27
CA LYS D 105 4.09 -2.20 -16.21
C LYS D 105 3.61 -3.25 -15.21
N LYS D 106 2.47 -3.00 -14.56
CA LYS D 106 1.92 -3.93 -13.59
C LYS D 106 0.40 -3.83 -13.64
N SER D 107 -0.22 -4.83 -14.25
CA SER D 107 -1.67 -4.86 -14.44
C SER D 107 -2.26 -5.96 -13.60
N VAL D 108 -3.41 -5.68 -12.98
CA VAL D 108 -4.09 -6.62 -12.10
C VAL D 108 -5.40 -7.03 -12.75
N ALA D 109 -5.65 -8.33 -12.82
CA ALA D 109 -6.94 -8.86 -13.21
C ALA D 109 -7.81 -8.99 -11.96
N HIS D 110 -8.93 -8.29 -11.96
CA HIS D 110 -9.76 -8.23 -10.77
C HIS D 110 -10.42 -9.56 -10.47
N ASN D 111 -10.61 -9.88 -9.19
CA ASN D 111 -11.12 -11.21 -8.84
C ASN D 111 -12.16 -11.24 -7.71
N MET D 112 -12.72 -10.09 -7.38
CA MET D 112 -13.73 -10.01 -6.33
C MET D 112 -15.11 -9.80 -6.96
N THR D 113 -16.09 -10.56 -6.49
CA THR D 113 -15.87 -11.65 -5.54
C THR D 113 -15.35 -12.85 -6.29
N MET D 114 -15.72 -12.95 -7.56
CA MET D 114 -15.25 -14.02 -8.42
C MET D 114 -14.52 -13.40 -9.59
N PRO D 115 -13.76 -14.23 -10.35
CA PRO D 115 -13.01 -13.59 -11.44
C PRO D 115 -13.93 -12.79 -12.33
N ASN D 116 -13.60 -11.53 -12.52
CA ASN D 116 -14.44 -10.66 -13.35
C ASN D 116 -14.16 -10.97 -14.81
N LYS D 117 -14.71 -12.09 -15.26
CA LYS D 117 -14.60 -12.52 -16.65
C LYS D 117 -15.93 -13.12 -17.08
N LEU D 118 -16.24 -12.98 -18.36
CA LEU D 118 -17.43 -13.58 -18.94
C LEU D 118 -17.05 -14.26 -20.24
N LEU D 119 -17.70 -15.39 -20.51
CA LEU D 119 -17.52 -16.11 -21.76
C LEU D 119 -18.89 -16.42 -22.33
N ARG D 120 -19.12 -16.02 -23.58
CA ARG D 120 -20.37 -16.27 -24.28
C ARG D 120 -20.07 -16.98 -25.59
N ILE D 121 -20.79 -18.07 -25.85
CA ILE D 121 -20.61 -18.89 -27.04
C ILE D 121 -21.89 -18.86 -27.84
N THR D 122 -21.77 -18.53 -29.12
CA THR D 122 -22.90 -18.53 -30.04
C THR D 122 -22.92 -19.83 -30.84
N GLU D 123 -24.11 -20.25 -31.24
CA GLU D 123 -24.26 -21.54 -31.90
C GLU D 123 -23.44 -21.64 -33.18
N ASP D 124 -23.07 -20.50 -33.77
CA ASP D 124 -22.24 -20.51 -34.97
C ASP D 124 -20.75 -20.67 -34.66
N GLY D 125 -20.38 -20.69 -33.37
CA GLY D 125 -19.00 -20.83 -32.96
C GLY D 125 -18.33 -19.57 -32.51
N THR D 126 -18.96 -18.41 -32.69
CA THR D 126 -18.35 -17.17 -32.26
C THR D 126 -18.26 -17.11 -30.74
N LEU D 127 -17.18 -16.51 -30.25
CA LEU D 127 -16.94 -16.36 -28.82
C LEU D 127 -16.79 -14.89 -28.47
N LEU D 128 -17.35 -14.50 -27.33
CA LEU D 128 -17.08 -13.20 -26.73
C LEU D 128 -16.45 -13.45 -25.37
N TYR D 129 -15.33 -12.78 -25.13
CA TYR D 129 -14.54 -13.00 -23.91
C TYR D 129 -14.13 -11.63 -23.37
N THR D 130 -14.82 -11.18 -22.33
CA THR D 130 -14.56 -9.89 -21.73
C THR D 130 -13.97 -10.10 -20.33
N MET D 131 -13.02 -9.24 -19.97
CA MET D 131 -12.42 -9.26 -18.64
C MET D 131 -12.25 -7.84 -18.14
N ARG D 132 -12.27 -7.70 -16.82
CA ARG D 132 -12.08 -6.41 -16.17
C ARG D 132 -10.63 -6.32 -15.69
N LEU D 133 -9.96 -5.22 -16.02
CA LEU D 133 -8.54 -5.07 -15.77
C LEU D 133 -8.26 -3.67 -15.26
N THR D 134 -7.18 -3.55 -14.50
CA THR D 134 -6.60 -2.25 -14.17
C THR D 134 -5.19 -2.26 -14.75
N VAL D 135 -5.00 -1.56 -15.86
CA VAL D 135 -3.72 -1.55 -16.56
C VAL D 135 -2.93 -0.35 -16.09
N ARG D 136 -1.68 -0.59 -15.70
CA ARG D 136 -0.72 0.48 -15.40
C ARG D 136 0.32 0.46 -16.50
N ALA D 137 0.24 1.43 -17.40
CA ALA D 137 1.07 1.48 -18.59
C ALA D 137 2.01 2.67 -18.51
N GLU D 138 3.22 2.51 -19.02
CA GLU D 138 4.20 3.58 -19.03
C GLU D 138 3.84 4.60 -20.11
N CYS D 139 3.86 5.88 -19.74
CA CYS D 139 3.52 6.98 -20.65
C CYS D 139 4.72 7.92 -20.70
N PRO D 140 5.65 7.72 -21.63
CA PRO D 140 6.81 8.61 -21.70
C PRO D 140 6.39 10.05 -21.94
N MET D 141 7.08 10.97 -21.27
CA MET D 141 6.71 12.38 -21.28
C MET D 141 7.95 13.23 -21.47
N HIS D 142 7.81 14.27 -22.29
CA HIS D 142 8.80 15.31 -22.43
C HIS D 142 8.27 16.54 -21.71
N LEU D 143 8.90 16.87 -20.59
CA LEU D 143 8.39 17.90 -19.69
C LEU D 143 9.08 19.25 -19.90
N GLU D 144 9.45 19.56 -21.14
CA GLU D 144 10.08 20.85 -21.41
C GLU D 144 9.09 21.99 -21.26
N ASP D 145 7.80 21.73 -21.48
CA ASP D 145 6.76 22.74 -21.36
C ASP D 145 6.00 22.64 -20.05
N PHE D 146 6.50 21.87 -19.10
CA PHE D 146 5.80 21.69 -17.83
C PHE D 146 5.67 23.05 -17.15
N PRO D 147 4.51 23.37 -16.55
CA PRO D 147 3.26 22.60 -16.42
C PRO D 147 2.26 22.84 -17.54
N MET D 148 2.66 23.58 -18.56
CA MET D 148 1.80 23.81 -19.73
C MET D 148 2.15 22.82 -20.85
N ASP D 149 2.01 21.54 -20.52
CA ASP D 149 2.40 20.45 -21.40
C ASP D 149 1.21 19.51 -21.64
N ALA D 150 1.24 18.84 -22.78
CA ALA D 150 0.23 17.86 -23.15
C ALA D 150 0.93 16.60 -23.65
N HIS D 151 0.34 15.45 -23.36
CA HIS D 151 0.93 14.18 -23.70
C HIS D 151 -0.11 13.26 -24.32
N ALA D 152 0.37 12.37 -25.19
CA ALA D 152 -0.44 11.32 -25.79
C ALA D 152 0.00 10.01 -25.16
N CYS D 153 -0.64 9.63 -24.06
CA CYS D 153 -0.25 8.43 -23.35
C CYS D 153 -0.71 7.20 -24.11
N PRO D 154 0.19 6.32 -24.54
CA PRO D 154 -0.20 5.18 -25.37
C PRO D 154 -0.64 3.97 -24.55
N LEU D 155 -1.44 3.12 -25.19
CA LEU D 155 -1.81 1.81 -24.64
C LEU D 155 -1.68 0.81 -25.78
N LYS D 156 -0.49 0.23 -25.92
CA LYS D 156 -0.22 -0.75 -26.96
C LYS D 156 -0.46 -2.16 -26.42
N PHE D 157 -1.08 -3.00 -27.24
CA PHE D 157 -1.30 -4.38 -26.85
C PHE D 157 -1.32 -5.26 -28.09
N GLY D 158 -1.11 -6.54 -27.86
CA GLY D 158 -1.06 -7.50 -28.94
C GLY D 158 -0.83 -8.88 -28.38
N SER D 159 -0.47 -9.80 -29.26
CA SER D 159 -0.31 -11.19 -28.89
C SER D 159 1.14 -11.49 -28.54
N TYR D 160 1.32 -12.29 -27.49
CA TYR D 160 2.60 -12.92 -27.18
C TYR D 160 2.55 -14.35 -27.73
N ALA D 161 3.58 -14.74 -28.47
CA ALA D 161 3.77 -16.09 -28.98
C ALA D 161 3.00 -16.40 -30.25
N TYR D 162 2.20 -15.48 -30.80
CA TYR D 162 1.54 -15.68 -32.08
C TYR D 162 1.87 -14.51 -32.98
N THR D 163 2.42 -14.80 -34.16
CA THR D 163 2.84 -13.76 -35.09
C THR D 163 1.68 -13.39 -36.02
N ARG D 164 1.91 -12.38 -36.86
CA ARG D 164 0.86 -11.93 -37.78
C ARG D 164 0.34 -13.06 -38.64
N ALA D 165 1.19 -14.04 -38.95
CA ALA D 165 0.76 -15.14 -39.81
C ALA D 165 -0.21 -16.09 -39.13
N GLU D 166 -0.39 -15.97 -37.82
CA GLU D 166 -1.23 -16.89 -37.06
C GLU D 166 -2.38 -16.20 -36.34
N VAL D 167 -2.13 -15.10 -35.66
CA VAL D 167 -3.16 -14.35 -34.96
C VAL D 167 -3.06 -12.89 -35.35
N VAL D 168 -4.18 -12.31 -35.77
CA VAL D 168 -4.26 -10.90 -36.11
C VAL D 168 -5.39 -10.28 -35.29
N TYR D 169 -5.21 -9.02 -34.94
CA TYR D 169 -6.19 -8.28 -34.16
C TYR D 169 -6.87 -7.22 -35.00
N GLU D 170 -8.13 -6.97 -34.71
CA GLU D 170 -8.89 -5.93 -35.40
C GLU D 170 -9.91 -5.36 -34.42
N TRP D 171 -10.36 -4.15 -34.71
CA TRP D 171 -11.36 -3.50 -33.87
C TRP D 171 -12.74 -4.06 -34.19
N THR D 172 -13.55 -4.26 -33.14
CA THR D 172 -14.87 -4.87 -33.35
C THR D 172 -15.72 -4.01 -34.26
N ARG D 173 -15.72 -2.70 -34.04
CA ARG D 173 -16.48 -1.75 -34.83
C ARG D 173 -15.52 -0.71 -35.40
N GLU D 174 -16.07 0.36 -35.96
CA GLU D 174 -15.24 1.37 -36.59
C GLU D 174 -14.12 1.78 -35.62
N PRO D 175 -12.87 1.86 -36.07
CA PRO D 175 -11.78 2.19 -35.14
C PRO D 175 -12.05 3.44 -34.32
N ALA D 176 -12.67 4.46 -34.92
CA ALA D 176 -12.93 5.69 -34.19
C ALA D 176 -13.88 5.46 -33.02
N ARG D 177 -14.74 4.45 -33.12
CA ARG D 177 -15.75 4.18 -32.10
C ARG D 177 -15.44 2.92 -31.29
N SER D 178 -14.22 2.39 -31.39
CA SER D 178 -13.91 1.09 -30.81
C SER D 178 -13.31 1.17 -29.41
N VAL D 179 -12.80 2.34 -29.01
CA VAL D 179 -12.36 2.57 -27.64
C VAL D 179 -13.29 3.62 -27.05
N VAL D 180 -14.09 3.22 -26.06
CA VAL D 180 -15.13 4.05 -25.49
C VAL D 180 -14.76 4.36 -24.04
N VAL D 181 -14.84 5.62 -23.67
CA VAL D 181 -14.52 6.08 -22.33
C VAL D 181 -15.83 6.48 -21.65
N ALA D 182 -16.13 5.87 -20.51
CA ALA D 182 -17.32 6.22 -19.75
C ALA D 182 -17.31 7.70 -19.42
N GLU D 183 -18.45 8.37 -19.62
CA GLU D 183 -18.51 9.81 -19.44
C GLU D 183 -18.18 10.19 -18.00
N ASP D 184 -18.72 9.45 -17.03
CA ASP D 184 -18.50 9.76 -15.63
C ASP D 184 -17.20 9.18 -15.08
N GLY D 185 -16.53 8.31 -15.84
CA GLY D 185 -15.31 7.71 -15.35
C GLY D 185 -14.08 8.51 -15.67
N SER D 186 -13.62 9.31 -14.71
CA SER D 186 -12.42 10.13 -14.90
C SER D 186 -11.85 10.41 -13.51
N ARG D 187 -10.80 9.69 -13.15
CA ARG D 187 -10.14 9.87 -11.87
C ARG D 187 -8.95 10.80 -11.96
N LEU D 188 -8.82 11.53 -13.06
CA LEU D 188 -7.76 12.51 -13.20
C LEU D 188 -7.99 13.69 -12.26
N ASN D 189 -6.91 14.17 -11.66
CA ASN D 189 -6.94 15.33 -10.79
C ASN D 189 -6.32 16.55 -11.43
N GLN D 190 -5.12 16.41 -12.00
CA GLN D 190 -4.38 17.53 -12.58
C GLN D 190 -4.28 17.43 -14.10
N TYR D 191 -5.15 16.65 -14.73
CA TYR D 191 -5.11 16.45 -16.18
C TYR D 191 -6.52 16.51 -16.74
N ASP D 192 -6.58 16.79 -18.04
CA ASP D 192 -7.84 16.80 -18.78
C ASP D 192 -7.71 15.86 -19.96
N LEU D 193 -8.68 14.96 -20.12
CA LEU D 193 -8.66 13.99 -21.21
C LEU D 193 -9.35 14.61 -22.42
N LEU D 194 -8.55 15.00 -23.41
CA LEU D 194 -9.12 15.64 -24.60
C LEU D 194 -9.80 14.62 -25.51
N GLY D 195 -9.25 13.42 -25.59
CA GLY D 195 -9.82 12.39 -26.44
C GLY D 195 -8.85 11.24 -26.58
N GLN D 196 -9.28 10.23 -27.32
CA GLN D 196 -8.46 9.06 -27.57
C GLN D 196 -8.38 8.78 -29.06
N THR D 197 -7.28 8.17 -29.46
CA THR D 197 -6.99 7.85 -30.85
C THR D 197 -6.44 6.44 -30.92
N VAL D 198 -6.86 5.68 -31.93
CA VAL D 198 -6.46 4.29 -32.07
C VAL D 198 -5.70 4.10 -33.37
N ASP D 199 -4.83 3.10 -33.40
CA ASP D 199 -4.11 2.74 -34.60
C ASP D 199 -3.75 1.26 -34.54
N SER D 200 -3.44 0.70 -35.69
CA SER D 200 -3.01 -0.69 -35.80
C SER D 200 -1.72 -0.74 -36.59
N GLY D 201 -0.79 -1.59 -36.16
CA GLY D 201 0.50 -1.67 -36.80
C GLY D 201 1.15 -3.03 -36.68
N ILE D 202 2.47 -3.06 -36.85
CA ILE D 202 3.25 -4.28 -36.77
C ILE D 202 4.46 -4.01 -35.86
N VAL D 203 4.82 -5.02 -35.07
CA VAL D 203 6.03 -4.98 -34.25
C VAL D 203 7.04 -5.93 -34.88
N GLN D 204 8.22 -5.40 -35.18
CA GLN D 204 9.30 -6.20 -35.75
C GLN D 204 10.14 -6.77 -34.62
N SER D 205 10.18 -8.10 -34.52
CA SER D 205 10.87 -8.77 -33.44
C SER D 205 11.76 -9.87 -33.99
N SER D 206 12.78 -10.22 -33.21
CA SER D 206 13.66 -11.32 -33.60
C SER D 206 12.89 -12.63 -33.73
N THR D 207 11.79 -12.76 -33.00
CA THR D 207 10.99 -13.98 -33.05
C THR D 207 9.92 -13.95 -34.14
N GLY D 208 9.69 -12.81 -34.78
CA GLY D 208 8.75 -12.74 -35.87
C GLY D 208 8.13 -11.36 -35.96
N GLU D 209 7.05 -11.27 -36.73
CA GLU D 209 6.27 -10.06 -36.91
C GLU D 209 4.94 -10.20 -36.19
N TYR D 210 4.63 -9.24 -35.31
CA TYR D 210 3.44 -9.30 -34.48
C TYR D 210 2.57 -8.08 -34.74
N VAL D 211 1.26 -8.29 -34.67
CA VAL D 211 0.30 -7.20 -34.79
C VAL D 211 0.20 -6.50 -33.45
N VAL D 212 0.29 -5.17 -33.46
CA VAL D 212 0.14 -4.36 -32.26
C VAL D 212 -1.00 -3.38 -32.49
N MET D 213 -1.94 -3.34 -31.56
CA MET D 213 -3.04 -2.39 -31.58
C MET D 213 -2.73 -1.27 -30.61
N THR D 214 -2.77 -0.04 -31.09
CA THR D 214 -2.35 1.13 -30.33
C THR D 214 -3.54 2.00 -30.00
N THR D 215 -3.53 2.57 -28.80
CA THR D 215 -4.49 3.60 -28.40
C THR D 215 -3.71 4.70 -27.71
N HIS D 216 -4.02 5.94 -28.06
CA HIS D 216 -3.38 7.10 -27.45
C HIS D 216 -4.45 7.94 -26.77
N PHE D 217 -4.24 8.25 -25.50
CA PHE D 217 -5.11 9.14 -24.75
C PHE D 217 -4.40 10.48 -24.61
N HIS D 218 -4.99 11.52 -25.18
CA HIS D 218 -4.37 12.84 -25.20
C HIS D 218 -4.78 13.61 -23.95
N LEU D 219 -3.79 13.99 -23.15
CA LEU D 219 -4.01 14.68 -21.90
C LEU D 219 -3.33 16.04 -21.94
N LYS D 220 -4.04 17.06 -21.47
CA LYS D 220 -3.48 18.39 -21.31
C LYS D 220 -3.48 18.72 -19.82
N ARG D 221 -2.31 19.10 -19.30
CA ARG D 221 -2.17 19.34 -17.87
C ARG D 221 -2.91 20.60 -17.47
N LYS D 222 -3.62 20.52 -16.34
CA LYS D 222 -4.26 21.68 -15.76
C LYS D 222 -3.24 22.49 -14.95
N ILE D 223 -3.30 23.81 -15.09
CA ILE D 223 -2.28 24.69 -14.53
C ILE D 223 -2.71 25.37 -13.24
N GLY D 224 -3.98 25.27 -12.85
CA GLY D 224 -4.45 26.02 -11.70
C GLY D 224 -3.61 25.79 -10.46
N TYR D 225 -3.32 24.53 -10.15
CA TYR D 225 -2.56 24.22 -8.94
C TYR D 225 -1.17 24.82 -9.02
N PHE D 226 -0.49 24.64 -10.16
CA PHE D 226 0.85 25.20 -10.31
C PHE D 226 0.83 26.72 -10.30
N VAL D 227 -0.18 27.34 -10.91
CA VAL D 227 -0.33 28.77 -10.76
C VAL D 227 -0.33 29.14 -9.29
N ILE D 228 -1.28 28.59 -8.53
CA ILE D 228 -1.49 28.98 -7.14
C ILE D 228 -0.26 28.72 -6.29
N GLN D 229 0.44 27.61 -6.53
CA GLN D 229 1.50 27.19 -5.63
C GLN D 229 2.87 27.76 -6.01
N THR D 230 3.10 28.09 -7.28
CA THR D 230 4.40 28.56 -7.73
C THR D 230 4.35 29.96 -8.35
N TYR D 231 3.51 30.18 -9.36
CA TYR D 231 3.63 31.42 -10.12
C TYR D 231 3.12 32.61 -9.31
N LEU D 232 1.99 32.47 -8.65
CA LEU D 232 1.49 33.59 -7.85
C LEU D 232 2.40 33.85 -6.66
N PRO D 233 2.85 32.84 -5.91
CA PRO D 233 3.87 33.10 -4.88
C PRO D 233 5.14 33.74 -5.42
N CYS D 234 5.61 33.32 -6.59
CA CYS D 234 6.83 33.91 -7.14
C CYS D 234 6.62 35.37 -7.49
N ILE D 235 5.50 35.70 -8.12
CA ILE D 235 5.20 37.09 -8.44
C ILE D 235 5.09 37.90 -7.16
N MET D 236 4.46 37.34 -6.14
CA MET D 236 4.30 38.06 -4.88
C MET D 236 5.66 38.30 -4.22
N THR D 237 6.55 37.31 -4.27
CA THR D 237 7.90 37.52 -3.74
C THR D 237 8.64 38.59 -4.51
N VAL D 238 8.49 38.61 -5.84
CA VAL D 238 9.13 39.65 -6.63
C VAL D 238 8.63 41.02 -6.21
N ILE D 239 7.30 41.16 -6.04
CA ILE D 239 6.74 42.45 -5.65
C ILE D 239 7.20 42.84 -4.24
N LEU D 240 7.31 41.86 -3.35
CA LEU D 240 7.79 42.12 -2.00
C LEU D 240 9.23 42.63 -2.03
N SER D 241 10.04 42.11 -2.96
CA SER D 241 11.38 42.66 -3.14
C SER D 241 11.33 44.06 -3.76
N GLN D 242 10.38 44.29 -4.66
CA GLN D 242 10.28 45.59 -5.32
C GLN D 242 9.96 46.69 -4.32
N VAL D 243 9.04 46.43 -3.40
CA VAL D 243 8.55 47.51 -2.52
C VAL D 243 9.68 48.12 -1.72
N SER D 244 10.84 47.45 -1.62
CA SER D 244 11.94 48.00 -0.86
C SER D 244 12.44 49.31 -1.45
N PHE D 245 12.28 49.50 -2.76
CA PHE D 245 12.75 50.74 -3.38
C PHE D 245 12.00 51.94 -2.82
N TRP D 246 10.69 51.82 -2.62
CA TRP D 246 9.93 52.89 -2.01
C TRP D 246 10.34 53.14 -0.57
N LEU D 247 11.08 52.21 0.03
CA LEU D 247 11.47 52.33 1.42
C LEU D 247 12.52 53.44 1.58
N ASN D 248 12.75 53.83 2.83
CA ASN D 248 13.73 54.85 3.14
C ASN D 248 15.15 54.31 2.96
N ARG D 249 16.02 55.12 2.35
CA ARG D 249 17.41 54.73 2.20
C ARG D 249 18.08 54.57 3.56
N GLU D 250 17.78 55.46 4.50
CA GLU D 250 18.42 55.43 5.81
C GLU D 250 18.10 54.17 6.59
N SER D 251 17.06 53.44 6.20
CA SER D 251 16.68 52.20 6.88
C SER D 251 17.45 51.01 6.29
N VAL D 252 18.77 51.09 6.41
CA VAL D 252 19.62 50.03 5.84
C VAL D 252 19.26 48.66 6.39
N PRO D 253 19.10 48.47 7.70
CA PRO D 253 18.66 47.15 8.18
C PRO D 253 17.35 46.69 7.57
N ALA D 254 16.40 47.61 7.39
CA ALA D 254 15.11 47.22 6.82
C ALA D 254 15.29 46.67 5.40
N ARG D 255 16.01 47.39 4.56
CA ARG D 255 16.20 46.95 3.19
C ARG D 255 17.01 45.66 3.13
N THR D 256 18.02 45.53 3.98
CA THR D 256 18.80 44.30 4.01
C THR D 256 17.92 43.12 4.41
N VAL D 257 17.07 43.30 5.41
CA VAL D 257 16.16 42.24 5.84
C VAL D 257 15.24 41.85 4.69
N PHE D 258 14.64 42.85 4.04
CA PHE D 258 13.77 42.58 2.90
C PHE D 258 14.50 41.74 1.86
N GLY D 259 15.69 42.17 1.45
CA GLY D 259 16.39 41.47 0.39
C GLY D 259 16.74 40.04 0.76
N VAL D 260 17.34 39.87 1.96
CA VAL D 260 17.79 38.54 2.33
C VAL D 260 16.60 37.61 2.52
N THR D 261 15.54 38.08 3.16
CA THR D 261 14.36 37.25 3.36
C THR D 261 13.71 36.89 2.03
N THR D 262 13.64 37.85 1.09
CA THR D 262 13.08 37.54 -0.22
C THR D 262 13.91 36.51 -0.95
N VAL D 263 15.24 36.62 -0.90
CA VAL D 263 16.07 35.65 -1.59
C VAL D 263 15.92 34.26 -0.97
N LEU D 264 15.87 34.19 0.36
CA LEU D 264 15.61 32.91 1.01
C LEU D 264 14.25 32.34 0.59
N THR D 265 13.24 33.21 0.49
CA THR D 265 11.92 32.81 0.03
C THR D 265 11.94 32.30 -1.41
N MET D 266 12.77 32.88 -2.27
CA MET D 266 12.84 32.40 -3.64
C MET D 266 13.53 31.04 -3.69
N THR D 267 14.56 30.84 -2.87
CA THR D 267 15.20 29.53 -2.81
C THR D 267 14.23 28.46 -2.33
N THR D 268 13.44 28.75 -1.27
CA THR D 268 12.53 27.73 -0.77
C THR D 268 11.45 27.39 -1.79
N LEU D 269 10.90 28.40 -2.48
CA LEU D 269 9.97 28.10 -3.57
C LEU D 269 10.63 27.30 -4.68
N SER D 270 11.86 27.64 -5.05
CA SER D 270 12.53 26.88 -6.11
C SER D 270 12.66 25.41 -5.73
N ILE D 271 13.18 25.15 -4.53
CA ILE D 271 13.41 23.77 -4.10
C ILE D 271 12.09 23.03 -3.92
N SER D 272 11.04 23.71 -3.46
CA SER D 272 9.76 23.04 -3.27
C SER D 272 9.06 22.79 -4.61
N ALA D 273 9.27 23.66 -5.59
CA ALA D 273 8.66 23.47 -6.90
C ALA D 273 9.37 22.38 -7.71
N ARG D 274 10.67 22.21 -7.51
CA ARG D 274 11.38 21.20 -8.30
C ARG D 274 10.99 19.79 -7.88
N ASN D 275 10.66 19.57 -6.61
CA ASN D 275 10.38 18.22 -6.15
C ASN D 275 9.08 17.66 -6.72
N SER D 276 8.13 18.53 -7.07
CA SER D 276 6.83 18.05 -7.52
C SER D 276 6.95 17.21 -8.79
N LEU D 277 7.66 17.72 -9.80
CA LEU D 277 7.87 16.98 -11.02
C LEU D 277 9.06 16.04 -10.86
N PRO D 278 9.21 15.05 -11.74
CA PRO D 278 10.31 14.08 -11.60
C PRO D 278 11.67 14.76 -11.76
N LYS D 279 12.72 14.02 -11.43
CA LYS D 279 14.08 14.55 -11.43
C LYS D 279 14.68 14.47 -12.84
N VAL D 280 14.02 15.15 -13.77
CA VAL D 280 14.51 15.18 -15.14
C VAL D 280 15.75 16.07 -15.24
N ALA D 281 16.62 15.76 -16.19
CA ALA D 281 17.85 16.52 -16.36
C ALA D 281 17.58 17.89 -16.95
N TYR D 282 16.74 17.96 -17.98
CA TYR D 282 16.50 19.22 -18.67
C TYR D 282 15.77 20.19 -17.76
N ALA D 283 15.58 21.42 -18.25
CA ALA D 283 14.96 22.50 -17.50
C ALA D 283 13.58 22.79 -18.07
N THR D 284 12.59 22.83 -17.19
CA THR D 284 11.20 23.03 -17.58
C THR D 284 10.86 24.52 -17.62
N ALA D 285 9.65 24.82 -18.11
CA ALA D 285 9.20 26.20 -18.18
C ALA D 285 9.10 26.82 -16.79
N MET D 286 8.55 26.07 -15.84
CA MET D 286 8.49 26.57 -14.47
C MET D 286 9.88 26.85 -13.92
N ASP D 287 10.87 26.05 -14.32
CA ASP D 287 12.23 26.30 -13.89
C ASP D 287 12.74 27.64 -14.42
N TRP D 288 12.45 27.94 -15.68
CA TRP D 288 12.86 29.23 -16.22
C TRP D 288 12.15 30.39 -15.52
N PHE D 289 10.86 30.23 -15.24
CA PHE D 289 10.13 31.29 -14.53
C PHE D 289 10.73 31.52 -13.16
N ILE D 290 11.03 30.44 -12.44
CA ILE D 290 11.62 30.57 -11.11
C ILE D 290 12.98 31.24 -11.20
N ALA D 291 13.79 30.84 -12.19
CA ALA D 291 15.11 31.42 -12.34
C ALA D 291 15.03 32.91 -12.61
N VAL D 292 14.11 33.33 -13.48
CA VAL D 292 14.02 34.75 -13.82
C VAL D 292 13.50 35.55 -12.63
N CYS D 293 12.54 35.01 -11.87
CA CYS D 293 12.08 35.70 -10.67
C CYS D 293 13.20 35.81 -9.66
N TYR D 294 13.99 34.76 -9.51
CA TYR D 294 15.14 34.80 -8.61
C TYR D 294 16.11 35.89 -9.04
N ALA D 295 16.35 35.98 -10.36
CA ALA D 295 17.23 37.02 -10.88
C ALA D 295 16.69 38.41 -10.57
N PHE D 296 15.37 38.60 -10.69
CA PHE D 296 14.79 39.90 -10.39
C PHE D 296 14.98 40.28 -8.93
N VAL D 297 14.69 39.36 -8.02
CA VAL D 297 14.86 39.68 -6.60
C VAL D 297 16.32 39.95 -6.29
N PHE D 298 17.23 39.17 -6.90
CA PHE D 298 18.65 39.36 -6.63
C PHE D 298 19.13 40.69 -7.20
N SER D 299 18.59 41.10 -8.35
CA SER D 299 18.92 42.41 -8.90
C SER D 299 18.41 43.53 -8.00
N ALA D 300 17.24 43.34 -7.39
CA ALA D 300 16.77 44.32 -6.42
C ALA D 300 17.72 44.42 -5.24
N LEU D 301 18.24 43.27 -4.78
CA LEU D 301 19.23 43.30 -3.71
C LEU D 301 20.50 44.03 -4.14
N ILE D 302 20.98 43.78 -5.36
CA ILE D 302 22.17 44.47 -5.84
C ILE D 302 21.91 45.97 -5.92
N GLU D 303 20.70 46.35 -6.35
CA GLU D 303 20.37 47.76 -6.45
C GLU D 303 20.39 48.43 -5.08
N PHE D 304 19.83 47.76 -4.07
CA PHE D 304 19.90 48.29 -2.71
C PHE D 304 21.35 48.40 -2.25
N ALA D 305 22.17 47.39 -2.57
CA ALA D 305 23.57 47.45 -2.18
C ALA D 305 24.26 48.65 -2.82
N THR D 306 23.99 48.90 -4.10
CA THR D 306 24.59 50.05 -4.78
C THR D 306 24.13 51.35 -4.15
N VAL D 307 22.84 51.45 -3.82
CA VAL D 307 22.33 52.65 -3.16
C VAL D 307 23.04 52.88 -1.84
N ASN D 308 23.22 51.81 -1.05
CA ASN D 308 23.87 51.97 0.24
C ASN D 308 25.35 52.28 0.08
N TYR D 309 25.96 51.81 -1.01
CA TYR D 309 27.36 52.14 -1.28
C TYR D 309 27.52 53.61 -1.64
N PHE D 310 26.63 54.14 -2.48
CA PHE D 310 26.72 55.54 -2.87
C PHE D 310 26.30 56.48 -1.75
N THR D 311 25.27 56.12 -0.99
CA THR D 311 24.73 57.06 -0.02
C THR D 311 25.82 57.52 0.94
N LYS D 312 25.79 58.80 1.28
CA LYS D 312 26.77 59.51 2.10
C LYS D 312 28.00 59.90 1.27
N SER D 313 28.08 59.50 0.01
CA SER D 313 29.15 59.92 -0.87
C SER D 313 28.65 60.73 -2.06
N GLN D 314 27.68 60.21 -2.80
CA GLN D 314 27.06 60.92 -3.92
C GLN D 314 25.56 60.72 -3.82
N PRO D 315 24.92 61.31 -2.81
CA PRO D 315 23.50 61.02 -2.57
C PRO D 315 22.61 61.33 -3.76
N ALA D 316 22.98 62.29 -4.60
CA ALA D 316 22.20 62.56 -5.81
C ALA D 316 22.18 61.33 -6.71
N ARG D 317 23.33 60.67 -6.86
CA ARG D 317 23.38 59.46 -7.67
C ARG D 317 22.52 58.37 -7.07
N ALA D 318 22.54 58.22 -5.74
CA ALA D 318 21.70 57.23 -5.09
C ALA D 318 20.23 57.51 -5.35
N ALA D 319 19.82 58.76 -5.22
CA ALA D 319 18.43 59.11 -5.49
C ALA D 319 18.08 58.80 -6.94
N LYS D 320 18.95 59.18 -7.88
CA LYS D 320 18.66 58.94 -9.28
C LYS D 320 18.49 57.45 -9.57
N ILE D 321 19.42 56.63 -9.07
CA ILE D 321 19.37 55.20 -9.35
C ILE D 321 18.14 54.58 -8.71
N ASP D 322 17.81 54.97 -7.49
CA ASP D 322 16.63 54.41 -6.84
C ASP D 322 15.36 54.78 -7.57
N ARG D 323 15.23 56.05 -7.96
CA ARG D 323 14.02 56.49 -8.68
C ARG D 323 13.92 55.77 -10.03
N LEU D 324 15.03 55.64 -10.75
CA LEU D 324 14.99 54.93 -12.02
C LEU D 324 14.59 53.47 -11.83
N SER D 325 15.14 52.80 -10.82
CA SER D 325 14.81 51.40 -10.59
C SER D 325 13.33 51.24 -10.26
N ARG D 326 12.79 52.16 -9.44
CA ARG D 326 11.40 52.07 -9.02
C ARG D 326 10.46 51.80 -10.19
N ILE D 327 10.80 52.27 -11.39
CA ILE D 327 9.97 52.04 -12.56
C ILE D 327 10.62 51.11 -13.57
N ALA D 328 11.94 50.93 -13.54
CA ALA D 328 12.58 50.00 -14.47
C ALA D 328 12.27 48.56 -14.09
N PHE D 329 12.37 48.23 -12.80
CA PHE D 329 12.15 46.84 -12.40
C PHE D 329 10.72 46.38 -12.67
N PRO D 330 9.68 47.10 -12.25
CA PRO D 330 8.31 46.62 -12.54
C PRO D 330 8.02 46.48 -14.02
N LEU D 331 8.50 47.41 -14.85
CA LEU D 331 8.23 47.32 -16.28
C LEU D 331 8.95 46.13 -16.89
N LEU D 332 10.20 45.88 -16.48
CA LEU D 332 10.91 44.71 -16.97
C LEU D 332 10.21 43.43 -16.55
N PHE D 333 9.73 43.38 -15.30
CA PHE D 333 9.02 42.19 -14.85
C PHE D 333 7.74 41.98 -15.64
N GLY D 334 7.01 43.06 -15.91
CA GLY D 334 5.80 42.94 -16.72
C GLY D 334 6.10 42.46 -18.13
N ILE D 335 7.15 42.99 -18.74
CA ILE D 335 7.51 42.56 -20.09
C ILE D 335 7.88 41.09 -20.09
N PHE D 336 8.67 40.65 -19.10
CA PHE D 336 9.04 39.25 -19.03
C PHE D 336 7.81 38.38 -18.81
N ASN D 337 6.90 38.80 -17.94
CA ASN D 337 5.69 38.02 -17.69
C ASN D 337 4.88 37.86 -18.96
N LEU D 338 4.64 38.96 -19.66
CA LEU D 338 3.87 38.89 -20.90
C LEU D 338 4.56 37.98 -21.92
N VAL D 339 5.88 38.14 -22.08
CA VAL D 339 6.59 37.34 -23.07
C VAL D 339 6.51 35.87 -22.72
N TYR D 340 6.73 35.52 -21.44
CA TYR D 340 6.72 34.13 -21.02
C TYR D 340 5.35 33.51 -21.21
N TRP D 341 4.31 34.20 -20.74
CA TRP D 341 2.96 33.64 -20.83
C TRP D 341 2.52 33.51 -22.29
N ALA D 342 2.90 34.47 -23.13
CA ALA D 342 2.56 34.36 -24.54
C ALA D 342 3.31 33.19 -25.20
N THR D 343 4.62 33.11 -24.99
CA THR D 343 5.41 32.09 -25.67
C THR D 343 5.09 30.69 -25.19
N TYR D 344 4.48 30.55 -24.01
CA TYR D 344 4.15 29.20 -23.53
C TYR D 344 2.68 28.85 -23.71
N LEU D 345 1.76 29.73 -23.32
CA LEU D 345 0.34 29.41 -23.46
C LEU D 345 -0.04 29.22 -24.92
N ASN D 346 0.42 30.10 -25.79
CA ASN D 346 0.14 29.99 -27.23
C ASN D 346 1.10 28.98 -27.84
N ARG D 347 0.93 27.73 -27.43
CA ARG D 347 1.78 26.63 -27.89
C ARG D 347 0.94 25.42 -28.25
N GLY E 62 -6.72 -33.43 -34.29
CA GLY E 62 -5.85 -32.84 -35.30
C GLY E 62 -4.48 -33.50 -35.32
N ASP E 63 -3.71 -33.21 -36.37
CA ASP E 63 -2.36 -33.76 -36.46
C ASP E 63 -1.47 -33.25 -35.33
N VAL E 64 -1.54 -31.94 -35.05
CA VAL E 64 -0.72 -31.38 -33.99
C VAL E 64 -1.15 -31.94 -32.64
N THR E 65 -2.45 -32.19 -32.46
CA THR E 65 -2.89 -32.81 -31.22
C THR E 65 -2.26 -34.19 -31.04
N VAL E 66 -2.22 -34.98 -32.10
CA VAL E 66 -1.60 -36.31 -32.02
C VAL E 66 -0.11 -36.18 -31.71
N ILE E 67 0.56 -35.24 -32.37
CA ILE E 67 1.99 -35.07 -32.13
C ILE E 67 2.24 -34.70 -30.67
N LEU E 68 1.48 -33.74 -30.15
CA LEU E 68 1.67 -33.30 -28.78
C LEU E 68 1.33 -34.40 -27.78
N ASN E 69 0.32 -35.21 -28.08
CA ASN E 69 0.01 -36.35 -27.21
C ASN E 69 1.16 -37.33 -27.19
N ASN E 70 1.75 -37.61 -28.35
CA ASN E 70 2.88 -38.53 -28.40
C ASN E 70 4.09 -37.98 -27.65
N LEU E 71 4.35 -36.67 -27.77
CA LEU E 71 5.51 -36.09 -27.12
C LEU E 71 5.43 -36.23 -25.62
N LEU E 72 4.26 -35.94 -25.04
CA LEU E 72 4.12 -35.96 -23.58
C LEU E 72 3.98 -37.36 -23.02
N GLU E 73 3.58 -38.34 -23.83
CA GLU E 73 3.42 -39.70 -23.31
C GLU E 73 4.76 -40.25 -22.85
N GLY E 74 4.79 -40.73 -21.61
CA GLY E 74 6.04 -41.23 -21.05
C GLY E 74 7.10 -40.17 -20.91
N TYR E 75 6.71 -38.96 -20.53
CA TYR E 75 7.63 -37.83 -20.39
C TYR E 75 7.71 -37.45 -18.92
N ASP E 76 8.92 -37.41 -18.38
CA ASP E 76 9.18 -37.03 -16.99
C ASP E 76 9.81 -35.65 -17.00
N ASN E 77 9.02 -34.63 -16.66
CA ASN E 77 9.52 -33.27 -16.60
C ASN E 77 10.38 -33.00 -15.37
N LYS E 78 10.47 -33.97 -14.45
CA LYS E 78 11.38 -33.83 -13.33
C LYS E 78 12.84 -33.98 -13.75
N LEU E 79 13.09 -34.72 -14.82
CA LEU E 79 14.44 -35.02 -15.26
C LEU E 79 14.82 -34.13 -16.44
N ARG E 80 16.01 -33.53 -16.37
CA ARG E 80 16.50 -32.72 -17.46
C ARG E 80 16.92 -33.61 -18.64
N PRO E 81 16.98 -33.05 -19.84
CA PRO E 81 17.47 -33.85 -20.98
C PRO E 81 18.91 -34.28 -20.77
N ASP E 82 19.21 -35.51 -21.19
CA ASP E 82 20.55 -36.06 -21.07
C ASP E 82 21.04 -36.00 -19.61
N ILE E 83 20.19 -36.48 -18.70
CA ILE E 83 20.48 -36.33 -17.27
C ILE E 83 21.76 -37.07 -16.90
N GLY E 84 21.89 -38.31 -17.35
CA GLY E 84 23.05 -39.11 -16.98
C GLY E 84 24.11 -39.17 -18.06
N VAL E 85 24.07 -38.23 -19.00
CA VAL E 85 24.93 -38.29 -20.18
C VAL E 85 25.93 -37.14 -20.20
N LYS E 86 25.42 -35.91 -20.28
CA LYS E 86 26.27 -34.75 -20.47
C LYS E 86 25.50 -33.52 -20.02
N PRO E 87 26.19 -32.42 -19.71
CA PRO E 87 25.48 -31.21 -19.30
C PRO E 87 24.57 -30.70 -20.41
N THR E 88 23.41 -30.18 -20.01
CA THR E 88 22.47 -29.58 -20.95
C THR E 88 22.94 -28.17 -21.29
N LEU E 89 23.23 -27.94 -22.57
CA LEU E 89 23.72 -26.65 -23.03
C LEU E 89 22.55 -25.76 -23.39
N ILE E 90 22.42 -24.64 -22.70
CA ILE E 90 21.31 -23.71 -22.88
C ILE E 90 21.87 -22.42 -23.46
N HIS E 91 21.33 -22.00 -24.60
CA HIS E 91 21.69 -20.74 -25.22
C HIS E 91 20.67 -19.69 -24.81
N THR E 92 21.14 -18.55 -24.31
CA THR E 92 20.28 -17.52 -23.76
C THR E 92 20.45 -16.23 -24.54
N ASP E 93 19.33 -15.61 -24.89
CA ASP E 93 19.29 -14.27 -25.45
C ASP E 93 18.49 -13.37 -24.51
N MET E 94 18.58 -12.07 -24.73
CA MET E 94 17.92 -11.11 -23.86
C MET E 94 17.65 -9.84 -24.67
N TYR E 95 16.40 -9.39 -24.64
CA TYR E 95 16.02 -8.12 -25.25
C TYR E 95 15.72 -7.15 -24.12
N VAL E 96 16.57 -6.14 -23.96
CA VAL E 96 16.39 -5.17 -22.89
C VAL E 96 15.31 -4.17 -23.31
N ASN E 97 14.07 -4.43 -22.89
CA ASN E 97 12.98 -3.54 -23.25
C ASN E 97 13.14 -2.17 -22.62
N SER E 98 13.62 -2.13 -21.37
CA SER E 98 13.76 -0.87 -20.67
C SER E 98 14.63 -1.08 -19.44
N ILE E 99 15.40 -0.06 -19.10
CA ILE E 99 16.16 -0.03 -17.85
C ILE E 99 15.50 1.04 -16.99
N GLY E 100 14.75 0.60 -15.99
CA GLY E 100 13.92 1.47 -15.20
C GLY E 100 14.75 2.46 -14.40
N PRO E 101 14.12 3.11 -13.43
CA PRO E 101 14.85 4.10 -12.62
C PRO E 101 16.00 3.46 -11.87
N VAL E 102 17.07 4.24 -11.70
CA VAL E 102 18.21 3.83 -10.88
C VAL E 102 18.18 4.64 -9.59
N ASN E 103 17.52 4.10 -8.56
CA ASN E 103 17.41 4.80 -7.28
C ASN E 103 18.52 4.31 -6.36
N ALA E 104 19.36 5.24 -5.91
CA ALA E 104 20.51 4.87 -5.10
C ALA E 104 20.17 4.68 -3.63
N ILE E 105 19.01 5.16 -3.18
CA ILE E 105 18.66 5.03 -1.77
C ILE E 105 18.56 3.56 -1.40
N ASN E 106 17.80 2.78 -2.17
CA ASN E 106 17.75 1.34 -1.96
C ASN E 106 18.90 0.62 -2.64
N MET E 107 19.69 1.31 -3.46
CA MET E 107 20.85 0.73 -4.11
C MET E 107 20.44 -0.39 -5.07
N GLU E 108 19.55 -0.04 -6.00
CA GLU E 108 19.01 -0.99 -6.96
C GLU E 108 18.63 -0.26 -8.24
N TYR E 109 18.16 -1.03 -9.21
CA TYR E 109 17.68 -0.47 -10.47
C TYR E 109 16.74 -1.48 -11.11
N THR E 110 15.76 -0.99 -11.84
CA THR E 110 14.76 -1.83 -12.47
C THR E 110 15.08 -2.02 -13.95
N ILE E 111 14.75 -3.20 -14.46
CA ILE E 111 15.00 -3.53 -15.86
C ILE E 111 13.90 -4.47 -16.35
N ASP E 112 13.34 -4.18 -17.51
CA ASP E 112 12.33 -5.01 -18.15
C ASP E 112 12.96 -5.67 -19.37
N ILE E 113 12.91 -7.00 -19.42
CA ILE E 113 13.59 -7.76 -20.46
C ILE E 113 12.65 -8.82 -21.00
N PHE E 114 12.98 -9.31 -22.20
CA PHE E 114 12.39 -10.51 -22.76
C PHE E 114 13.49 -11.57 -22.74
N PHE E 115 13.42 -12.47 -21.77
CA PHE E 115 14.44 -13.50 -21.63
C PHE E 115 14.10 -14.68 -22.53
N ALA E 116 15.08 -15.13 -23.31
CA ALA E 116 14.92 -16.28 -24.19
C ALA E 116 15.97 -17.34 -23.85
N GLN E 117 15.56 -18.59 -23.89
CA GLN E 117 16.45 -19.71 -23.62
C GLN E 117 16.20 -20.80 -24.65
N THR E 118 17.27 -21.35 -25.22
CA THR E 118 17.18 -22.41 -26.21
C THR E 118 18.03 -23.59 -25.77
N TRP E 119 17.47 -24.78 -25.81
CA TRP E 119 18.21 -26.00 -25.52
C TRP E 119 17.63 -27.12 -26.38
N TYR E 120 18.22 -28.29 -26.27
CA TYR E 120 17.84 -29.46 -27.07
C TYR E 120 17.28 -30.53 -26.16
N ASP E 121 16.12 -31.07 -26.51
CA ASP E 121 15.46 -32.12 -25.76
C ASP E 121 15.25 -33.31 -26.70
N ARG E 122 16.04 -34.36 -26.53
CA ARG E 122 15.90 -35.54 -27.38
C ARG E 122 14.49 -36.14 -27.29
N ARG E 123 13.84 -35.98 -26.14
CA ARG E 123 12.52 -36.57 -25.95
C ARG E 123 11.45 -35.89 -26.79
N LEU E 124 11.71 -34.69 -27.31
CA LEU E 124 10.73 -33.91 -28.04
C LEU E 124 10.92 -33.98 -29.55
N LYS E 125 11.69 -34.94 -30.03
CA LYS E 125 11.81 -35.15 -31.46
C LYS E 125 10.52 -35.72 -32.03
N PHE E 126 10.13 -35.23 -33.20
CA PHE E 126 8.94 -35.72 -33.89
C PHE E 126 9.15 -35.60 -35.38
N ASN E 127 8.58 -36.55 -36.12
CA ASN E 127 8.66 -36.61 -37.58
C ASN E 127 7.29 -36.24 -38.14
N SER E 128 7.21 -35.11 -38.83
CA SER E 128 5.98 -34.70 -39.46
C SER E 128 6.26 -33.48 -40.33
N THR E 129 5.32 -33.19 -41.23
CA THR E 129 5.47 -32.03 -42.10
C THR E 129 5.50 -30.73 -41.32
N ILE E 130 4.95 -30.71 -40.12
CA ILE E 130 5.06 -29.53 -39.27
C ILE E 130 6.49 -29.44 -38.76
N LYS E 131 7.19 -28.37 -39.14
CA LYS E 131 8.59 -28.24 -38.77
C LYS E 131 8.80 -27.60 -37.41
N VAL E 132 7.86 -26.76 -36.98
CA VAL E 132 7.96 -26.11 -35.67
C VAL E 132 6.58 -26.11 -35.03
N LEU E 133 6.52 -26.47 -33.75
CA LEU E 133 5.28 -26.43 -32.98
C LEU E 133 5.26 -25.13 -32.20
N ARG E 134 4.45 -24.18 -32.67
CA ARG E 134 4.33 -22.89 -32.01
C ARG E 134 3.23 -22.97 -30.96
N LEU E 135 3.60 -22.81 -29.70
CA LEU E 135 2.71 -23.03 -28.58
C LEU E 135 2.69 -21.82 -27.65
N ASN E 136 1.62 -21.72 -26.89
CA ASN E 136 1.48 -20.70 -25.87
C ASN E 136 1.97 -21.25 -24.53
N SER E 137 1.65 -20.55 -23.44
CA SER E 137 2.16 -20.91 -22.12
C SER E 137 1.56 -22.19 -21.56
N ASN E 138 0.56 -22.78 -22.22
CA ASN E 138 -0.07 -23.98 -21.70
C ASN E 138 0.92 -25.13 -21.55
N MET E 139 1.90 -25.22 -22.45
CA MET E 139 2.88 -26.31 -22.44
C MET E 139 4.09 -26.02 -21.58
N VAL E 140 4.28 -24.79 -21.11
CA VAL E 140 5.51 -24.45 -20.42
C VAL E 140 5.72 -25.36 -19.22
N GLY E 141 4.66 -25.65 -18.48
CA GLY E 141 4.76 -26.47 -17.29
C GLY E 141 4.71 -27.96 -17.52
N LYS E 142 4.51 -28.42 -18.75
CA LYS E 142 4.46 -29.85 -19.03
C LYS E 142 5.83 -30.41 -19.37
N ILE E 143 6.62 -29.70 -20.17
CA ILE E 143 7.97 -30.12 -20.52
C ILE E 143 8.95 -29.68 -19.45
N TRP E 144 10.18 -30.17 -19.51
CA TRP E 144 11.23 -29.70 -18.63
C TRP E 144 11.66 -28.29 -19.00
N ILE E 145 11.84 -27.43 -18.00
CA ILE E 145 12.27 -26.06 -18.19
C ILE E 145 13.46 -25.81 -17.27
N PRO E 146 14.53 -25.15 -17.74
CA PRO E 146 15.64 -24.84 -16.82
C PRO E 146 15.21 -23.87 -15.73
N ASP E 147 15.81 -24.05 -14.56
CA ASP E 147 15.45 -23.25 -13.39
C ASP E 147 16.38 -22.03 -13.26
N THR E 148 16.39 -21.23 -14.31
CA THR E 148 17.22 -20.03 -14.32
C THR E 148 16.67 -19.01 -13.33
N PHE E 149 17.57 -18.39 -12.57
CA PHE E 149 17.21 -17.35 -11.63
C PHE E 149 18.28 -16.28 -11.66
N PHE E 150 17.92 -15.08 -11.24
CA PHE E 150 18.80 -13.93 -11.28
C PHE E 150 19.40 -13.71 -9.90
N ARG E 151 20.72 -13.82 -9.80
CA ARG E 151 21.37 -13.93 -8.50
C ARG E 151 21.37 -12.63 -7.73
N ASN E 152 21.33 -11.49 -8.42
CA ASN E 152 21.38 -10.19 -7.77
C ASN E 152 20.03 -9.46 -7.85
N SER E 153 18.94 -10.21 -7.93
CA SER E 153 17.61 -9.62 -8.01
C SER E 153 17.04 -9.48 -6.60
N LYS E 154 16.73 -8.25 -6.21
CA LYS E 154 15.98 -8.05 -4.98
C LYS E 154 14.60 -8.68 -5.09
N LYS E 155 13.94 -8.48 -6.22
CA LYS E 155 12.63 -9.06 -6.47
C LYS E 155 12.28 -8.94 -7.95
N ALA E 156 11.85 -10.03 -8.55
CA ALA E 156 11.47 -10.05 -9.95
C ALA E 156 10.17 -10.82 -10.09
N ASP E 157 9.37 -10.43 -11.09
CA ASP E 157 8.15 -11.16 -11.40
C ASP E 157 7.93 -11.18 -12.89
N ALA E 158 7.39 -12.28 -13.40
CA ALA E 158 6.94 -12.36 -14.76
C ALA E 158 5.67 -11.54 -14.92
N HIS E 159 5.11 -11.56 -16.12
CA HIS E 159 3.89 -10.83 -16.43
C HIS E 159 2.77 -11.82 -16.71
N TRP E 160 1.56 -11.49 -16.24
CA TRP E 160 0.47 -12.46 -16.22
C TRP E 160 -0.82 -11.92 -16.83
N ILE E 161 -0.78 -10.76 -17.48
CA ILE E 161 -1.97 -10.16 -18.08
C ILE E 161 -1.74 -10.09 -19.59
N THR E 162 -2.71 -10.52 -20.39
CA THR E 162 -3.99 -11.09 -19.94
C THR E 162 -3.81 -12.55 -19.56
N THR E 163 -2.79 -13.18 -20.12
CA THR E 163 -2.38 -14.54 -19.82
C THR E 163 -0.88 -14.53 -19.57
N PRO E 164 -0.31 -15.63 -19.10
CA PRO E 164 1.14 -15.67 -18.89
C PRO E 164 1.89 -15.28 -20.15
N ASN E 165 2.79 -14.30 -20.03
CA ASN E 165 3.55 -13.79 -21.16
C ASN E 165 4.73 -14.74 -21.42
N ARG E 166 4.38 -15.94 -21.89
CA ARG E 166 5.35 -16.99 -22.16
C ARG E 166 5.08 -17.58 -23.54
N MET E 167 6.16 -17.91 -24.24
CA MET E 167 6.09 -18.53 -25.55
C MET E 167 6.93 -19.79 -25.54
N LEU E 168 6.52 -20.77 -26.33
CA LEU E 168 7.24 -22.04 -26.42
C LEU E 168 7.17 -22.53 -27.85
N ARG E 169 8.34 -22.81 -28.44
CA ARG E 169 8.44 -23.31 -29.80
C ARG E 169 9.33 -24.55 -29.80
N ILE E 170 8.87 -25.61 -30.44
CA ILE E 170 9.58 -26.89 -30.49
C ILE E 170 9.75 -27.29 -31.95
N TRP E 171 10.97 -27.66 -32.32
CA TRP E 171 11.30 -28.02 -33.69
C TRP E 171 11.36 -29.54 -33.83
N ASN E 172 11.59 -30.00 -35.07
CA ASN E 172 11.67 -31.43 -35.32
C ASN E 172 12.81 -32.08 -34.54
N ASP E 173 13.96 -31.44 -34.52
CA ASP E 173 15.16 -32.02 -33.92
C ASP E 173 15.14 -31.95 -32.39
N GLY E 174 13.99 -31.64 -31.79
CA GLY E 174 13.90 -31.54 -30.36
C GLY E 174 14.34 -30.23 -29.77
N ARG E 175 14.76 -29.28 -30.59
CA ARG E 175 15.17 -27.98 -30.07
C ARG E 175 13.97 -27.26 -29.48
N VAL E 176 14.18 -26.62 -28.34
CA VAL E 176 13.13 -25.91 -27.62
C VAL E 176 13.56 -24.46 -27.47
N LEU E 177 12.66 -23.55 -27.82
CA LEU E 177 12.84 -22.12 -27.57
C LEU E 177 11.76 -21.67 -26.61
N TYR E 178 12.16 -21.02 -25.52
CA TYR E 178 11.24 -20.64 -24.46
C TYR E 178 11.57 -19.21 -24.05
N THR E 179 10.68 -18.28 -24.36
CA THR E 179 10.86 -16.88 -24.02
C THR E 179 9.78 -16.47 -23.03
N LEU E 180 10.11 -15.46 -22.22
CA LEU E 180 9.15 -14.90 -21.28
C LEU E 180 9.55 -13.47 -20.96
N ARG E 181 8.57 -12.72 -20.46
CA ARG E 181 8.75 -11.31 -20.13
C ARG E 181 8.96 -11.17 -18.63
N LEU E 182 10.00 -10.41 -18.25
CA LEU E 182 10.39 -10.28 -16.86
C LEU E 182 10.72 -8.83 -16.54
N THR E 183 10.44 -8.43 -15.31
CA THR E 183 10.89 -7.16 -14.76
C THR E 183 11.64 -7.45 -13.47
N ILE E 184 12.89 -7.01 -13.39
CA ILE E 184 13.80 -7.39 -12.32
C ILE E 184 14.24 -6.12 -11.58
N ASP E 185 14.14 -6.16 -10.25
CA ASP E 185 14.75 -5.12 -9.42
C ASP E 185 16.12 -5.59 -8.95
N ALA E 186 17.06 -5.54 -9.90
CA ALA E 186 18.42 -5.96 -9.61
C ALA E 186 19.07 -4.98 -8.65
N GLU E 187 19.91 -5.50 -7.75
CA GLU E 187 20.63 -4.68 -6.79
C GLU E 187 22.10 -4.62 -7.20
N CYS E 188 22.64 -3.41 -7.27
CA CYS E 188 24.06 -3.23 -7.49
C CYS E 188 24.57 -2.09 -6.65
N GLN E 189 25.71 -2.32 -6.01
CA GLN E 189 26.28 -1.32 -5.12
C GLN E 189 26.85 -0.16 -5.94
N LEU E 190 26.46 1.05 -5.59
CA LEU E 190 26.98 2.25 -6.22
C LEU E 190 28.04 2.84 -5.30
N GLN E 191 29.25 3.00 -5.82
CA GLN E 191 30.30 3.70 -5.09
C GLN E 191 30.08 5.18 -5.31
N LEU E 192 29.39 5.81 -4.38
CA LEU E 192 28.96 7.19 -4.60
C LEU E 192 30.07 8.19 -4.46
N HIS E 193 31.33 7.77 -4.33
CA HIS E 193 32.43 8.71 -4.52
C HIS E 193 32.37 9.26 -5.94
N ASN E 194 32.67 10.54 -6.08
CA ASN E 194 32.60 11.29 -7.33
C ASN E 194 31.16 11.69 -7.67
N PHE E 195 30.18 11.31 -6.86
CA PHE E 195 28.81 11.68 -7.14
C PHE E 195 28.66 13.20 -7.05
N PRO E 196 27.88 13.83 -7.94
CA PRO E 196 27.07 13.25 -9.01
C PRO E 196 27.80 13.18 -10.35
N MET E 197 29.12 13.04 -10.30
CA MET E 197 29.92 12.76 -11.49
C MET E 197 30.25 11.28 -11.60
N ASP E 198 29.71 10.44 -10.72
CA ASP E 198 30.06 9.04 -10.71
C ASP E 198 29.52 8.32 -11.94
N GLU E 199 30.31 7.38 -12.45
CA GLU E 199 29.90 6.49 -13.53
C GLU E 199 29.84 5.08 -12.98
N HIS E 200 28.80 4.34 -13.36
CA HIS E 200 28.57 3.00 -12.85
C HIS E 200 28.33 2.04 -13.99
N SER E 201 28.69 0.78 -13.75
CA SER E 201 28.49 -0.29 -14.73
C SER E 201 28.24 -1.56 -13.93
N CYS E 202 26.97 -1.89 -13.71
CA CYS E 202 26.61 -2.94 -12.76
C CYS E 202 25.71 -3.98 -13.40
N PRO E 203 25.73 -5.21 -12.86
CA PRO E 203 25.33 -6.37 -13.65
C PRO E 203 23.89 -6.82 -13.50
N LEU E 204 23.53 -7.82 -14.31
CA LEU E 204 22.31 -8.61 -14.15
C LEU E 204 22.75 -10.05 -14.31
N GLU E 205 23.12 -10.69 -13.20
CA GLU E 205 23.64 -12.05 -13.22
C GLU E 205 22.50 -13.06 -13.13
N PHE E 206 22.73 -14.24 -13.70
CA PHE E 206 21.77 -15.32 -13.58
C PHE E 206 22.48 -16.65 -13.77
N SER E 207 21.85 -17.70 -13.27
CA SER E 207 22.39 -19.05 -13.35
C SER E 207 21.27 -20.03 -13.01
N SER E 208 21.58 -21.31 -13.09
CA SER E 208 20.67 -22.35 -12.65
C SER E 208 20.75 -22.48 -11.13
N TYR E 209 19.59 -22.62 -10.49
CA TYR E 209 19.58 -22.63 -9.03
C TYR E 209 20.15 -23.94 -8.47
N GLY E 210 19.74 -25.07 -9.03
CA GLY E 210 20.11 -26.35 -8.46
C GLY E 210 21.00 -27.23 -9.31
N TYR E 211 21.28 -26.81 -10.55
CA TYR E 211 22.07 -27.63 -11.46
C TYR E 211 23.47 -27.06 -11.57
N PRO E 212 24.51 -27.73 -11.03
CA PRO E 212 25.87 -27.22 -11.19
C PRO E 212 26.36 -27.29 -12.62
N ARG E 213 27.61 -26.86 -12.85
CA ARG E 213 28.15 -26.80 -14.20
C ARG E 213 28.19 -28.16 -14.87
N GLU E 214 28.23 -29.24 -14.11
CA GLU E 214 28.29 -30.56 -14.71
C GLU E 214 26.96 -30.99 -15.32
N GLU E 215 25.88 -30.24 -15.09
CA GLU E 215 24.56 -30.64 -15.55
C GLU E 215 23.86 -29.57 -16.39
N ILE E 216 24.13 -28.30 -16.13
CA ILE E 216 23.59 -27.22 -16.96
C ILE E 216 24.70 -26.22 -17.23
N VAL E 217 24.88 -25.89 -18.51
CA VAL E 217 25.86 -24.90 -18.95
C VAL E 217 25.11 -23.86 -19.78
N TYR E 218 25.34 -22.59 -19.46
CA TYR E 218 24.75 -21.48 -20.19
C TYR E 218 25.77 -20.89 -21.16
N GLN E 219 25.29 -20.40 -22.29
CA GLN E 219 26.17 -19.84 -23.31
C GLN E 219 25.47 -18.67 -23.99
N TRP E 220 26.23 -17.62 -24.26
CA TRP E 220 25.70 -16.42 -24.89
C TRP E 220 25.66 -16.60 -26.40
N LYS E 221 25.24 -15.53 -27.09
CA LYS E 221 25.33 -15.42 -28.53
C LYS E 221 25.86 -14.04 -28.87
N ARG E 222 26.44 -13.91 -30.06
CA ARG E 222 26.96 -12.61 -30.48
C ARG E 222 25.88 -11.55 -30.42
N SER E 223 24.70 -11.86 -30.96
CA SER E 223 23.56 -10.96 -30.94
C SER E 223 22.55 -11.34 -29.86
N SER E 224 23.03 -11.85 -28.73
CA SER E 224 22.13 -12.29 -27.67
C SER E 224 21.44 -11.11 -26.99
N VAL E 225 22.20 -10.07 -26.65
CA VAL E 225 21.68 -8.94 -25.89
C VAL E 225 21.48 -7.77 -26.85
N GLU E 226 20.24 -7.35 -27.03
CA GLU E 226 19.90 -6.20 -27.84
C GLU E 226 19.03 -5.25 -27.04
N VAL E 227 19.12 -3.97 -27.35
CA VAL E 227 18.47 -2.93 -26.55
C VAL E 227 17.34 -2.30 -27.37
N GLY E 228 16.41 -1.68 -26.66
CA GLY E 228 15.28 -1.03 -27.29
C GLY E 228 15.67 0.28 -27.95
N ASP E 229 14.75 1.25 -27.96
CA ASP E 229 15.04 2.53 -28.58
C ASP E 229 15.93 3.41 -27.70
N THR E 230 15.82 3.27 -26.39
CA THR E 230 16.58 3.97 -25.36
C THR E 230 16.07 5.39 -25.13
N ARG E 231 15.11 5.89 -25.92
CA ARG E 231 14.55 7.21 -25.66
C ARG E 231 13.40 7.17 -24.67
N SER E 232 12.64 6.08 -24.64
CA SER E 232 11.53 5.94 -23.70
C SER E 232 11.96 5.34 -22.37
N TRP E 233 13.25 5.08 -22.18
CA TRP E 233 13.73 4.49 -20.94
C TRP E 233 13.57 5.48 -19.79
N ARG E 234 13.45 4.93 -18.58
CA ARG E 234 13.17 5.72 -17.39
C ARG E 234 14.41 6.38 -16.80
N LEU E 235 15.59 6.13 -17.35
CA LEU E 235 16.81 6.76 -16.86
C LEU E 235 16.69 8.28 -16.98
N TYR E 236 16.64 8.98 -15.84
CA TYR E 236 16.59 10.43 -15.83
C TYR E 236 17.93 11.06 -15.47
N GLN E 237 18.59 10.54 -14.44
CA GLN E 237 19.87 11.06 -13.99
C GLN E 237 21.05 10.24 -14.50
N PHE E 238 20.80 9.26 -15.36
CA PHE E 238 21.84 8.41 -15.89
C PHE E 238 21.64 8.26 -17.40
N SER E 239 22.73 7.97 -18.09
CA SER E 239 22.70 7.72 -19.53
C SER E 239 23.33 6.36 -19.81
N PHE E 240 22.73 5.62 -20.74
CA PHE E 240 23.16 4.26 -21.04
C PHE E 240 24.33 4.32 -22.01
N VAL E 241 25.54 4.11 -21.51
CA VAL E 241 26.72 4.15 -22.37
C VAL E 241 26.80 2.91 -23.25
N GLY E 242 26.57 1.74 -22.66
CA GLY E 242 26.65 0.50 -23.41
C GLY E 242 26.61 -0.68 -22.45
N LEU E 243 26.67 -1.87 -23.04
CA LEU E 243 26.61 -3.09 -22.25
C LEU E 243 27.66 -4.08 -22.74
N ARG E 244 28.08 -4.94 -21.82
CA ARG E 244 28.95 -6.07 -22.12
C ARG E 244 28.45 -7.29 -21.36
N ASN E 245 28.73 -8.47 -21.89
CA ASN E 245 28.31 -9.72 -21.29
C ASN E 245 29.52 -10.51 -20.80
N THR E 246 29.26 -11.47 -19.92
CA THR E 246 30.32 -12.22 -19.28
C THR E 246 29.79 -13.58 -18.85
N THR E 247 30.69 -14.55 -18.77
CA THR E 247 30.39 -15.88 -18.27
C THR E 247 31.53 -16.31 -17.36
N GLU E 248 31.19 -17.00 -16.27
CA GLU E 248 32.18 -17.47 -15.32
C GLU E 248 31.60 -18.63 -14.53
N VAL E 249 32.43 -19.23 -13.69
CA VAL E 249 32.04 -20.31 -12.80
C VAL E 249 32.20 -19.82 -11.37
N VAL E 250 31.20 -20.06 -10.53
CA VAL E 250 31.17 -19.57 -9.17
C VAL E 250 31.04 -20.76 -8.24
N LYS E 251 31.91 -20.81 -7.23
CA LYS E 251 31.86 -21.87 -6.23
C LYS E 251 30.76 -21.57 -5.22
N THR E 252 29.90 -22.55 -4.99
CA THR E 252 28.76 -22.41 -4.10
C THR E 252 28.70 -23.62 -3.18
N THR E 253 27.94 -23.50 -2.10
CA THR E 253 27.80 -24.60 -1.15
C THR E 253 27.38 -25.88 -1.83
N SER E 254 26.54 -25.81 -2.85
CA SER E 254 26.02 -26.99 -3.53
C SER E 254 26.80 -27.35 -4.80
N GLY E 255 27.88 -26.65 -5.10
CA GLY E 255 28.71 -26.99 -6.23
C GLY E 255 29.15 -25.74 -6.98
N ASP E 256 29.63 -25.96 -8.20
CA ASP E 256 30.07 -24.88 -9.07
C ASP E 256 29.01 -24.63 -10.13
N TYR E 257 28.68 -23.36 -10.33
CA TYR E 257 27.60 -22.98 -11.25
C TYR E 257 28.12 -22.00 -12.28
N VAL E 258 27.68 -22.17 -13.52
CA VAL E 258 28.00 -21.23 -14.58
C VAL E 258 27.12 -19.99 -14.38
N VAL E 259 27.75 -18.87 -14.08
CA VAL E 259 27.06 -17.61 -13.81
C VAL E 259 27.24 -16.70 -15.01
N MET E 260 26.14 -16.29 -15.61
CA MET E 260 26.15 -15.43 -16.79
C MET E 260 25.79 -14.02 -16.38
N SER E 261 26.57 -13.05 -16.82
CA SER E 261 26.40 -11.66 -16.39
C SER E 261 26.27 -10.75 -17.60
N VAL E 262 25.44 -9.72 -17.45
CA VAL E 262 25.34 -8.63 -18.41
C VAL E 262 25.53 -7.34 -17.64
N TYR E 263 26.51 -6.53 -18.05
CA TYR E 263 26.83 -5.28 -17.39
C TYR E 263 26.28 -4.13 -18.22
N PHE E 264 25.59 -3.21 -17.56
CA PHE E 264 25.02 -2.02 -18.19
C PHE E 264 25.79 -0.81 -17.70
N ASP E 265 26.54 -0.19 -18.59
CA ASP E 265 27.35 0.98 -18.24
C ASP E 265 26.47 2.23 -18.25
N LEU E 266 26.37 2.88 -17.11
CA LEU E 266 25.51 4.04 -16.93
C LEU E 266 26.35 5.24 -16.51
N SER E 267 26.23 6.34 -17.26
CA SER E 267 26.90 7.59 -16.94
C SER E 267 25.89 8.57 -16.38
N ARG E 268 26.22 9.21 -15.26
CA ARG E 268 25.30 10.12 -14.63
C ARG E 268 25.19 11.42 -15.41
N ARG E 269 24.01 12.03 -15.34
CA ARG E 269 23.78 13.37 -15.89
C ARG E 269 23.88 14.37 -14.75
N MET E 270 24.80 15.32 -14.89
CA MET E 270 24.97 16.36 -13.87
C MET E 270 24.01 17.52 -14.06
N GLY E 271 23.17 17.50 -15.10
CA GLY E 271 22.33 18.65 -15.38
C GLY E 271 21.31 18.90 -14.28
N TYR E 272 20.64 17.85 -13.82
CA TYR E 272 19.60 18.03 -12.81
C TYR E 272 20.19 18.52 -11.50
N PHE E 273 21.24 17.83 -11.01
CA PHE E 273 21.83 18.21 -9.73
C PHE E 273 22.48 19.58 -9.80
N THR E 274 22.94 20.00 -10.98
CA THR E 274 23.34 21.38 -11.15
C THR E 274 22.25 22.31 -10.63
N ILE E 275 21.07 22.24 -11.27
CA ILE E 275 19.96 23.11 -10.88
C ILE E 275 19.63 22.90 -9.40
N GLN E 276 19.63 21.66 -8.94
CA GLN E 276 19.16 21.38 -7.59
C GLN E 276 20.04 22.02 -6.53
N THR E 277 21.36 21.95 -6.70
CA THR E 277 22.25 22.29 -5.59
C THR E 277 23.37 23.23 -5.97
N TYR E 278 23.96 23.11 -7.16
CA TYR E 278 25.16 23.85 -7.46
C TYR E 278 24.85 25.32 -7.71
N ILE E 279 23.81 25.61 -8.47
CA ILE E 279 23.37 26.99 -8.65
C ILE E 279 22.90 27.61 -7.35
N PRO E 280 22.01 26.97 -6.57
CA PRO E 280 21.59 27.59 -5.30
C PRO E 280 22.75 27.88 -4.36
N CYS E 281 23.70 26.95 -4.21
CA CYS E 281 24.81 27.21 -3.30
C CYS E 281 25.67 28.37 -3.78
N THR E 282 25.95 28.42 -5.08
CA THR E 282 26.72 29.53 -5.62
C THR E 282 26.02 30.85 -5.37
N LEU E 283 24.72 30.89 -5.57
CA LEU E 283 24.00 32.16 -5.44
C LEU E 283 23.84 32.56 -3.98
N ILE E 284 23.72 31.60 -3.06
CA ILE E 284 23.77 31.94 -1.64
C ILE E 284 25.15 32.45 -1.26
N VAL E 285 26.20 31.90 -1.85
CA VAL E 285 27.54 32.42 -1.58
C VAL E 285 27.64 33.87 -2.04
N VAL E 286 27.12 34.18 -3.22
CA VAL E 286 27.18 35.55 -3.71
C VAL E 286 26.31 36.46 -2.83
N LEU E 287 25.17 35.94 -2.36
CA LEU E 287 24.37 36.68 -1.39
C LEU E 287 25.20 37.03 -0.16
N SER E 288 25.99 36.07 0.32
CA SER E 288 26.88 36.35 1.44
C SER E 288 27.88 37.43 1.06
N TRP E 289 28.37 37.40 -0.18
CA TRP E 289 29.30 38.43 -0.64
C TRP E 289 28.69 39.81 -0.50
N VAL E 290 27.42 39.94 -0.91
CA VAL E 290 26.76 41.24 -0.93
C VAL E 290 26.81 41.94 0.42
N SER E 291 27.15 41.22 1.49
CA SER E 291 27.30 41.88 2.79
C SER E 291 28.46 42.86 2.79
N PHE E 292 29.56 42.52 2.11
CA PHE E 292 30.75 43.35 2.21
C PHE E 292 30.50 44.77 1.68
N TRP E 293 29.75 44.90 0.58
CA TRP E 293 29.46 46.23 0.07
C TRP E 293 28.45 46.99 0.93
N ILE E 294 27.81 46.33 1.89
CA ILE E 294 26.90 47.05 2.79
C ILE E 294 27.71 47.96 3.71
N ASN E 295 27.08 49.04 4.15
CA ASN E 295 27.74 49.99 5.03
C ASN E 295 28.12 49.30 6.34
N LYS E 296 29.27 49.72 6.89
CA LYS E 296 29.78 49.10 8.10
C LYS E 296 28.94 49.46 9.32
N ASP E 297 28.15 50.54 9.24
CA ASP E 297 27.47 51.05 10.42
C ASP E 297 26.31 50.14 10.82
N ALA E 298 25.50 49.72 9.86
CA ALA E 298 24.26 48.99 10.14
C ALA E 298 24.62 47.56 10.56
N VAL E 299 24.95 47.41 11.85
CA VAL E 299 25.30 46.10 12.37
C VAL E 299 24.15 45.11 12.23
N PRO E 300 22.91 45.42 12.65
CA PRO E 300 21.83 44.44 12.48
C PRO E 300 21.64 44.00 11.04
N ALA E 301 21.80 44.90 10.08
CA ALA E 301 21.69 44.52 8.68
C ALA E 301 22.68 43.41 8.33
N ARG E 302 23.96 43.64 8.66
CA ARG E 302 24.99 42.67 8.32
C ARG E 302 24.79 41.36 9.05
N THR E 303 24.46 41.43 10.33
CA THR E 303 24.23 40.20 11.10
C THR E 303 23.08 39.40 10.54
N SER E 304 21.97 40.07 10.20
CA SER E 304 20.83 39.38 9.65
C SER E 304 21.18 38.75 8.30
N LEU E 305 21.91 39.47 7.46
CA LEU E 305 22.31 38.91 6.17
C LEU E 305 23.15 37.66 6.36
N GLY E 306 24.17 37.75 7.23
CA GLY E 306 25.03 36.62 7.45
C GLY E 306 24.29 35.41 8.00
N ILE E 307 23.43 35.64 9.01
CA ILE E 307 22.74 34.52 9.62
C ILE E 307 21.73 33.92 8.65
N THR E 308 21.04 34.75 7.87
CA THR E 308 20.10 34.21 6.89
C THR E 308 20.83 33.36 5.86
N THR E 309 21.98 33.83 5.38
CA THR E 309 22.76 33.01 4.46
C THR E 309 23.16 31.70 5.10
N VAL E 310 23.58 31.74 6.37
CA VAL E 310 24.03 30.51 7.04
C VAL E 310 22.86 29.53 7.18
N LEU E 311 21.69 30.01 7.60
CA LEU E 311 20.54 29.13 7.76
C LEU E 311 20.12 28.53 6.43
N THR E 312 20.06 29.35 5.39
CA THR E 312 19.68 28.84 4.08
C THR E 312 20.70 27.81 3.60
N MET E 313 21.98 28.08 3.83
CA MET E 313 23.03 27.15 3.43
C MET E 313 22.88 25.82 4.17
N THR E 314 22.58 25.88 5.47
CA THR E 314 22.46 24.66 6.26
C THR E 314 21.26 23.83 5.82
N THR E 315 20.10 24.48 5.64
CA THR E 315 18.92 23.74 5.20
C THR E 315 19.13 23.18 3.79
N LEU E 316 19.78 23.95 2.92
CA LEU E 316 20.07 23.47 1.57
C LEU E 316 20.99 22.26 1.62
N SER E 317 22.00 22.28 2.49
CA SER E 317 22.88 21.14 2.63
C SER E 317 22.11 19.92 3.13
N THR E 318 21.26 20.11 4.14
CA THR E 318 20.51 18.98 4.68
C THR E 318 19.61 18.36 3.62
N ILE E 319 18.88 19.19 2.87
CA ILE E 319 17.97 18.65 1.86
C ILE E 319 18.75 18.02 0.72
N ALA E 320 19.87 18.65 0.32
CA ALA E 320 20.64 18.14 -0.81
C ALA E 320 21.24 16.78 -0.52
N ARG E 321 21.74 16.58 0.71
CA ARG E 321 22.27 15.27 1.09
C ARG E 321 21.17 14.21 1.09
N LYS E 322 19.96 14.58 1.51
CA LYS E 322 18.86 13.62 1.56
C LYS E 322 18.63 12.96 0.20
N SER E 323 18.93 13.66 -0.89
CA SER E 323 18.81 13.07 -2.21
C SER E 323 19.72 11.86 -2.38
N LEU E 324 20.73 11.72 -1.53
CA LEU E 324 21.72 10.67 -1.58
C LEU E 324 21.51 9.67 -0.44
N PRO E 325 21.77 8.38 -0.64
CA PRO E 325 21.72 7.45 0.50
C PRO E 325 22.71 7.86 1.58
N LYS E 326 22.33 7.61 2.83
CA LYS E 326 23.15 8.01 3.97
C LYS E 326 24.39 7.13 4.00
N VAL E 327 25.49 7.65 3.46
CA VAL E 327 26.75 6.90 3.38
C VAL E 327 27.76 7.57 4.31
N SER E 328 28.68 6.76 4.82
CA SER E 328 29.64 7.24 5.81
C SER E 328 30.82 7.97 5.18
N TYR E 329 31.01 7.89 3.87
CA TYR E 329 32.11 8.56 3.19
C TYR E 329 31.63 9.86 2.56
N VAL E 330 32.58 10.77 2.36
CA VAL E 330 32.28 12.08 1.79
C VAL E 330 32.19 11.94 0.28
N THR E 331 31.23 12.65 -0.31
CA THR E 331 31.03 12.65 -1.76
C THR E 331 31.47 13.98 -2.35
N ALA E 332 31.76 13.97 -3.65
CA ALA E 332 32.14 15.21 -4.32
C ALA E 332 31.10 16.29 -4.12
N MET E 333 29.83 15.92 -4.05
CA MET E 333 28.78 16.90 -3.79
C MET E 333 28.91 17.50 -2.41
N ASP E 334 29.22 16.67 -1.40
CA ASP E 334 29.38 17.18 -0.04
C ASP E 334 30.52 18.17 0.05
N LEU E 335 31.60 17.93 -0.71
CA LEU E 335 32.77 18.79 -0.61
C LEU E 335 32.44 20.20 -1.08
N PHE E 336 31.76 20.33 -2.22
CA PHE E 336 31.42 21.66 -2.73
C PHE E 336 30.49 22.39 -1.77
N VAL E 337 29.48 21.67 -1.25
CA VAL E 337 28.55 22.29 -0.32
C VAL E 337 29.29 22.75 0.93
N SER E 338 30.19 21.93 1.45
CA SER E 338 30.95 22.31 2.63
C SER E 338 31.87 23.48 2.35
N VAL E 339 32.42 23.57 1.14
CA VAL E 339 33.27 24.70 0.79
C VAL E 339 32.45 25.98 0.77
N CYS E 340 31.26 25.93 0.17
CA CYS E 340 30.40 27.11 0.16
C CYS E 340 30.00 27.51 1.58
N PHE E 341 29.71 26.51 2.42
CA PHE E 341 29.37 26.77 3.81
C PHE E 341 30.53 27.42 4.55
N ILE E 342 31.76 26.94 4.28
CA ILE E 342 32.93 27.57 4.85
C ILE E 342 33.07 29.01 4.36
N PHE E 343 32.73 29.24 3.08
CA PHE E 343 32.82 30.60 2.55
C PHE E 343 31.88 31.55 3.28
N VAL E 344 30.64 31.12 3.50
CA VAL E 344 29.70 31.99 4.21
C VAL E 344 30.13 32.18 5.66
N PHE E 345 30.62 31.13 6.30
CA PHE E 345 31.13 31.28 7.66
C PHE E 345 32.30 32.24 7.71
N SER E 346 33.16 32.19 6.68
CA SER E 346 34.30 33.09 6.60
C SER E 346 33.84 34.52 6.40
N ALA E 347 32.76 34.73 5.65
CA ALA E 347 32.21 36.08 5.53
C ALA E 347 31.70 36.59 6.88
N LEU E 348 30.99 35.72 7.62
CA LEU E 348 30.57 36.10 8.96
C LEU E 348 31.76 36.47 9.84
N VAL E 349 32.82 35.65 9.79
CA VAL E 349 34.00 35.91 10.61
C VAL E 349 34.68 37.20 10.15
N GLU E 350 34.66 37.46 8.84
CA GLU E 350 35.25 38.70 8.34
C GLU E 350 34.54 39.91 8.92
N TYR E 351 33.20 39.90 8.89
CA TYR E 351 32.47 41.02 9.46
C TYR E 351 32.71 41.13 10.96
N GLY E 352 32.75 39.99 11.66
CA GLY E 352 33.00 40.04 13.10
C GLY E 352 34.36 40.62 13.44
N THR E 353 35.40 40.21 12.70
CA THR E 353 36.72 40.76 12.91
C THR E 353 36.74 42.25 12.59
N LEU E 354 36.03 42.65 11.54
CA LEU E 354 35.93 44.08 11.23
C LEU E 354 35.27 44.84 12.36
N HIS E 355 34.20 44.30 12.92
CA HIS E 355 33.50 44.96 14.01
C HIS E 355 34.40 45.09 15.24
N TYR E 356 35.18 44.05 15.53
CA TYR E 356 36.08 44.15 16.68
C TYR E 356 37.24 45.10 16.41
N PHE E 357 37.71 45.17 15.17
CA PHE E 357 38.88 45.98 14.83
C PHE E 357 38.56 47.43 14.54
N VAL E 358 37.30 47.78 14.28
CA VAL E 358 36.97 49.16 13.99
C VAL E 358 37.14 50.02 15.23
N SER E 359 36.78 49.48 16.40
CA SER E 359 36.90 50.26 17.64
C SER E 359 38.36 50.64 17.90
N SER E 360 39.29 49.71 17.70
CA SER E 360 40.70 50.02 17.90
C SER E 360 41.19 51.04 16.87
N GLN E 361 40.89 50.81 15.59
CA GLN E 361 41.18 51.79 14.55
C GLN E 361 40.33 51.50 13.31
N PRO E 362 39.72 52.53 12.70
CA PRO E 362 38.84 52.27 11.55
C PRO E 362 39.56 52.21 10.21
N ALA E 363 40.74 52.81 10.12
CA ALA E 363 41.47 52.81 8.85
C ALA E 363 41.85 51.39 8.44
N ARG E 364 42.41 50.63 9.38
CA ARG E 364 42.76 49.24 9.08
C ARG E 364 41.52 48.43 8.74
N ALA E 365 40.41 48.68 9.44
CA ALA E 365 39.17 47.97 9.16
C ALA E 365 38.71 48.23 7.73
N ALA E 366 38.74 49.50 7.30
CA ALA E 366 38.33 49.82 5.94
C ALA E 366 39.26 49.17 4.92
N LYS E 367 40.57 49.23 5.17
CA LYS E 367 41.52 48.63 4.25
C LYS E 367 41.26 47.13 4.09
N MET E 368 41.12 46.42 5.21
CA MET E 368 40.89 44.98 5.13
C MET E 368 39.53 44.66 4.54
N ASP E 369 38.53 45.52 4.75
CA ASP E 369 37.23 45.30 4.13
C ASP E 369 37.32 45.40 2.61
N SER E 370 38.02 46.41 2.12
CA SER E 370 38.20 46.53 0.67
C SER E 370 38.98 45.34 0.13
N TYR E 371 40.02 44.90 0.86
CA TYR E 371 40.77 43.74 0.43
C TYR E 371 39.89 42.50 0.35
N ALA E 372 39.04 42.29 1.35
CA ALA E 372 38.14 41.14 1.34
C ALA E 372 37.17 41.24 0.17
N ARG E 373 36.62 42.43 -0.09
CA ARG E 373 35.73 42.61 -1.22
C ARG E 373 36.41 42.19 -2.52
N ILE E 374 37.66 42.63 -2.72
CA ILE E 374 38.34 42.30 -3.97
C ILE E 374 38.82 40.85 -4.00
N PHE E 375 39.00 40.21 -2.85
CA PHE E 375 39.55 38.86 -2.80
C PHE E 375 38.48 37.78 -2.93
N PHE E 376 37.45 37.83 -2.08
CA PHE E 376 36.54 36.69 -1.93
C PHE E 376 36.00 36.17 -3.25
N PRO E 377 35.52 37.00 -4.17
CA PRO E 377 35.10 36.46 -5.48
C PRO E 377 36.21 35.71 -6.18
N THR E 378 37.44 36.23 -6.13
CA THR E 378 38.55 35.54 -6.78
C THR E 378 38.81 34.19 -6.14
N ALA E 379 38.75 34.14 -4.81
CA ALA E 379 38.96 32.87 -4.11
C ALA E 379 37.89 31.86 -4.48
N PHE E 380 36.63 32.28 -4.53
CA PHE E 380 35.57 31.35 -4.90
C PHE E 380 35.75 30.85 -6.32
N CYS E 381 36.10 31.74 -7.25
CA CYS E 381 36.32 31.32 -8.63
C CYS E 381 37.47 30.33 -8.71
N LEU E 382 38.56 30.60 -8.00
CA LEU E 382 39.71 29.71 -8.01
C LEU E 382 39.33 28.32 -7.48
N PHE E 383 38.62 28.29 -6.35
CA PHE E 383 38.25 26.99 -5.79
C PHE E 383 37.27 26.26 -6.70
N ASN E 384 36.34 26.98 -7.32
CA ASN E 384 35.47 26.34 -8.30
C ASN E 384 36.27 25.69 -9.40
N LEU E 385 37.23 26.42 -9.96
CA LEU E 385 38.03 25.86 -11.04
C LEU E 385 38.77 24.62 -10.58
N VAL E 386 39.38 24.68 -9.39
CA VAL E 386 40.14 23.55 -8.88
C VAL E 386 39.23 22.33 -8.70
N TYR E 387 38.10 22.53 -8.04
CA TYR E 387 37.16 21.42 -7.81
C TYR E 387 36.69 20.81 -9.13
N TRP E 388 36.25 21.66 -10.06
CA TRP E 388 35.66 21.15 -11.30
C TRP E 388 36.69 20.38 -12.12
N VAL E 389 37.89 20.94 -12.28
CA VAL E 389 38.91 20.24 -13.05
C VAL E 389 39.30 18.95 -12.34
N SER E 390 39.46 18.99 -11.02
CA SER E 390 39.90 17.81 -10.29
C SER E 390 38.90 16.67 -10.44
N TYR E 391 37.62 16.96 -10.31
CA TYR E 391 36.62 15.89 -10.34
C TYR E 391 36.15 15.56 -11.74
N LEU E 392 36.51 16.35 -12.76
CA LEU E 392 36.26 15.96 -14.14
C LEU E 392 37.41 15.15 -14.72
N TYR E 393 38.65 15.44 -14.32
CA TYR E 393 39.79 14.70 -14.85
C TYR E 393 39.77 13.25 -14.39
N LEU E 394 39.62 13.02 -13.09
CA LEU E 394 39.64 11.67 -12.55
C LEU E 394 38.23 11.12 -12.38
N ASN F 1 -5.35 -14.63 45.99
CA ASN F 1 -6.60 -15.19 45.39
C ASN F 1 -7.66 -14.11 45.25
N ILE F 2 -8.64 -14.36 44.38
CA ILE F 2 -9.76 -13.46 44.20
C ILE F 2 -10.82 -13.81 45.22
N VAL F 3 -11.28 -12.81 45.96
CA VAL F 3 -12.26 -13.00 47.03
C VAL F 3 -13.60 -12.47 46.56
N MET F 4 -14.64 -13.29 46.70
CA MET F 4 -15.99 -12.91 46.36
C MET F 4 -16.75 -12.54 47.64
N THR F 5 -17.20 -11.30 47.73
CA THR F 5 -17.93 -10.81 48.90
C THR F 5 -19.42 -10.91 48.61
N GLN F 6 -20.08 -11.86 49.24
CA GLN F 6 -21.50 -12.12 49.04
C GLN F 6 -22.27 -11.56 50.22
N SER F 7 -23.20 -10.65 49.94
CA SER F 7 -24.02 -10.03 50.97
C SER F 7 -25.46 -9.96 50.50
N PRO F 8 -26.42 -9.95 51.43
CA PRO F 8 -26.24 -10.06 52.87
C PRO F 8 -26.12 -11.50 53.35
N LYS F 9 -25.55 -11.72 54.54
CA LYS F 9 -25.33 -13.08 55.01
C LYS F 9 -26.64 -13.84 55.16
N SER F 10 -27.65 -13.21 55.74
CA SER F 10 -28.96 -13.80 55.90
C SER F 10 -30.02 -12.75 55.67
N MET F 11 -31.13 -13.15 55.05
CA MET F 11 -32.21 -12.21 54.77
C MET F 11 -33.41 -13.01 54.30
N SER F 12 -34.59 -12.64 54.81
CA SER F 12 -35.81 -13.41 54.60
C SER F 12 -36.97 -12.48 54.32
N MET F 13 -38.02 -13.03 53.74
CA MET F 13 -39.24 -12.29 53.46
C MET F 13 -40.34 -13.29 53.12
N SER F 14 -41.48 -12.79 52.68
CA SER F 14 -42.62 -13.63 52.35
C SER F 14 -42.37 -14.36 51.03
N VAL F 15 -43.38 -15.09 50.57
CA VAL F 15 -43.30 -15.90 49.37
C VAL F 15 -44.15 -15.27 48.28
N GLY F 16 -43.61 -15.20 47.07
CA GLY F 16 -44.33 -14.69 45.93
C GLY F 16 -43.82 -13.36 45.40
N GLU F 17 -42.77 -12.80 45.98
CA GLU F 17 -42.23 -11.51 45.56
C GLU F 17 -40.77 -11.67 45.15
N ARG F 18 -40.13 -10.55 44.82
CA ARG F 18 -38.78 -10.55 44.29
C ARG F 18 -37.75 -10.54 45.41
N VAL F 19 -36.64 -11.25 45.17
CA VAL F 19 -35.51 -11.28 46.09
C VAL F 19 -34.23 -11.20 45.27
N THR F 20 -33.30 -10.36 45.70
CA THR F 20 -32.05 -10.13 44.98
C THR F 20 -30.86 -10.40 45.89
N LEU F 21 -29.91 -11.20 45.39
CA LEU F 21 -28.67 -11.49 46.09
C LEU F 21 -27.52 -10.90 45.29
N SER F 22 -26.59 -10.25 45.98
CA SER F 22 -25.48 -9.56 45.35
C SER F 22 -24.17 -10.22 45.70
N CYS F 23 -23.31 -10.38 44.70
CA CYS F 23 -21.96 -10.90 44.88
C CYS F 23 -20.98 -9.89 44.30
N LYS F 24 -19.93 -9.58 45.05
CA LYS F 24 -18.96 -8.57 44.67
C LYS F 24 -17.57 -9.20 44.65
N ALA F 25 -16.82 -8.94 43.58
CA ALA F 25 -15.50 -9.52 43.39
C ALA F 25 -14.44 -8.45 43.58
N SER F 26 -13.41 -8.78 44.36
CA SER F 26 -12.34 -7.84 44.64
C SER F 26 -11.44 -7.59 43.43
N GLU F 27 -11.59 -8.38 42.37
CA GLU F 27 -10.73 -8.26 41.20
C GLU F 27 -11.56 -8.58 39.97
N TYR F 28 -11.08 -8.14 38.82
CA TYR F 28 -11.82 -8.36 37.58
C TYR F 28 -12.05 -9.84 37.36
N VAL F 29 -13.29 -10.21 37.05
CA VAL F 29 -13.65 -11.54 36.58
C VAL F 29 -14.65 -11.35 35.45
N GLY F 30 -14.24 -11.70 34.23
CA GLY F 30 -15.01 -11.34 33.06
C GLY F 30 -16.27 -12.15 32.86
N THR F 31 -17.26 -11.97 33.73
CA THR F 31 -18.54 -12.67 33.62
C THR F 31 -18.39 -14.18 33.83
N TYR F 32 -17.35 -14.59 34.55
CA TYR F 32 -17.15 -16.00 34.90
C TYR F 32 -17.62 -16.28 36.30
N VAL F 33 -18.72 -15.65 36.71
CA VAL F 33 -19.32 -15.84 38.03
C VAL F 33 -20.50 -16.77 37.89
N SER F 34 -20.56 -17.79 38.75
CA SER F 34 -21.67 -18.73 38.76
C SER F 34 -22.39 -18.64 40.09
N TRP F 35 -23.62 -19.14 40.11
CA TRP F 35 -24.45 -19.14 41.31
C TRP F 35 -24.91 -20.56 41.58
N TYR F 36 -24.70 -21.03 42.81
CA TYR F 36 -25.08 -22.37 43.22
C TYR F 36 -26.04 -22.28 44.40
N GLN F 37 -27.09 -23.09 44.36
CA GLN F 37 -28.00 -23.25 45.49
C GLN F 37 -27.78 -24.62 46.11
N GLN F 38 -27.86 -24.69 47.43
CA GLN F 38 -27.57 -25.93 48.16
C GLN F 38 -28.61 -26.07 49.27
N LYS F 39 -29.61 -26.92 49.03
CA LYS F 39 -30.60 -27.21 50.03
C LYS F 39 -29.96 -28.01 51.17
N PRO F 40 -30.53 -27.95 52.38
CA PRO F 40 -29.93 -28.67 53.50
C PRO F 40 -29.74 -30.14 53.19
N GLU F 41 -28.57 -30.66 53.57
CA GLU F 41 -28.22 -32.06 53.32
C GLU F 41 -28.34 -32.38 51.83
N GLN F 42 -27.67 -31.57 51.01
CA GLN F 42 -27.66 -31.79 49.57
C GLN F 42 -26.43 -31.10 48.97
N SER F 43 -25.99 -31.62 47.83
CA SER F 43 -24.84 -31.01 47.18
C SER F 43 -25.26 -29.75 46.44
N PRO F 44 -24.33 -28.82 46.22
CA PRO F 44 -24.69 -27.60 45.49
C PRO F 44 -25.16 -27.91 44.07
N LYS F 45 -26.11 -27.11 43.60
CA LYS F 45 -26.65 -27.23 42.25
C LYS F 45 -26.38 -25.97 41.48
N LEU F 46 -25.93 -26.12 40.24
CA LEU F 46 -25.59 -24.96 39.41
C LEU F 46 -26.86 -24.32 38.89
N LEU F 47 -27.02 -23.02 39.19
CA LEU F 47 -28.16 -22.24 38.69
C LEU F 47 -27.77 -21.35 37.52
N ILE F 48 -26.74 -20.53 37.68
CA ILE F 48 -26.31 -19.60 36.65
C ILE F 48 -24.86 -19.93 36.30
N TYR F 49 -24.62 -20.24 35.03
CA TYR F 49 -23.26 -20.38 34.50
C TYR F 49 -22.96 -19.17 33.64
N GLY F 50 -21.70 -18.76 33.64
CA GLY F 50 -21.40 -17.44 33.12
C GLY F 50 -22.10 -16.43 33.99
N ALA F 51 -22.02 -15.15 33.66
CA ALA F 51 -22.65 -14.15 34.51
C ALA F 51 -24.16 -14.32 34.55
N SER F 52 -24.78 -14.53 33.38
CA SER F 52 -26.23 -14.40 33.27
C SER F 52 -26.86 -15.45 32.36
N ASN F 53 -26.32 -16.66 32.33
CA ASN F 53 -26.91 -17.77 31.58
C ASN F 53 -27.52 -18.76 32.55
N ARG F 54 -28.78 -19.13 32.33
CA ARG F 54 -29.44 -20.10 33.18
C ARG F 54 -29.02 -21.50 32.83
N TYR F 55 -28.79 -22.32 33.85
CA TYR F 55 -28.45 -23.72 33.62
C TYR F 55 -29.70 -24.48 33.16
N THR F 56 -29.48 -25.47 32.32
CA THR F 56 -30.59 -26.27 31.80
C THR F 56 -31.37 -26.90 32.94
N GLY F 57 -32.70 -26.80 32.86
CA GLY F 57 -33.57 -27.33 33.88
C GLY F 57 -33.85 -26.37 35.03
N VAL F 58 -33.21 -25.21 35.06
CA VAL F 58 -33.43 -24.24 36.13
C VAL F 58 -34.57 -23.33 35.69
N PRO F 59 -35.56 -23.07 36.54
CA PRO F 59 -36.72 -22.28 36.11
C PRO F 59 -36.32 -20.88 35.67
N ASP F 60 -37.17 -20.28 34.82
CA ASP F 60 -36.97 -18.91 34.39
C ASP F 60 -37.14 -17.92 35.53
N ARG F 61 -37.64 -18.37 36.69
CA ARG F 61 -37.75 -17.49 37.84
C ARG F 61 -36.40 -16.87 38.22
N PHE F 62 -35.31 -17.55 37.93
CA PHE F 62 -33.97 -17.07 38.27
C PHE F 62 -33.38 -16.29 37.11
N THR F 63 -32.71 -15.18 37.43
CA THR F 63 -32.09 -14.33 36.41
C THR F 63 -30.86 -13.69 37.03
N GLY F 64 -29.69 -14.05 36.51
CA GLY F 64 -28.44 -13.46 36.93
C GLY F 64 -28.02 -12.32 36.02
N SER F 65 -27.15 -11.47 36.54
CA SER F 65 -26.64 -10.33 35.78
C SER F 65 -25.54 -9.67 36.59
N GLY F 66 -24.49 -9.23 35.90
CA GLY F 66 -23.38 -8.62 36.61
C GLY F 66 -22.35 -8.03 35.67
N SER F 67 -21.61 -7.07 36.21
CA SER F 67 -20.54 -6.37 35.51
C SER F 67 -19.22 -7.12 35.76
N ALA F 68 -18.10 -6.47 35.46
CA ALA F 68 -16.81 -7.12 35.64
C ALA F 68 -16.54 -7.48 37.10
N THR F 69 -17.12 -6.76 38.05
CA THR F 69 -16.89 -7.02 39.46
C THR F 69 -18.16 -7.10 40.30
N ASP F 70 -19.28 -6.58 39.84
CA ASP F 70 -20.52 -6.60 40.61
C ASP F 70 -21.51 -7.53 39.93
N PHE F 71 -22.01 -8.51 40.68
CA PHE F 71 -22.94 -9.50 40.16
C PHE F 71 -24.09 -9.67 41.14
N THR F 72 -25.28 -9.90 40.60
CA THR F 72 -26.47 -10.08 41.41
C THR F 72 -27.32 -11.21 40.84
N LEU F 73 -28.01 -11.91 41.72
CA LEU F 73 -28.97 -12.95 41.35
C LEU F 73 -30.36 -12.51 41.77
N THR F 74 -31.29 -12.49 40.82
CA THR F 74 -32.65 -12.03 41.06
C THR F 74 -33.59 -13.22 41.05
N ILE F 75 -34.36 -13.36 42.13
CA ILE F 75 -35.38 -14.40 42.21
C ILE F 75 -36.73 -13.72 42.25
N GLY F 76 -37.35 -13.54 41.08
CA GLY F 76 -38.62 -12.86 41.02
C GLY F 76 -39.79 -13.77 41.26
N SER F 77 -40.64 -13.43 42.23
CA SER F 77 -41.75 -14.28 42.63
C SER F 77 -41.25 -15.63 43.15
N VAL F 78 -40.55 -15.56 44.28
CA VAL F 78 -40.00 -16.76 44.89
C VAL F 78 -41.13 -17.77 45.15
N GLN F 79 -40.75 -19.03 45.24
CA GLN F 79 -41.66 -20.13 45.53
C GLN F 79 -41.22 -20.83 46.81
N ALA F 80 -41.86 -21.96 47.10
CA ALA F 80 -41.51 -22.74 48.28
C ALA F 80 -40.23 -23.55 48.08
N GLU F 81 -39.83 -23.80 46.83
CA GLU F 81 -38.59 -24.52 46.58
C GLU F 81 -37.37 -23.64 46.72
N ASP F 82 -37.52 -22.33 46.71
CA ASP F 82 -36.40 -21.40 46.74
C ASP F 82 -36.12 -20.91 48.16
N LEU F 83 -35.75 -21.84 49.03
CA LEU F 83 -35.37 -21.53 50.41
C LEU F 83 -34.00 -22.10 50.76
N ALA F 84 -33.15 -22.32 49.78
CA ALA F 84 -31.87 -22.97 50.00
C ALA F 84 -30.81 -21.94 50.39
N ASP F 85 -29.58 -22.43 50.55
CA ASP F 85 -28.41 -21.58 50.77
C ASP F 85 -27.73 -21.35 49.43
N TYR F 86 -27.51 -20.09 49.08
CA TYR F 86 -27.02 -19.70 47.77
C TYR F 86 -25.58 -19.22 47.87
N HIS F 87 -24.71 -19.73 47.01
CA HIS F 87 -23.31 -19.36 46.96
C HIS F 87 -22.96 -18.81 45.59
N CYS F 88 -22.15 -17.76 45.57
CA CYS F 88 -21.61 -17.20 44.35
C CYS F 88 -20.13 -17.55 44.26
N GLY F 89 -19.70 -17.99 43.08
CA GLY F 89 -18.32 -18.34 42.86
C GLY F 89 -17.82 -17.79 41.55
N GLN F 90 -16.51 -17.55 41.51
CA GLN F 90 -15.84 -17.06 40.31
C GLN F 90 -14.92 -18.13 39.77
N SER F 91 -14.82 -18.21 38.44
CA SER F 91 -13.93 -19.16 37.78
C SER F 91 -12.99 -18.48 36.80
N TYR F 92 -12.87 -17.15 36.87
CA TYR F 92 -11.91 -16.46 36.01
C TYR F 92 -10.49 -16.91 36.33
N SER F 93 -10.18 -17.06 37.60
CA SER F 93 -8.92 -17.60 38.08
C SER F 93 -9.24 -18.89 38.84
N TYR F 94 -8.27 -19.40 39.57
CA TYR F 94 -8.52 -20.59 40.38
C TYR F 94 -9.73 -20.33 41.27
N PRO F 95 -10.72 -21.23 41.28
CA PRO F 95 -12.05 -20.86 41.79
C PRO F 95 -12.02 -20.47 43.27
N THR F 96 -12.86 -19.48 43.60
CA THR F 96 -13.13 -19.11 44.98
C THR F 96 -14.62 -18.85 45.11
N PHE F 97 -15.16 -19.17 46.28
CA PHE F 97 -16.58 -19.03 46.54
C PHE F 97 -16.81 -17.95 47.59
N GLY F 98 -17.99 -17.35 47.56
CA GLY F 98 -18.38 -16.38 48.55
C GLY F 98 -18.81 -17.03 49.84
N ALA F 99 -19.09 -16.18 50.83
CA ALA F 99 -19.49 -16.67 52.14
C ALA F 99 -20.86 -17.33 52.12
N GLY F 100 -21.66 -17.10 51.08
CA GLY F 100 -22.98 -17.66 50.99
C GLY F 100 -24.04 -16.74 51.59
N THR F 101 -25.29 -17.06 51.29
CA THR F 101 -26.43 -16.27 51.77
C THR F 101 -27.57 -17.22 52.10
N LYS F 102 -27.94 -17.27 53.38
CA LYS F 102 -29.03 -18.12 53.82
C LYS F 102 -30.37 -17.42 53.57
N LEU F 103 -31.28 -18.10 52.88
CA LEU F 103 -32.60 -17.59 52.58
C LEU F 103 -33.62 -18.41 53.35
N GLU F 104 -34.45 -17.74 54.15
CA GLU F 104 -35.43 -18.41 54.98
C GLU F 104 -36.78 -17.71 54.86
N LEU F 105 -37.83 -18.39 55.28
CA LEU F 105 -39.18 -17.85 55.26
C LEU F 105 -39.73 -17.79 53.84
N VAL G 2 -22.40 -36.76 34.08
CA VAL G 2 -23.82 -36.85 34.39
C VAL G 2 -24.02 -37.37 35.81
N GLN G 3 -23.11 -38.23 36.24
CA GLN G 3 -23.18 -38.81 37.59
C GLN G 3 -21.78 -38.90 38.16
N LEU G 4 -21.65 -38.50 39.43
CA LEU G 4 -20.37 -38.51 40.14
C LEU G 4 -20.60 -39.22 41.48
N GLN G 5 -20.38 -40.52 41.50
CA GLN G 5 -20.58 -41.31 42.71
C GLN G 5 -19.36 -41.17 43.62
N GLN G 6 -19.54 -40.46 44.72
CA GLN G 6 -18.45 -40.22 45.66
C GLN G 6 -18.39 -41.33 46.70
N SER G 7 -17.29 -41.36 47.44
CA SER G 7 -17.10 -42.39 48.45
C SER G 7 -18.03 -42.15 49.65
N GLY G 8 -18.22 -43.20 50.43
CA GLY G 8 -19.05 -43.11 51.60
C GLY G 8 -18.30 -42.51 52.78
N ALA G 9 -19.06 -42.23 53.84
CA ALA G 9 -18.48 -41.62 55.03
C ALA G 9 -17.46 -42.57 55.66
N GLU G 10 -16.49 -41.99 56.35
CA GLU G 10 -15.43 -42.78 56.96
C GLU G 10 -14.85 -42.03 58.15
N LEU G 11 -14.19 -42.78 59.02
CA LEU G 11 -13.61 -42.25 60.26
C LEU G 11 -12.09 -42.20 60.15
N VAL G 12 -11.50 -41.21 60.79
CA VAL G 12 -10.05 -41.00 60.77
C VAL G 12 -9.62 -40.54 62.15
N LYS G 13 -8.35 -40.80 62.48
CA LYS G 13 -7.76 -40.33 63.72
C LYS G 13 -6.73 -39.24 63.44
N PRO G 14 -6.46 -38.35 64.40
CA PRO G 14 -5.50 -37.28 64.14
C PRO G 14 -4.14 -37.83 63.72
N GLY G 15 -3.53 -37.16 62.75
CA GLY G 15 -2.25 -37.59 62.22
C GLY G 15 -2.32 -38.70 61.21
N ALA G 16 -3.51 -39.23 60.92
CA ALA G 16 -3.67 -40.29 59.94
C ALA G 16 -3.91 -39.70 58.56
N SER G 17 -4.13 -40.56 57.57
CA SER G 17 -4.34 -40.16 56.20
C SER G 17 -5.52 -40.92 55.61
N VAL G 18 -6.21 -40.28 54.68
CA VAL G 18 -7.38 -40.85 54.03
C VAL G 18 -7.35 -40.51 52.55
N LYS G 19 -7.77 -41.46 51.72
CA LYS G 19 -7.91 -41.27 50.29
C LYS G 19 -9.39 -41.32 49.93
N LEU G 20 -9.89 -40.26 49.31
CA LEU G 20 -11.29 -40.15 48.92
C LEU G 20 -11.42 -40.40 47.42
N SER G 21 -12.42 -41.18 47.03
CA SER G 21 -12.63 -41.56 45.65
C SER G 21 -13.91 -40.93 45.10
N CYS G 22 -13.84 -40.48 43.85
CA CYS G 22 -14.97 -39.85 43.17
C CYS G 22 -15.15 -40.54 41.81
N THR G 23 -15.92 -41.62 41.78
CA THR G 23 -16.21 -42.29 40.53
C THR G 23 -17.07 -41.40 39.64
N ALA G 24 -16.86 -41.51 38.34
CA ALA G 24 -17.55 -40.69 37.35
C ALA G 24 -18.06 -41.56 36.23
N SER G 25 -19.29 -41.30 35.79
CA SER G 25 -19.91 -42.04 34.69
C SER G 25 -20.59 -41.06 33.75
N GLY G 26 -20.73 -41.46 32.50
CA GLY G 26 -21.34 -40.64 31.48
C GLY G 26 -20.38 -39.75 30.73
N PHE G 27 -19.13 -39.65 31.17
CA PHE G 27 -18.12 -38.88 30.46
C PHE G 27 -16.75 -39.45 30.81
N ASN G 28 -15.80 -39.25 29.91
CA ASN G 28 -14.42 -39.70 30.10
C ASN G 28 -13.65 -38.55 30.72
N ILE G 29 -13.29 -38.70 32.01
CA ILE G 29 -12.78 -37.59 32.81
C ILE G 29 -11.60 -36.92 32.16
N LYS G 30 -10.94 -37.60 31.20
CA LYS G 30 -9.79 -37.00 30.53
C LYS G 30 -10.15 -35.67 29.90
N ASP G 31 -11.37 -35.56 29.35
CA ASP G 31 -11.77 -34.38 28.60
C ASP G 31 -12.45 -33.32 29.46
N THR G 32 -12.13 -33.28 30.75
CA THR G 32 -12.68 -32.24 31.62
C THR G 32 -11.84 -32.18 32.90
N TYR G 33 -11.95 -31.05 33.58
CA TYR G 33 -11.25 -30.87 34.86
C TYR G 33 -12.09 -31.46 35.99
N MET G 34 -11.39 -31.93 37.03
CA MET G 34 -12.02 -32.47 38.22
C MET G 34 -11.62 -31.60 39.41
N TYR G 35 -12.60 -31.19 40.20
CA TYR G 35 -12.39 -30.27 41.31
C TYR G 35 -12.76 -30.94 42.62
N TRP G 36 -12.08 -30.53 43.69
CA TRP G 36 -12.36 -31.00 45.04
C TRP G 36 -12.62 -29.78 45.92
N VAL G 37 -13.78 -29.76 46.57
CA VAL G 37 -14.24 -28.62 47.35
C VAL G 37 -14.55 -29.07 48.76
N LYS G 38 -14.23 -28.24 49.74
CA LYS G 38 -14.44 -28.52 51.15
C LYS G 38 -15.50 -27.58 51.70
N GLN G 39 -16.47 -28.15 52.42
CA GLN G 39 -17.54 -27.36 53.03
C GLN G 39 -17.69 -27.77 54.49
N ARG G 40 -17.23 -26.89 55.38
CA ARG G 40 -17.44 -27.09 56.80
C ARG G 40 -18.91 -26.85 57.16
N PRO G 41 -19.36 -27.37 58.29
CA PRO G 41 -20.79 -27.24 58.61
C PRO G 41 -21.15 -25.79 58.93
N GLU G 42 -22.08 -25.25 58.16
CA GLU G 42 -22.45 -23.84 58.23
C GLU G 42 -21.24 -22.95 57.95
N GLN G 43 -20.62 -23.18 56.80
CA GLN G 43 -19.42 -22.45 56.40
C GLN G 43 -19.41 -22.31 54.89
N GLY G 44 -18.61 -21.36 54.41
CA GLY G 44 -18.48 -21.15 52.98
C GLY G 44 -17.67 -22.24 52.31
N LEU G 45 -17.93 -22.43 51.02
CA LEU G 45 -17.22 -23.44 50.26
C LEU G 45 -15.76 -23.05 50.05
N GLU G 46 -14.88 -24.03 50.10
CA GLU G 46 -13.45 -23.82 49.96
C GLU G 46 -12.93 -24.74 48.86
N TRP G 47 -12.12 -24.19 47.96
CA TRP G 47 -11.54 -24.94 46.87
C TRP G 47 -10.23 -25.57 47.31
N ILE G 48 -10.11 -26.89 47.14
CA ILE G 48 -8.91 -27.62 47.51
C ILE G 48 -7.94 -27.63 46.34
N GLY G 49 -8.35 -28.21 45.23
CA GLY G 49 -7.50 -28.27 44.06
C GLY G 49 -8.24 -28.87 42.89
N ARG G 50 -7.57 -28.86 41.74
CA ARG G 50 -8.12 -29.45 40.53
C ARG G 50 -7.04 -30.27 39.86
N ILE G 51 -7.48 -31.25 39.07
CA ILE G 51 -6.58 -32.11 38.29
C ILE G 51 -7.06 -32.12 36.85
N ASP G 52 -6.12 -32.08 35.92
CA ASP G 52 -6.41 -32.21 34.50
C ASP G 52 -6.07 -33.63 34.07
N PRO G 53 -7.03 -34.57 34.10
CA PRO G 53 -6.67 -35.97 33.85
C PRO G 53 -6.09 -36.21 32.47
N ALA G 54 -6.23 -35.28 31.54
CA ALA G 54 -5.63 -35.44 30.22
C ALA G 54 -4.12 -35.57 30.32
N ASN G 55 -3.49 -34.73 31.16
CA ASN G 55 -2.05 -34.77 31.32
C ASN G 55 -1.60 -34.91 32.78
N GLY G 56 -2.52 -34.86 33.73
CA GLY G 56 -2.17 -35.06 35.13
C GLY G 56 -1.72 -33.82 35.87
N ASP G 57 -1.74 -32.66 35.23
CA ASP G 57 -1.36 -31.43 35.92
C ASP G 57 -2.41 -31.06 36.96
N THR G 58 -1.96 -30.59 38.11
CA THR G 58 -2.85 -30.25 39.20
C THR G 58 -2.43 -28.92 39.82
N LYS G 59 -3.39 -28.26 40.45
CA LYS G 59 -3.17 -27.04 41.20
C LYS G 59 -3.88 -27.15 42.53
N TYR G 60 -3.37 -26.43 43.53
CA TYR G 60 -3.93 -26.46 44.87
C TYR G 60 -4.04 -25.04 45.41
N ASP G 61 -5.05 -24.84 46.25
CA ASP G 61 -5.13 -23.60 47.00
C ASP G 61 -3.94 -23.53 47.95
N PRO G 62 -3.23 -22.40 48.03
CA PRO G 62 -2.09 -22.33 48.96
C PRO G 62 -2.41 -22.84 50.35
N LYS G 63 -3.67 -22.77 50.79
CA LYS G 63 -4.02 -23.31 52.09
C LYS G 63 -3.77 -24.81 52.16
N PHE G 64 -4.14 -25.53 51.10
CA PHE G 64 -4.01 -26.99 51.07
C PHE G 64 -2.78 -27.46 50.32
N GLN G 65 -1.92 -26.55 49.86
CA GLN G 65 -0.72 -26.97 49.15
C GLN G 65 0.13 -27.84 50.07
N GLY G 66 0.51 -29.01 49.56
CA GLY G 66 1.30 -29.94 50.35
C GLY G 66 0.46 -30.78 51.28
N LYS G 67 -0.61 -30.19 51.82
CA LYS G 67 -1.48 -30.90 52.74
C LYS G 67 -2.38 -31.92 52.02
N ALA G 68 -2.65 -31.71 50.74
CA ALA G 68 -3.52 -32.60 49.98
C ALA G 68 -2.88 -32.92 48.63
N THR G 69 -3.22 -34.08 48.09
CA THR G 69 -2.73 -34.52 46.79
C THR G 69 -3.88 -35.16 46.03
N ILE G 70 -4.02 -34.81 44.75
CA ILE G 70 -5.11 -35.28 43.91
C ILE G 70 -4.52 -36.10 42.79
N THR G 71 -5.04 -37.31 42.60
CA THR G 71 -4.57 -38.23 41.57
C THR G 71 -5.76 -38.82 40.83
N THR G 72 -5.47 -39.53 39.75
CA THR G 72 -6.51 -40.08 38.90
C THR G 72 -6.02 -41.35 38.25
N ASP G 73 -6.98 -42.13 37.74
CA ASP G 73 -6.69 -43.32 36.93
C ASP G 73 -7.75 -43.42 35.84
N THR G 74 -7.40 -42.94 34.65
CA THR G 74 -8.38 -42.87 33.56
C THR G 74 -9.03 -44.22 33.29
N PHE G 75 -8.30 -45.31 33.51
CA PHE G 75 -8.87 -46.63 33.26
C PHE G 75 -10.14 -46.83 34.07
N SER G 76 -10.09 -46.51 35.37
CA SER G 76 -11.25 -46.64 36.23
C SER G 76 -12.21 -45.46 36.12
N ASN G 77 -11.78 -44.35 35.50
CA ASN G 77 -12.62 -43.17 35.36
C ASN G 77 -12.94 -42.57 36.74
N THR G 78 -11.94 -42.51 37.60
CA THR G 78 -12.12 -42.03 38.97
C THR G 78 -11.03 -41.01 39.29
N ALA G 79 -11.35 -40.11 40.21
CA ALA G 79 -10.39 -39.15 40.75
C ALA G 79 -10.27 -39.37 42.25
N TYR G 80 -9.04 -39.30 42.75
CA TYR G 80 -8.74 -39.56 44.15
C TYR G 80 -8.21 -38.32 44.82
N LEU G 81 -8.63 -38.09 46.06
CA LEU G 81 -8.13 -37.01 46.89
C LEU G 81 -7.40 -37.62 48.08
N GLN G 82 -6.15 -37.20 48.28
CA GLN G 82 -5.31 -37.68 49.37
C GLN G 82 -5.18 -36.57 50.40
N LEU G 83 -5.58 -36.86 51.63
CA LEU G 83 -5.46 -35.93 52.75
C LEU G 83 -4.45 -36.50 53.73
N SER G 84 -3.49 -35.68 54.15
CA SER G 84 -2.43 -36.11 55.04
C SER G 84 -2.35 -35.19 56.25
N SER G 85 -1.81 -35.72 57.34
CA SER G 85 -1.68 -34.96 58.60
C SER G 85 -3.03 -34.44 59.06
N LEU G 86 -4.06 -35.28 58.95
CA LEU G 86 -5.40 -34.87 59.34
C LEU G 86 -5.43 -34.47 60.81
N THR G 87 -6.10 -33.35 61.07
CA THR G 87 -6.32 -32.86 62.43
C THR G 87 -7.81 -32.57 62.60
N SER G 88 -8.19 -32.18 63.80
CA SER G 88 -9.59 -31.84 64.05
C SER G 88 -10.06 -30.70 63.16
N GLU G 89 -9.13 -29.89 62.64
CA GLU G 89 -9.47 -28.79 61.76
C GLU G 89 -9.87 -29.26 60.37
N ASP G 90 -9.68 -30.54 60.06
CA ASP G 90 -9.90 -31.09 58.72
C ASP G 90 -11.17 -31.93 58.64
N THR G 91 -12.14 -31.65 59.51
CA THR G 91 -13.40 -32.37 59.51
C THR G 91 -14.45 -31.53 58.79
N ALA G 92 -14.98 -32.06 57.68
CA ALA G 92 -15.95 -31.35 56.86
C ALA G 92 -16.48 -32.32 55.82
N VAL G 93 -17.31 -31.79 54.92
CA VAL G 93 -17.82 -32.54 53.78
C VAL G 93 -16.98 -32.18 52.56
N TYR G 94 -16.43 -33.19 51.90
CA TYR G 94 -15.57 -33.00 50.76
C TYR G 94 -16.34 -33.33 49.48
N TYR G 95 -16.44 -32.35 48.59
CA TYR G 95 -17.23 -32.47 47.38
C TYR G 95 -16.33 -32.66 46.17
N CYS G 96 -16.83 -33.42 45.20
CA CYS G 96 -16.16 -33.64 43.92
C CYS G 96 -17.01 -33.04 42.83
N ALA G 97 -16.42 -32.15 42.03
CA ALA G 97 -17.15 -31.39 41.03
C ALA G 97 -16.49 -31.55 39.67
N ARG G 98 -17.27 -31.38 38.62
CA ARG G 98 -16.81 -31.51 37.24
C ARG G 98 -16.93 -30.16 36.55
N LYS G 99 -15.85 -29.73 35.91
CA LYS G 99 -15.85 -28.49 35.17
C LYS G 99 -16.76 -28.60 33.94
N GLY G 100 -17.28 -27.46 33.50
CA GLY G 100 -18.03 -27.41 32.27
C GLY G 100 -18.83 -26.15 32.12
N LEU G 101 -19.09 -25.74 30.88
CA LEU G 101 -20.01 -24.64 30.57
C LEU G 101 -19.55 -23.35 31.26
N ARG G 102 -18.42 -22.84 30.80
CA ARG G 102 -17.84 -21.59 31.28
C ARG G 102 -17.20 -21.74 32.64
N TRP G 103 -16.59 -22.90 32.91
CA TRP G 103 -15.92 -23.15 34.18
C TRP G 103 -16.87 -22.92 35.34
N ALA G 104 -17.95 -23.70 35.37
CA ALA G 104 -19.06 -23.46 36.28
C ALA G 104 -19.26 -24.55 37.32
N MET G 105 -18.60 -25.69 37.20
CA MET G 105 -18.83 -26.82 38.12
C MET G 105 -20.29 -27.27 38.06
N ASP G 106 -20.69 -27.70 36.87
CA ASP G 106 -22.10 -28.03 36.66
C ASP G 106 -22.54 -29.23 37.48
N TYR G 107 -21.70 -30.25 37.58
CA TYR G 107 -22.05 -31.49 38.26
C TYR G 107 -21.23 -31.65 39.52
N TRP G 108 -21.89 -31.94 40.64
CA TRP G 108 -21.25 -32.14 41.92
C TRP G 108 -21.56 -33.54 42.43
N GLY G 109 -20.62 -34.13 43.14
CA GLY G 109 -20.86 -35.39 43.82
C GLY G 109 -21.70 -35.20 45.05
N GLN G 110 -22.23 -36.32 45.56
CA GLN G 110 -23.08 -36.25 46.74
C GLN G 110 -22.31 -35.77 47.96
N GLY G 111 -20.98 -35.85 47.94
CA GLY G 111 -20.18 -35.38 49.04
C GLY G 111 -19.95 -36.42 50.12
N THR G 112 -18.69 -36.66 50.46
CA THR G 112 -18.33 -37.63 51.49
C THR G 112 -17.89 -36.87 52.74
N SER G 113 -18.43 -37.25 53.89
CA SER G 113 -18.13 -36.60 55.16
C SER G 113 -17.02 -37.37 55.87
N VAL G 114 -15.97 -36.66 56.27
CA VAL G 114 -14.84 -37.24 56.99
C VAL G 114 -14.66 -36.45 58.28
N THR G 115 -14.54 -37.16 59.39
CA THR G 115 -14.33 -36.55 60.70
C THR G 115 -13.15 -37.19 61.38
N VAL G 116 -12.52 -36.44 62.28
CA VAL G 116 -11.35 -36.89 63.02
C VAL G 116 -11.75 -37.12 64.46
N SER G 117 -11.55 -38.35 64.94
CA SER G 117 -11.95 -38.72 66.30
C SER G 117 -13.45 -38.52 66.51
N ASN H 1 -17.08 13.76 -39.77
CA ASN H 1 -16.97 13.42 -41.21
C ASN H 1 -15.62 13.82 -41.77
N ILE H 2 -14.76 12.83 -41.99
CA ILE H 2 -13.43 13.07 -42.53
C ILE H 2 -13.54 13.21 -44.04
N VAL H 3 -12.99 14.29 -44.57
CA VAL H 3 -13.02 14.58 -46.00
C VAL H 3 -11.63 14.28 -46.57
N MET H 4 -11.56 13.41 -47.56
CA MET H 4 -10.30 12.98 -48.15
C MET H 4 -10.10 13.73 -49.45
N THR H 5 -9.22 14.73 -49.42
CA THR H 5 -8.89 15.51 -50.61
C THR H 5 -7.83 14.75 -51.42
N GLN H 6 -8.17 14.39 -52.64
CA GLN H 6 -7.30 13.61 -53.50
C GLN H 6 -6.86 14.48 -54.68
N SER H 7 -5.55 14.61 -54.85
CA SER H 7 -4.98 15.40 -55.93
C SER H 7 -3.79 14.66 -56.51
N PRO H 8 -3.46 14.89 -57.80
CA PRO H 8 -4.17 15.76 -58.74
C PRO H 8 -5.45 15.14 -59.25
N LYS H 9 -6.39 15.96 -59.71
CA LYS H 9 -7.68 15.44 -60.17
C LYS H 9 -7.52 14.55 -61.41
N SER H 10 -6.44 14.72 -62.16
CA SER H 10 -6.22 13.91 -63.35
C SER H 10 -4.74 13.95 -63.70
N MET H 11 -4.32 12.99 -64.53
CA MET H 11 -2.93 12.92 -64.95
C MET H 11 -2.86 12.38 -66.38
N SER H 12 -1.93 12.91 -67.16
CA SER H 12 -1.65 12.46 -68.51
C SER H 12 -0.18 12.08 -68.67
N MET H 13 0.43 11.63 -67.58
CA MET H 13 1.87 11.36 -67.58
C MET H 13 2.21 10.20 -68.52
N SER H 14 3.43 10.25 -69.04
CA SER H 14 3.88 9.27 -70.03
C SER H 14 4.03 7.88 -69.41
N VAL H 15 3.84 6.86 -70.24
CA VAL H 15 3.97 5.49 -69.79
C VAL H 15 5.41 5.18 -69.42
N GLY H 16 5.58 4.24 -68.49
CA GLY H 16 6.87 3.67 -68.16
C GLY H 16 7.60 4.32 -67.01
N GLU H 17 7.14 5.47 -66.52
CA GLU H 17 7.83 6.21 -65.48
C GLU H 17 6.97 6.26 -64.22
N ARG H 18 7.46 6.99 -63.22
CA ARG H 18 6.84 6.99 -61.90
C ARG H 18 5.54 7.78 -61.87
N VAL H 19 4.58 7.28 -61.09
CA VAL H 19 3.31 7.96 -60.85
C VAL H 19 3.15 8.10 -59.34
N THR H 20 2.76 9.29 -58.89
CA THR H 20 2.56 9.57 -57.47
C THR H 20 1.19 10.17 -57.27
N LEU H 21 0.32 9.44 -56.57
CA LEU H 21 -0.99 9.92 -56.16
C LEU H 21 -0.94 10.25 -54.68
N SER H 22 -1.33 11.47 -54.31
CA SER H 22 -1.29 11.93 -52.94
C SER H 22 -2.70 12.20 -52.45
N CYS H 23 -3.07 11.56 -51.35
CA CYS H 23 -4.39 11.71 -50.74
C CYS H 23 -4.22 12.28 -49.35
N LYS H 24 -4.97 13.34 -49.05
CA LYS H 24 -4.88 14.04 -47.77
C LYS H 24 -6.21 13.96 -47.04
N ALA H 25 -6.16 13.84 -45.72
CA ALA H 25 -7.34 13.66 -44.90
C ALA H 25 -7.56 14.88 -44.02
N SER H 26 -8.82 15.27 -43.85
CA SER H 26 -9.13 16.46 -43.07
C SER H 26 -8.75 16.28 -41.61
N GLU H 27 -8.94 15.08 -41.07
CA GLU H 27 -8.67 14.77 -39.67
C GLU H 27 -7.67 13.62 -39.59
N TYR H 28 -7.47 13.10 -38.38
CA TYR H 28 -6.59 11.98 -38.18
C TYR H 28 -7.30 10.70 -38.58
N VAL H 29 -6.70 9.95 -39.50
CA VAL H 29 -7.13 8.59 -39.84
C VAL H 29 -5.85 7.76 -39.85
N GLY H 30 -5.56 7.10 -38.73
CA GLY H 30 -4.22 6.61 -38.48
C GLY H 30 -3.57 5.92 -39.66
N THR H 31 -4.00 4.69 -39.95
CA THR H 31 -3.46 3.97 -41.09
C THR H 31 -4.56 3.24 -41.83
N TYR H 32 -5.80 3.71 -41.72
CA TYR H 32 -6.96 3.04 -42.30
C TYR H 32 -7.35 3.66 -43.62
N VAL H 33 -6.36 4.09 -44.39
CA VAL H 33 -6.56 4.61 -45.73
C VAL H 33 -6.30 3.48 -46.73
N SER H 34 -7.23 3.29 -47.66
CA SER H 34 -7.14 2.25 -48.67
C SER H 34 -7.20 2.87 -50.05
N TRP H 35 -6.60 2.19 -51.02
CA TRP H 35 -6.57 2.64 -52.41
C TRP H 35 -7.28 1.62 -53.28
N TYR H 36 -8.28 2.06 -54.02
CA TYR H 36 -9.06 1.21 -54.89
C TYR H 36 -8.85 1.63 -56.33
N GLN H 37 -8.76 0.64 -57.23
CA GLN H 37 -8.61 0.87 -58.65
C GLN H 37 -9.92 0.53 -59.34
N GLN H 38 -10.36 1.42 -60.23
CA GLN H 38 -11.64 1.27 -60.93
C GLN H 38 -11.39 1.43 -62.42
N LYS H 39 -11.22 0.33 -63.13
CA LYS H 39 -11.13 0.38 -64.57
C LYS H 39 -12.49 0.76 -65.15
N PRO H 40 -12.51 1.32 -66.36
CA PRO H 40 -13.77 1.85 -66.89
C PRO H 40 -14.87 0.80 -66.91
N GLU H 41 -16.07 1.23 -66.48
CA GLU H 41 -17.25 0.38 -66.44
C GLU H 41 -16.95 -0.95 -65.74
N GLN H 42 -16.61 -0.85 -64.46
CA GLN H 42 -16.28 -2.04 -63.67
C GLN H 42 -16.20 -1.64 -62.21
N SER H 43 -16.40 -2.62 -61.33
CA SER H 43 -16.39 -2.35 -59.91
C SER H 43 -14.98 -2.04 -59.43
N PRO H 44 -14.84 -1.25 -58.35
CA PRO H 44 -13.50 -0.97 -57.83
C PRO H 44 -12.83 -2.23 -57.32
N LYS H 45 -11.50 -2.25 -57.42
CA LYS H 45 -10.68 -3.35 -56.93
C LYS H 45 -9.73 -2.79 -55.88
N LEU H 46 -9.64 -3.46 -54.75
CA LEU H 46 -8.78 -3.01 -53.67
C LEU H 46 -7.32 -3.24 -54.05
N LEU H 47 -6.51 -2.19 -53.88
CA LEU H 47 -5.07 -2.28 -54.11
C LEU H 47 -4.27 -2.23 -52.82
N ILE H 48 -4.53 -1.23 -51.97
CA ILE H 48 -3.82 -1.04 -50.72
C ILE H 48 -4.84 -1.05 -49.60
N TYR H 49 -4.68 -1.96 -48.65
CA TYR H 49 -5.45 -1.98 -47.42
C TYR H 49 -4.56 -1.52 -46.29
N GLY H 50 -5.15 -0.88 -45.30
CA GLY H 50 -4.34 -0.16 -44.34
C GLY H 50 -3.44 0.79 -45.10
N ALA H 51 -2.43 1.34 -44.46
CA ALA H 51 -1.46 2.19 -45.14
C ALA H 51 -0.19 1.37 -45.39
N SER H 52 0.20 1.24 -46.65
CA SER H 52 1.43 0.56 -47.03
C SER H 52 1.32 -0.96 -46.89
N ASN H 53 0.16 -1.52 -47.21
CA ASN H 53 -0.02 -2.96 -47.30
C ASN H 53 -0.68 -3.27 -48.64
N ARG H 54 -0.15 -4.27 -49.34
CA ARG H 54 -0.65 -4.65 -50.65
C ARG H 54 -1.63 -5.81 -50.53
N TYR H 55 -2.68 -5.77 -51.35
CA TYR H 55 -3.65 -6.85 -51.36
C TYR H 55 -3.14 -8.00 -52.23
N THR H 56 -3.73 -9.18 -52.01
CA THR H 56 -3.27 -10.38 -52.71
C THR H 56 -3.40 -10.20 -54.21
N GLY H 57 -2.40 -10.67 -54.94
CA GLY H 57 -2.44 -10.61 -56.40
C GLY H 57 -2.44 -9.20 -56.95
N VAL H 58 -1.62 -8.32 -56.39
CA VAL H 58 -1.50 -6.96 -56.88
C VAL H 58 -0.09 -6.77 -57.42
N PRO H 59 0.10 -6.07 -58.54
CA PRO H 59 1.46 -5.87 -59.05
C PRO H 59 2.32 -5.17 -58.01
N ASP H 60 3.58 -5.60 -57.92
CA ASP H 60 4.49 -5.07 -56.91
C ASP H 60 4.91 -3.64 -57.18
N ARG H 61 4.59 -3.09 -58.36
CA ARG H 61 4.87 -1.68 -58.61
C ARG H 61 4.04 -0.76 -57.73
N PHE H 62 2.92 -1.25 -57.20
CA PHE H 62 2.08 -0.44 -56.32
C PHE H 62 2.61 -0.49 -54.91
N THR H 63 2.71 0.67 -54.27
CA THR H 63 3.14 0.76 -52.89
C THR H 63 2.65 2.09 -52.32
N GLY H 64 2.14 2.05 -51.09
CA GLY H 64 1.62 3.23 -50.43
C GLY H 64 2.34 3.52 -49.13
N SER H 65 2.11 4.73 -48.62
CA SER H 65 2.69 5.16 -47.36
C SER H 65 1.85 6.31 -46.81
N GLY H 66 2.00 6.58 -45.53
CA GLY H 66 1.28 7.66 -44.89
C GLY H 66 1.03 7.32 -43.43
N SER H 67 1.04 8.36 -42.59
CA SER H 67 1.02 8.20 -41.15
C SER H 67 -0.24 8.74 -40.48
N ALA H 68 -0.52 10.03 -40.60
CA ALA H 68 -1.66 10.62 -39.89
C ALA H 68 -2.70 11.16 -40.85
N THR H 69 -2.26 12.02 -41.78
CA THR H 69 -3.18 12.67 -42.70
C THR H 69 -2.66 12.76 -44.13
N ASP H 70 -1.40 12.43 -44.38
CA ASP H 70 -0.81 12.52 -45.71
C ASP H 70 -0.46 11.12 -46.19
N PHE H 71 -1.20 10.64 -47.20
CA PHE H 71 -1.01 9.31 -47.74
C PHE H 71 -0.80 9.41 -49.24
N THR H 72 0.07 8.56 -49.77
CA THR H 72 0.42 8.59 -51.18
C THR H 72 0.46 7.17 -51.73
N LEU H 73 0.20 7.05 -53.02
CA LEU H 73 0.29 5.79 -53.75
C LEU H 73 1.28 5.96 -54.88
N THR H 74 2.23 5.03 -54.98
CA THR H 74 3.31 5.12 -55.95
C THR H 74 3.30 3.91 -56.86
N ILE H 75 3.51 4.16 -58.15
CA ILE H 75 3.64 3.12 -59.16
C ILE H 75 5.07 3.19 -59.71
N GLY H 76 5.80 2.08 -59.60
CA GLY H 76 7.17 2.07 -60.07
C GLY H 76 7.28 2.35 -61.56
N SER H 77 6.44 1.68 -62.35
CA SER H 77 6.45 1.87 -63.79
C SER H 77 5.04 1.61 -64.31
N VAL H 78 4.46 2.60 -64.99
CA VAL H 78 3.11 2.45 -65.50
C VAL H 78 3.05 1.31 -66.52
N GLN H 79 1.86 0.76 -66.70
CA GLN H 79 1.60 -0.26 -67.70
C GLN H 79 0.28 0.07 -68.39
N ALA H 80 0.00 -0.66 -69.46
CA ALA H 80 -1.26 -0.44 -70.18
C ALA H 80 -2.45 -0.80 -69.32
N GLU H 81 -2.27 -1.71 -68.35
CA GLU H 81 -3.36 -2.11 -67.49
C GLU H 81 -3.64 -1.10 -66.38
N ASP H 82 -2.73 -0.18 -66.12
CA ASP H 82 -2.87 0.77 -65.02
C ASP H 82 -3.69 1.99 -65.38
N LEU H 83 -4.23 2.05 -66.59
CA LEU H 83 -5.05 3.18 -67.03
C LEU H 83 -6.44 3.01 -66.41
N ALA H 84 -6.61 3.58 -65.22
CA ALA H 84 -7.84 3.40 -64.46
C ALA H 84 -8.00 4.56 -63.48
N ASP H 85 -9.19 4.65 -62.91
CA ASP H 85 -9.47 5.65 -61.87
C ASP H 85 -9.08 5.09 -60.51
N TYR H 86 -8.41 5.91 -59.71
CA TYR H 86 -7.93 5.51 -58.39
C TYR H 86 -8.61 6.37 -57.34
N HIS H 87 -9.15 5.72 -56.31
CA HIS H 87 -9.84 6.39 -55.21
C HIS H 87 -9.18 6.02 -53.90
N CYS H 88 -8.99 7.02 -53.04
CA CYS H 88 -8.49 6.81 -51.69
C CYS H 88 -9.67 6.93 -50.72
N GLY H 89 -9.79 5.97 -49.83
CA GLY H 89 -10.83 6.00 -48.82
C GLY H 89 -10.25 5.73 -47.45
N GLN H 90 -10.89 6.30 -46.44
CA GLN H 90 -10.51 6.10 -45.05
C GLN H 90 -11.56 5.24 -44.37
N SER H 91 -11.10 4.37 -43.47
CA SER H 91 -11.99 3.54 -42.66
C SER H 91 -11.77 3.74 -41.17
N TYR H 92 -11.06 4.80 -40.78
CA TYR H 92 -10.92 5.08 -39.36
C TYR H 92 -12.27 5.39 -38.73
N SER H 93 -13.13 6.04 -39.48
CA SER H 93 -14.50 6.36 -39.08
C SER H 93 -15.42 5.79 -40.15
N TYR H 94 -16.68 6.22 -40.12
CA TYR H 94 -17.60 5.79 -41.16
C TYR H 94 -17.02 6.13 -42.52
N PRO H 95 -17.02 5.20 -43.47
CA PRO H 95 -16.18 5.37 -44.66
C PRO H 95 -16.49 6.63 -45.45
N THR H 96 -15.44 7.25 -45.98
CA THR H 96 -15.55 8.35 -46.92
C THR H 96 -14.42 8.20 -47.94
N PHE H 97 -14.75 8.40 -49.20
CA PHE H 97 -13.80 8.26 -50.29
C PHE H 97 -13.36 9.63 -50.79
N GLY H 98 -12.22 9.64 -51.49
CA GLY H 98 -11.76 10.83 -52.15
C GLY H 98 -12.43 11.03 -53.49
N ALA H 99 -12.18 12.20 -54.08
CA ALA H 99 -12.80 12.52 -55.37
C ALA H 99 -12.36 11.58 -56.48
N GLY H 100 -11.22 10.91 -56.32
CA GLY H 100 -10.74 10.00 -57.33
C GLY H 100 -10.01 10.74 -58.44
N THR H 101 -8.87 10.20 -58.87
CA THR H 101 -8.04 10.83 -59.89
C THR H 101 -7.89 9.89 -61.07
N LYS H 102 -8.07 10.42 -62.27
CA LYS H 102 -7.99 9.62 -63.49
C LYS H 102 -6.55 9.61 -64.01
N LEU H 103 -6.11 8.45 -64.47
CA LEU H 103 -4.78 8.27 -65.04
C LEU H 103 -4.89 8.11 -66.53
N GLU H 104 -4.08 8.86 -67.28
CA GLU H 104 -4.09 8.84 -68.74
C GLU H 104 -2.66 8.78 -69.26
N LEU H 105 -2.51 8.22 -70.45
CA LEU H 105 -1.22 8.10 -71.11
C LEU H 105 -1.21 9.00 -72.35
N LYS H 106 -0.10 9.69 -72.57
CA LYS H 106 0.05 10.53 -73.75
C LYS H 106 1.46 11.12 -73.80
N VAL I 2 -16.20 -14.44 -51.23
CA VAL I 2 -15.37 -14.64 -52.41
C VAL I 2 -16.01 -13.97 -53.61
N GLN I 3 -17.34 -13.86 -53.59
CA GLN I 3 -18.06 -13.23 -54.69
C GLN I 3 -19.42 -12.78 -54.19
N LEU I 4 -19.83 -11.59 -54.61
CA LEU I 4 -21.14 -11.03 -54.25
C LEU I 4 -21.96 -10.91 -55.53
N GLN I 5 -22.98 -11.76 -55.67
CA GLN I 5 -23.82 -11.78 -56.86
C GLN I 5 -24.92 -10.73 -56.70
N GLN I 6 -24.57 -9.49 -56.98
CA GLN I 6 -25.53 -8.40 -56.88
C GLN I 6 -26.60 -8.53 -57.95
N SER I 7 -27.76 -7.92 -57.69
CA SER I 7 -28.89 -8.04 -58.59
C SER I 7 -28.60 -7.31 -59.91
N GLY I 8 -29.58 -7.30 -60.80
CA GLY I 8 -29.44 -6.68 -62.10
C GLY I 8 -29.87 -5.23 -62.09
N ALA I 9 -29.65 -4.58 -63.25
CA ALA I 9 -30.02 -3.19 -63.40
C ALA I 9 -31.53 -3.03 -63.40
N GLU I 10 -32.01 -2.02 -62.68
CA GLU I 10 -33.43 -1.80 -62.48
C GLU I 10 -33.84 -0.43 -63.01
N LEU I 11 -34.95 -0.38 -63.73
CA LEU I 11 -35.54 0.87 -64.20
C LEU I 11 -36.72 1.21 -63.31
N VAL I 12 -36.71 2.41 -62.73
CA VAL I 12 -37.67 2.81 -61.71
C VAL I 12 -38.24 4.16 -62.09
N LYS I 13 -39.56 4.28 -62.06
CA LYS I 13 -40.20 5.57 -62.28
C LYS I 13 -39.98 6.45 -61.04
N PRO I 14 -39.90 7.78 -61.23
CA PRO I 14 -39.63 8.65 -60.09
C PRO I 14 -40.68 8.50 -59.01
N GLY I 15 -40.23 8.58 -57.76
CA GLY I 15 -41.12 8.43 -56.61
C GLY I 15 -41.45 7.01 -56.24
N ALA I 16 -40.92 6.02 -56.95
CA ALA I 16 -41.23 4.62 -56.70
C ALA I 16 -40.07 3.94 -55.98
N SER I 17 -40.37 3.31 -54.86
CA SER I 17 -39.34 2.61 -54.10
C SER I 17 -38.78 1.45 -54.90
N VAL I 18 -37.51 1.12 -54.64
CA VAL I 18 -36.83 0.04 -55.32
C VAL I 18 -36.04 -0.77 -54.30
N LYS I 19 -36.01 -2.08 -54.46
CA LYS I 19 -35.29 -2.99 -53.59
C LYS I 19 -34.07 -3.50 -54.34
N LEU I 20 -32.90 -3.32 -53.75
CA LEU I 20 -31.64 -3.81 -54.29
C LEU I 20 -31.09 -4.90 -53.37
N SER I 21 -30.76 -6.04 -53.95
CA SER I 21 -30.29 -7.19 -53.19
C SER I 21 -28.84 -7.48 -53.55
N CYS I 22 -28.06 -7.88 -52.54
CA CYS I 22 -26.67 -8.28 -52.72
C CYS I 22 -26.50 -9.66 -52.09
N THR I 23 -26.28 -10.66 -52.92
CA THR I 23 -26.21 -12.05 -52.47
C THR I 23 -24.74 -12.44 -52.28
N ALA I 24 -24.40 -12.87 -51.08
CA ALA I 24 -23.04 -13.23 -50.74
C ALA I 24 -22.84 -14.74 -50.86
N SER I 25 -21.66 -15.13 -51.32
CA SER I 25 -21.29 -16.54 -51.44
C SER I 25 -19.83 -16.70 -51.05
N GLY I 26 -19.49 -17.90 -50.59
CA GLY I 26 -18.14 -18.19 -50.16
C GLY I 26 -17.82 -17.70 -48.77
N PHE I 27 -18.77 -17.07 -48.09
CA PHE I 27 -18.56 -16.59 -46.73
C PHE I 27 -19.92 -16.29 -46.12
N ASN I 28 -19.94 -16.16 -44.80
CA ASN I 28 -21.15 -15.84 -44.06
C ASN I 28 -21.18 -14.34 -43.78
N ILE I 29 -22.18 -13.66 -44.31
CA ILE I 29 -22.30 -12.23 -44.08
C ILE I 29 -22.39 -11.92 -42.59
N LYS I 30 -22.84 -12.88 -41.80
CA LYS I 30 -22.87 -12.69 -40.35
C LYS I 30 -21.48 -12.38 -39.80
N ASP I 31 -20.43 -12.82 -40.49
CA ASP I 31 -19.07 -12.62 -39.99
C ASP I 31 -18.66 -11.16 -40.02
N THR I 32 -18.94 -10.46 -41.12
CA THR I 32 -18.42 -9.12 -41.36
C THR I 32 -19.56 -8.14 -41.61
N TYR I 33 -19.19 -6.88 -41.82
CA TYR I 33 -20.12 -5.83 -42.17
C TYR I 33 -20.34 -5.79 -43.67
N MET I 34 -21.54 -5.42 -44.08
CA MET I 34 -21.89 -5.24 -45.48
C MET I 34 -22.13 -3.75 -45.73
N TYR I 35 -21.53 -3.24 -46.81
CA TYR I 35 -21.58 -1.83 -47.14
C TYR I 35 -22.33 -1.62 -48.45
N TRP I 36 -22.87 -0.42 -48.60
CA TRP I 36 -23.54 -0.01 -49.83
C TRP I 36 -22.97 1.33 -50.27
N VAL I 37 -22.50 1.39 -51.51
CA VAL I 37 -21.82 2.56 -52.06
C VAL I 37 -22.43 2.90 -53.41
N LYS I 38 -22.77 4.16 -53.61
CA LYS I 38 -23.28 4.64 -54.88
C LYS I 38 -22.24 5.52 -55.56
N GLN I 39 -22.09 5.33 -56.88
CA GLN I 39 -21.17 6.14 -57.67
C GLN I 39 -21.98 6.83 -58.76
N ARG I 40 -22.01 8.16 -58.73
CA ARG I 40 -22.67 8.90 -59.77
C ARG I 40 -21.88 8.80 -61.06
N PRO I 41 -22.51 9.02 -62.21
CA PRO I 41 -21.82 8.86 -63.49
C PRO I 41 -20.54 9.67 -63.57
N GLU I 42 -19.40 8.99 -63.67
CA GLU I 42 -18.09 9.64 -63.72
C GLU I 42 -17.91 10.57 -62.52
N GLN I 43 -17.88 9.95 -61.34
CA GLN I 43 -17.78 10.69 -60.10
C GLN I 43 -17.22 9.77 -59.02
N GLY I 44 -16.76 10.38 -57.93
CA GLY I 44 -16.20 9.61 -56.84
C GLY I 44 -17.26 8.83 -56.09
N LEU I 45 -16.80 7.76 -55.43
CA LEU I 45 -17.68 6.94 -54.63
C LEU I 45 -18.16 7.71 -53.40
N GLU I 46 -19.30 7.28 -52.87
CA GLU I 46 -19.84 7.86 -51.65
C GLU I 46 -20.57 6.79 -50.86
N TRP I 47 -20.21 6.66 -49.58
CA TRP I 47 -20.77 5.64 -48.73
C TRP I 47 -22.21 5.95 -48.37
N ILE I 48 -23.07 4.93 -48.42
CA ILE I 48 -24.49 5.08 -48.10
C ILE I 48 -24.72 4.67 -46.65
N GLY I 49 -24.47 3.39 -46.37
CA GLY I 49 -24.71 2.85 -45.04
C GLY I 49 -24.17 1.44 -44.97
N ARG I 50 -24.10 0.93 -43.74
CA ARG I 50 -23.56 -0.40 -43.49
C ARG I 50 -24.46 -1.13 -42.51
N ILE I 51 -24.43 -2.45 -42.57
CA ILE I 51 -25.22 -3.30 -41.69
C ILE I 51 -24.30 -4.33 -41.07
N ASP I 52 -24.50 -4.58 -39.78
CA ASP I 52 -23.83 -5.65 -39.07
C ASP I 52 -24.78 -6.83 -38.98
N PRO I 53 -24.75 -7.78 -39.93
CA PRO I 53 -25.81 -8.79 -39.98
C PRO I 53 -25.95 -9.60 -38.71
N ALA I 54 -24.85 -9.87 -38.00
CA ALA I 54 -24.95 -10.66 -36.78
C ALA I 54 -25.81 -9.97 -35.74
N ASN I 55 -25.60 -8.66 -35.56
CA ASN I 55 -26.38 -7.88 -34.62
C ASN I 55 -27.66 -7.33 -35.24
N GLY I 56 -27.57 -6.85 -36.48
CA GLY I 56 -28.68 -6.21 -37.14
C GLY I 56 -28.64 -4.70 -37.12
N ASP I 57 -27.61 -4.10 -36.53
CA ASP I 57 -27.51 -2.66 -36.47
C ASP I 57 -27.15 -2.09 -37.85
N THR I 58 -27.57 -0.85 -38.08
CA THR I 58 -27.30 -0.18 -39.34
C THR I 58 -26.94 1.28 -39.06
N LYS I 59 -25.85 1.74 -39.67
CA LYS I 59 -25.46 3.14 -39.63
C LYS I 59 -25.56 3.72 -41.04
N TYR I 60 -25.79 5.03 -41.12
CA TYR I 60 -26.06 5.68 -42.38
C TYR I 60 -25.25 6.96 -42.53
N ASP I 61 -24.92 7.28 -43.76
CA ASP I 61 -24.40 8.60 -44.08
C ASP I 61 -25.46 9.63 -43.67
N PRO I 62 -25.11 10.65 -42.88
CA PRO I 62 -26.14 11.57 -42.36
C PRO I 62 -27.09 12.11 -43.42
N LYS I 63 -26.68 12.07 -44.69
CA LYS I 63 -27.50 12.56 -45.78
C LYS I 63 -28.45 11.50 -46.33
N PHE I 64 -28.47 10.30 -45.77
CA PHE I 64 -29.31 9.22 -46.26
C PHE I 64 -30.32 8.73 -45.22
N GLN I 65 -30.54 9.48 -44.14
CA GLN I 65 -31.50 9.07 -43.13
C GLN I 65 -32.89 8.96 -43.74
N GLY I 66 -33.47 7.77 -43.69
CA GLY I 66 -34.80 7.55 -44.23
C GLY I 66 -34.80 7.28 -45.72
N LYS I 67 -33.94 7.97 -46.46
CA LYS I 67 -33.87 7.77 -47.91
C LYS I 67 -33.35 6.39 -48.28
N ALA I 68 -32.74 5.68 -47.33
CA ALA I 68 -32.20 4.34 -47.59
C ALA I 68 -32.46 3.46 -46.37
N THR I 69 -32.49 2.15 -46.62
CA THR I 69 -32.74 1.18 -45.56
C THR I 69 -31.96 -0.09 -45.90
N ILE I 70 -30.99 -0.44 -45.06
CA ILE I 70 -30.20 -1.66 -45.21
C ILE I 70 -30.80 -2.72 -44.33
N THR I 71 -31.00 -3.92 -44.87
CA THR I 71 -31.46 -5.06 -44.11
C THR I 71 -30.77 -6.31 -44.63
N THR I 72 -30.77 -7.35 -43.81
CA THR I 72 -30.09 -8.60 -44.13
C THR I 72 -31.04 -9.77 -43.92
N ASP I 73 -30.66 -10.91 -44.51
CA ASP I 73 -31.34 -12.18 -44.29
C ASP I 73 -30.24 -13.22 -44.07
N THR I 74 -29.85 -13.40 -42.80
CA THR I 74 -28.79 -14.35 -42.49
C THR I 74 -29.11 -15.73 -43.05
N PHE I 75 -30.38 -16.13 -42.98
CA PHE I 75 -30.76 -17.42 -43.54
C PHE I 75 -30.53 -17.46 -45.04
N SER I 76 -30.85 -16.37 -45.74
CA SER I 76 -30.62 -16.28 -47.17
C SER I 76 -29.22 -15.78 -47.50
N ASN I 77 -28.45 -15.36 -46.51
CA ASN I 77 -27.08 -14.88 -46.73
C ASN I 77 -27.08 -13.74 -47.74
N THR I 78 -28.03 -12.82 -47.59
CA THR I 78 -28.25 -11.74 -48.54
C THR I 78 -28.39 -10.43 -47.78
N ALA I 79 -27.99 -9.34 -48.44
CA ALA I 79 -28.17 -7.98 -47.93
C ALA I 79 -29.04 -7.20 -48.89
N TYR I 80 -29.97 -6.43 -48.35
CA TYR I 80 -30.93 -5.66 -49.13
C TYR I 80 -30.76 -4.17 -48.85
N LEU I 81 -30.83 -3.38 -49.91
CA LEU I 81 -30.91 -1.92 -49.81
C LEU I 81 -32.17 -1.46 -50.50
N GLN I 82 -33.00 -0.71 -49.78
CA GLN I 82 -34.26 -0.21 -50.33
C GLN I 82 -34.31 1.29 -50.13
N LEU I 83 -34.57 2.02 -51.23
CA LEU I 83 -34.66 3.47 -51.22
C LEU I 83 -36.12 3.86 -51.15
N SER I 84 -36.49 4.65 -50.15
CA SER I 84 -37.89 4.97 -49.92
C SER I 84 -38.47 5.76 -51.10
N SER I 85 -37.81 6.84 -51.49
CA SER I 85 -38.27 7.70 -52.57
C SER I 85 -37.14 7.94 -53.56
N LEU I 86 -37.47 7.93 -54.84
CA LEU I 86 -36.49 8.05 -55.91
C LEU I 86 -36.71 9.35 -56.67
N THR I 87 -35.63 10.10 -56.88
CA THR I 87 -35.69 11.35 -57.62
C THR I 87 -34.67 11.34 -58.75
N SER I 88 -34.47 12.49 -59.40
CA SER I 88 -33.50 12.58 -60.47
C SER I 88 -32.07 12.38 -59.98
N GLU I 89 -31.82 12.61 -58.68
CA GLU I 89 -30.48 12.48 -58.13
C GLU I 89 -30.08 11.04 -57.83
N ASP I 90 -31.03 10.10 -57.86
CA ASP I 90 -30.75 8.72 -57.51
C ASP I 90 -30.40 7.86 -58.72
N THR I 91 -30.24 8.47 -59.89
CA THR I 91 -29.87 7.73 -61.10
C THR I 91 -28.35 7.54 -61.10
N ALA I 92 -27.92 6.50 -60.40
CA ALA I 92 -26.49 6.22 -60.23
C ALA I 92 -26.30 4.71 -60.28
N VAL I 93 -25.09 4.28 -59.92
CA VAL I 93 -24.73 2.87 -59.84
C VAL I 93 -24.47 2.54 -58.39
N TYR I 94 -25.18 1.54 -57.86
CA TYR I 94 -25.11 1.18 -56.45
C TYR I 94 -24.30 -0.10 -56.29
N TYR I 95 -23.30 -0.04 -55.41
CA TYR I 95 -22.36 -1.14 -55.20
C TYR I 95 -22.54 -1.73 -53.81
N CYS I 96 -22.32 -3.03 -53.72
CA CYS I 96 -22.31 -3.76 -52.46
C CYS I 96 -20.89 -4.21 -52.15
N ALA I 97 -20.41 -3.89 -50.96
CA ALA I 97 -19.03 -4.17 -50.59
C ALA I 97 -18.99 -4.87 -49.23
N ARG I 98 -17.89 -5.59 -49.01
CA ARG I 98 -17.68 -6.38 -47.80
C ARG I 98 -16.51 -5.82 -47.02
N LYS I 99 -16.65 -5.77 -45.70
CA LYS I 99 -15.57 -5.31 -44.84
C LYS I 99 -14.37 -6.24 -44.95
N GLY I 100 -13.17 -5.65 -44.99
CA GLY I 100 -11.96 -6.40 -45.25
C GLY I 100 -10.98 -6.43 -44.11
N LEU I 101 -9.70 -6.62 -44.41
CA LEU I 101 -8.70 -6.85 -43.38
C LEU I 101 -8.56 -5.66 -42.43
N ARG I 102 -8.06 -4.54 -42.93
CA ARG I 102 -7.94 -3.33 -42.12
C ARG I 102 -9.13 -2.40 -42.38
N TRP I 103 -10.32 -2.95 -42.20
CA TRP I 103 -11.56 -2.23 -42.43
C TRP I 103 -11.61 -1.66 -43.84
N ALA I 104 -11.02 -2.36 -44.79
CA ALA I 104 -11.06 -1.99 -46.20
C ALA I 104 -12.14 -2.77 -46.91
N MET I 105 -12.70 -2.18 -47.96
CA MET I 105 -13.76 -2.82 -48.74
C MET I 105 -13.10 -3.69 -49.80
N ASP I 106 -12.72 -4.90 -49.36
CA ASP I 106 -11.90 -5.76 -50.21
C ASP I 106 -12.70 -6.33 -51.38
N TYR I 107 -13.93 -6.78 -51.14
CA TYR I 107 -14.76 -7.39 -52.18
C TYR I 107 -15.93 -6.46 -52.50
N TRP I 108 -16.12 -6.19 -53.78
CA TRP I 108 -17.22 -5.38 -54.26
C TRP I 108 -18.09 -6.18 -55.22
N GLY I 109 -19.39 -5.90 -55.20
CA GLY I 109 -20.29 -6.50 -56.17
C GLY I 109 -20.17 -5.84 -57.52
N GLN I 110 -20.73 -6.51 -58.54
CA GLN I 110 -20.64 -6.00 -59.90
C GLN I 110 -21.34 -4.66 -60.05
N GLY I 111 -22.27 -4.33 -59.17
CA GLY I 111 -22.97 -3.06 -59.23
C GLY I 111 -24.32 -3.19 -59.93
N THR I 112 -25.23 -2.28 -59.58
CA THR I 112 -26.55 -2.22 -60.16
C THR I 112 -26.80 -0.82 -60.69
N SER I 113 -27.29 -0.73 -61.92
CA SER I 113 -27.65 0.55 -62.52
C SER I 113 -29.11 0.84 -62.18
N VAL I 114 -29.33 1.88 -61.37
CA VAL I 114 -30.69 2.26 -60.98
C VAL I 114 -31.00 3.62 -61.59
N THR I 115 -31.61 3.61 -62.77
CA THR I 115 -31.94 4.85 -63.47
C THR I 115 -33.35 5.29 -63.12
N VAL I 116 -33.51 6.56 -62.82
CA VAL I 116 -34.81 7.17 -62.53
C VAL I 116 -35.21 7.98 -63.75
N SER I 117 -36.19 7.47 -64.50
CA SER I 117 -36.64 8.14 -65.71
C SER I 117 -38.06 7.69 -66.02
N THR I 118 -38.72 8.48 -66.86
CA THR I 118 -40.09 8.17 -67.27
C THR I 118 -40.10 7.59 -68.68
C1 NAG J . 23.16 -11.33 20.52
C2 NAG J . 24.53 -11.73 21.06
C3 NAG J . 24.59 -13.24 21.30
C4 NAG J . 23.44 -13.68 22.18
C5 NAG J . 22.11 -13.21 21.60
C6 NAG J . 20.94 -13.49 22.51
C7 NAG J . 25.85 -11.75 18.97
C8 NAG J . 27.01 -11.14 18.25
N2 NAG J . 25.62 -11.28 20.20
O3 NAG J . 25.84 -13.57 21.90
O4 NAG J . 23.40 -15.11 22.26
O5 NAG J . 22.15 -11.78 21.41
O6 NAG J . 21.05 -12.77 23.74
O7 NAG J . 25.14 -12.60 18.45
C1 NAG J . 23.91 -15.55 23.52
C2 NAG J . 23.00 -16.63 24.09
C3 NAG J . 23.58 -17.21 25.37
C4 NAG J . 25.02 -17.65 25.16
C5 NAG J . 25.84 -16.51 24.56
C6 NAG J . 27.25 -16.92 24.20
C7 NAG J . 20.55 -16.83 24.06
C8 NAG J . 19.25 -16.15 24.37
N2 NAG J . 21.65 -16.13 24.33
O3 NAG J . 22.79 -18.32 25.79
O4 NAG J . 25.61 -18.04 26.39
O5 NAG J . 25.22 -16.06 23.35
O6 NAG J . 27.25 -17.85 23.13
O7 NAG J . 20.59 -17.97 23.60
C1 BMA J . 25.72 -19.48 26.45
C2 BMA J . 27.13 -19.79 27.00
C3 BMA J . 27.27 -21.29 27.30
C4 BMA J . 26.05 -21.85 28.08
C5 BMA J . 24.75 -21.46 27.36
C6 BMA J . 23.50 -21.90 28.10
O2 BMA J . 27.35 -19.10 28.22
O3 BMA J . 28.46 -21.55 28.03
O4 BMA J . 26.14 -23.26 28.16
O5 BMA J . 24.71 -20.03 27.27
O6 BMA J . 23.72 -23.22 28.58
C1 NAG K . 2.84 -19.56 1.13
C2 NAG K . 3.67 -20.25 0.04
C3 NAG K . 3.57 -19.49 -1.27
C4 NAG K . 2.12 -19.21 -1.65
C5 NAG K . 1.43 -18.51 -0.49
C6 NAG K . -0.03 -18.22 -0.74
C7 NAG K . 5.66 -21.53 0.73
C8 NAG K . 7.09 -21.44 1.14
N2 NAG K . 5.06 -20.36 0.46
O3 NAG K . 4.21 -20.22 -2.30
O4 NAG K . 2.07 -18.40 -2.81
O5 NAG K . 1.50 -19.35 0.67
O6 NAG K . -0.74 -19.39 -1.08
O7 NAG K . 5.07 -22.59 0.66
C1 NAG K . 1.35 -19.12 -3.83
C2 NAG K . 0.93 -18.11 -4.90
C3 NAG K . 0.21 -18.83 -6.05
C4 NAG K . 1.08 -19.96 -6.58
C5 NAG K . 1.48 -20.89 -5.43
C6 NAG K . 2.42 -21.99 -5.85
C7 NAG K . 0.55 -16.03 -3.64
C8 NAG K . -0.46 -15.05 -3.15
N2 NAG K . 0.08 -17.07 -4.35
O3 NAG K . -0.10 -17.91 -7.08
O4 NAG K . 0.34 -20.70 -7.56
O5 NAG K . 2.15 -20.14 -4.42
O6 NAG K . 3.76 -21.53 -5.92
O7 NAG K . 1.75 -15.91 -3.41
C1 BMA K . 1.03 -20.67 -8.82
C2 BMA K . 0.49 -21.87 -9.58
C3 BMA K . 0.93 -21.86 -11.05
C4 BMA K . 0.81 -20.46 -11.70
C5 BMA K . 1.44 -19.40 -10.78
C6 BMA K . 1.30 -17.97 -11.29
O2 BMA K . -0.93 -21.85 -9.58
O3 BMA K . 0.13 -22.78 -11.75
O4 BMA K . 1.47 -20.45 -12.95
O5 BMA K . 0.78 -19.46 -9.51
O6 BMA K . 1.77 -17.09 -10.26
C1 MAN K . 0.89 -23.63 -12.63
C2 MAN K . -0.18 -24.40 -13.42
C3 MAN K . -0.93 -25.32 -12.43
C4 MAN K . 0.04 -26.28 -11.75
C5 MAN K . 1.12 -25.46 -11.01
C6 MAN K . 2.21 -26.34 -10.45
O2 MAN K . 0.40 -25.22 -14.43
O3 MAN K . -1.99 -26.03 -13.05
O4 MAN K . -0.65 -27.07 -10.79
O5 MAN K . 1.75 -24.53 -11.94
O6 MAN K . 2.61 -27.26 -11.44
C1 MAN K . -0.37 -25.04 -15.65
C2 MAN K . 0.07 -26.13 -16.67
C3 MAN K . 1.42 -25.77 -17.29
C4 MAN K . 1.40 -24.34 -17.85
C5 MAN K . 1.07 -23.38 -16.73
C6 MAN K . 0.97 -21.95 -17.21
O2 MAN K . -0.85 -26.22 -17.76
O3 MAN K . 1.81 -26.68 -18.31
O4 MAN K . 2.67 -24.01 -18.38
O5 MAN K . -0.21 -23.71 -16.17
O6 MAN K . 1.27 -21.09 -16.11
C1 MAN K . -1.70 -27.36 -17.57
C2 MAN K . -2.41 -27.66 -18.92
C3 MAN K . -3.46 -26.58 -19.23
C4 MAN K . -4.38 -26.33 -18.05
C5 MAN K . -3.57 -26.03 -16.80
C6 MAN K . -4.43 -25.87 -15.55
O2 MAN K . -3.14 -28.89 -18.84
O3 MAN K . -4.23 -26.92 -20.36
O4 MAN K . -5.20 -25.19 -18.32
O5 MAN K . -2.66 -27.13 -16.55
O6 MAN K . -3.97 -24.72 -14.85
C1 MAN K . 1.37 -15.74 -10.57
C2 MAN K . 1.99 -14.78 -9.57
C3 MAN K . 1.33 -14.94 -8.21
C4 MAN K . -0.18 -14.85 -8.31
C5 MAN K . -0.72 -15.75 -9.41
C6 MAN K . -2.20 -15.48 -9.57
O2 MAN K . 1.85 -13.44 -10.04
O3 MAN K . 1.78 -13.90 -7.33
O4 MAN K . -0.75 -15.24 -7.05
O5 MAN K . -0.04 -15.49 -10.63
O6 MAN K . -2.81 -16.58 -10.25
C1 MAN K . -3.84 -16.05 -11.11
C2 MAN K . -4.75 -17.18 -11.53
C3 MAN K . -3.96 -18.23 -12.31
C4 MAN K . -3.16 -17.58 -13.44
C5 MAN K . -2.40 -16.35 -12.95
C6 MAN K . -1.74 -15.62 -14.10
O2 MAN K . -5.82 -16.67 -12.33
O3 MAN K . -4.87 -19.18 -12.88
O4 MAN K . -2.22 -18.53 -13.96
O5 MAN K . -3.29 -15.46 -12.28
O6 MAN K . -2.26 -16.06 -15.35
C1 MAN K . -6.98 -16.60 -11.49
C2 MAN K . -8.26 -16.81 -12.31
C3 MAN K . -8.61 -15.58 -13.11
C4 MAN K . -8.66 -14.38 -12.17
C5 MAN K . -7.30 -14.23 -11.52
C6 MAN K . -7.24 -12.98 -10.65
O2 MAN K . -9.32 -17.13 -11.40
O3 MAN K . -9.88 -15.76 -13.75
O4 MAN K . -8.99 -13.19 -12.91
O5 MAN K . -7.05 -15.39 -10.74
O6 MAN K . -6.87 -13.32 -9.31
C1 MAN K . 2.54 -14.44 -6.24
C2 MAN K . 2.79 -13.33 -5.17
C3 MAN K . 3.92 -12.41 -5.62
C4 MAN K . 5.17 -13.21 -5.96
C5 MAN K . 4.85 -14.21 -7.08
C6 MAN K . 6.02 -15.12 -7.38
O2 MAN K . 3.18 -13.88 -3.91
O3 MAN K . 4.24 -11.46 -4.62
O4 MAN K . 6.18 -12.34 -6.41
O5 MAN K . 3.76 -15.08 -6.66
O6 MAN K . 7.10 -14.31 -7.85
C1 NAG L . -25.02 9.93 -3.32
C2 NAG L . -26.42 10.36 -2.87
C3 NAG L . -27.48 9.48 -3.51
C4 NAG L . -27.31 9.48 -5.03
C5 NAG L . -25.88 9.12 -5.41
C6 NAG L . -25.61 9.27 -6.89
C7 NAG L . -26.46 9.26 -0.65
C8 NAG L . -26.62 9.50 0.83
N2 NAG L . -26.54 10.36 -1.42
O3 NAG L . -28.77 9.93 -3.15
O4 NAG L . -28.16 8.49 -5.60
O5 NAG L . -24.95 9.97 -4.74
O6 NAG L . -26.19 10.45 -7.40
O7 NAG L . -26.25 8.15 -1.11
C1 NAG L . -29.28 9.08 -6.30
C2 NAG L . -29.52 8.31 -7.60
C3 NAG L . -30.79 8.81 -8.30
C4 NAG L . -31.97 8.83 -7.34
C5 NAG L . -31.60 9.57 -6.06
C6 NAG L . -32.66 9.52 -4.99
C7 NAG L . -28.03 7.50 -9.37
C8 NAG L . -26.82 7.80 -10.20
N2 NAG L . -28.38 8.43 -8.49
O3 NAG L . -31.08 7.95 -9.40
O4 NAG L . -33.04 9.52 -7.97
O5 NAG L . -30.43 8.98 -5.48
O6 NAG L . -32.50 8.38 -4.15
O7 NAG L . -28.66 6.45 -9.50
C1 BMA L . -34.23 8.72 -8.06
C2 BMA L . -35.43 9.67 -7.92
C3 BMA L . -36.74 8.91 -8.16
C4 BMA L . -36.68 8.02 -9.41
C5 BMA L . -35.41 7.15 -9.38
C6 BMA L . -35.25 6.29 -10.62
O2 BMA L . -35.36 10.70 -8.91
O3 BMA L . -37.83 9.81 -8.26
O4 BMA L . -37.81 7.18 -9.46
O5 BMA L . -34.28 8.02 -9.29
O6 BMA L . -36.37 5.43 -10.73
C1 NAG M . -9.45 -15.85 -8.40
C2 NAG M . -8.31 -16.66 -7.81
C3 NAG M . -8.54 -18.15 -8.06
C4 NAG M . -9.92 -18.57 -7.59
C5 NAG M . -10.97 -17.63 -8.19
C6 NAG M . -12.36 -17.98 -7.73
C7 NAG M . -6.04 -15.84 -7.63
C8 NAG M . -4.89 -16.79 -7.49
N2 NAG M . -7.04 -16.26 -8.37
O3 NAG M . -7.51 -18.88 -7.38
O4 NAG M . -10.21 -19.91 -8.00
O5 NAG M . -10.66 -16.29 -7.81
O6 NAG M . -12.30 -18.62 -6.44
O7 NAG M . -6.05 -14.74 -7.09
C1 NAG M . -9.86 -20.83 -6.93
C2 NAG M . -10.77 -22.04 -6.99
C3 NAG M . -10.35 -23.11 -5.98
C4 NAG M . -8.86 -23.37 -6.04
C5 NAG M . -8.11 -22.06 -5.96
C6 NAG M . -6.59 -22.24 -6.03
C7 NAG M . -13.00 -21.47 -7.74
C8 NAG M . -14.42 -21.85 -7.45
N2 NAG M . -12.14 -21.65 -6.73
O3 NAG M . -11.06 -24.33 -6.25
O4 NAG M . -8.47 -24.22 -4.95
O5 NAG M . -8.51 -21.24 -7.07
O6 NAG M . -6.28 -23.07 -7.15
O7 NAG M . -12.64 -21.03 -8.82
C1 BMA M . -7.73 -25.38 -5.41
C2 BMA M . -6.71 -25.75 -4.35
C3 BMA M . -5.94 -27.00 -4.78
C4 BMA M . -6.88 -28.12 -5.23
C5 BMA M . -7.91 -27.61 -6.25
C6 BMA M . -8.95 -28.66 -6.58
O2 BMA M . -7.36 -26.07 -3.13
O3 BMA M . -5.08 -27.46 -3.75
O4 BMA M . -6.11 -29.16 -5.83
O5 BMA M . -8.58 -26.47 -5.69
O6 BMA M . -9.75 -28.15 -7.64
C1 NAG N . 28.69 -11.09 -25.73
C2 NAG N . 29.88 -10.21 -26.04
C3 NAG N . 30.48 -10.60 -27.38
C4 NAG N . 30.76 -12.10 -27.45
C5 NAG N . 29.54 -12.91 -26.98
C6 NAG N . 29.84 -14.38 -26.82
C7 NAG N . 29.99 -7.93 -25.14
C8 NAG N . 31.00 -8.46 -24.16
N2 NAG N . 29.51 -8.81 -26.02
O3 NAG N . 31.68 -9.87 -27.58
O4 NAG N . 31.00 -12.51 -28.80
O5 NAG N . 29.08 -12.44 -25.71
O6 NAG N . 30.57 -14.63 -25.63
O7 NAG N . 29.65 -6.75 -25.16
C1 NAG N . 32.39 -12.39 -29.19
C2 NAG N . 32.77 -13.53 -30.12
C3 NAG N . 34.21 -13.35 -30.62
C4 NAG N . 34.38 -11.97 -31.24
C5 NAG N . 33.91 -10.89 -30.27
C6 NAG N . 33.93 -9.50 -30.86
C7 NAG N . 31.81 -15.78 -29.95
C8 NAG N . 31.80 -17.07 -29.17
N2 NAG N . 32.63 -14.83 -29.48
O3 NAG N . 34.52 -14.36 -31.57
O4 NAG N . 35.74 -11.74 -31.55
O5 NAG N . 32.56 -11.15 -29.86
O6 NAG N . 34.47 -8.56 -29.95
O7 NAG N . 31.12 -15.61 -30.94
C1 NAG O . 27.79 -36.20 -5.30
C2 NAG O . 29.16 -36.09 -5.99
C3 NAG O . 30.28 -36.25 -4.96
C4 NAG O . 30.09 -35.28 -3.81
C5 NAG O . 28.71 -35.46 -3.20
C6 NAG O . 28.41 -34.46 -2.11
C7 NAG O . 29.47 -36.78 -8.32
C8 NAG O . 29.58 -37.93 -9.27
N2 NAG O . 29.28 -37.09 -7.04
O3 NAG O . 31.53 -36.02 -5.59
O4 NAG O . 31.08 -35.50 -2.81
O5 NAG O . 27.72 -35.28 -4.21
O6 NAG O . 29.46 -34.39 -1.16
O7 NAG O . 29.56 -35.61 -8.70
C13 R5R P . 12.06 25.67 21.71
C15 R5R P . 12.92 23.41 21.50
C17 R5R P . 12.89 27.22 23.53
C22 R5R P . 16.91 21.41 26.21
C01 R5R P . 16.03 16.14 21.11
C02 R5R P . 15.51 17.58 21.30
C03 R5R P . 16.33 18.67 20.99
C04 R5R P . 15.84 19.97 21.17
C05 R5R P . 14.56 20.18 21.66
C06 R5R P . 13.74 19.09 21.96
C07 R5R P . 14.22 17.79 21.79
C08 R5R P . 14.06 21.56 21.83
C09 R5R P . 14.45 22.48 22.79
C11 R5R P . 13.72 24.81 23.20
C12 R5R P . 12.88 25.87 22.79
C14 R5R P . 12.05 24.45 21.05
C18 R5R P . 15.47 22.25 23.87
C19 R5R P . 14.84 22.25 25.25
C23 R5R P . 14.89 21.87 27.63
N10 R5R P . 13.73 23.62 22.55
N16 R5R P . 13.11 22.17 21.05
N21 R5R P . 15.52 21.85 26.33
O20 R5R P . 13.68 22.62 25.39
N ABU Q . 7.59 -24.03 17.86
CD ABU Q . 6.27 -24.58 17.69
CB ABU Q . 5.26 -23.75 18.47
CG ABU Q . 3.90 -24.42 18.56
C ABU Q . 3.17 -24.02 19.82
O ABU Q . 2.28 -23.13 19.79
OXT ABU Q . 3.44 -24.59 20.91
C1 NAG R . -32.93 -21.82 8.92
C2 NAG R . -34.02 -22.38 9.83
C3 NAG R . -35.33 -21.63 9.60
C4 NAG R . -35.11 -20.13 9.76
C5 NAG R . -33.99 -19.66 8.84
C6 NAG R . -33.63 -18.21 9.04
C7 NAG R . -34.16 -24.71 10.58
C8 NAG R . -34.38 -26.13 10.16
N2 NAG R . -34.21 -23.79 9.61
O3 NAG R . -36.31 -22.08 10.53
O4 NAG R . -36.30 -19.42 9.42
O5 NAG R . -32.80 -20.41 9.14
O6 NAG R . -32.63 -18.04 10.03
O7 NAG R . -33.94 -24.41 11.74
C13 R5R S . 5.81 33.81 -0.20
C15 R5R S . 3.69 32.66 -0.53
C17 R5R S . 6.05 36.26 -0.83
C22 R5R S . -1.35 36.33 -2.12
C01 R5R S . -3.33 29.21 -1.66
C02 R5R S . -2.02 30.01 -1.52
C03 R5R S . -1.97 31.11 -0.67
C04 R5R S . -0.78 31.84 -0.51
C05 R5R S . 0.36 31.45 -1.21
C06 R5R S . 0.32 30.34 -2.05
C07 R5R S . -0.88 29.62 -2.21
C08 R5R S . 1.61 32.22 -1.05
C09 R5R S . 1.86 33.56 -1.37
C11 R5R S . 3.90 34.91 -1.12
C12 R5R S . 5.24 34.96 -0.71
C14 R5R S . 5.06 32.66 -0.11
C18 R5R S . 0.96 34.62 -1.94
C19 R5R S . -0.28 34.22 -2.73
C23 R5R S . -2.53 34.66 -3.52
N10 R5R S . 3.16 33.78 -1.02
N16 R5R S . 2.77 31.71 -0.55
N21 R5R S . -1.35 35.04 -2.79
O20 R5R S . -0.34 33.15 -3.32
N ABU T . -21.22 -5.09 -15.41
CD ABU T . -20.73 -6.18 -16.25
CB ABU T . -20.02 -5.62 -17.48
CG ABU T . -19.55 -6.72 -18.43
C ABU T . -19.08 -6.18 -19.77
O ABU T . -19.91 -5.88 -20.67
OXT ABU T . -17.85 -6.04 -20.00
C13 R5R U . 5.93 -10.25 -29.13
C15 R5R U . 8.21 -10.90 -28.62
C17 R5R U . 5.28 -7.80 -29.17
C22 R5R U . 10.52 -5.20 -30.14
C01 R5R U . 15.70 -12.60 -26.91
C02 R5R U . 14.27 -12.14 -27.23
C03 R5R U . 13.20 -12.71 -26.56
C04 R5R U . 11.90 -12.28 -26.85
C05 R5R U . 11.70 -11.29 -27.81
C06 R5R U . 12.79 -10.73 -28.47
C07 R5R U . 14.08 -11.16 -28.18
C08 R5R U . 10.32 -10.84 -28.10
C09 R5R U . 9.85 -9.54 -28.15
C11 R5R U . 7.61 -8.63 -28.64
C12 R5R U . 6.30 -8.94 -28.98
C14 R5R U . 6.86 -11.25 -28.96
C18 R5R U . 10.62 -8.28 -27.89
C19 R5R U . 10.75 -7.36 -29.08
C23 R5R U . 9.86 -5.54 -27.73
N10 R5R U . 8.54 -9.62 -28.47
N16 R5R U . 9.27 -11.65 -28.40
N21 R5R U . 10.39 -6.07 -28.99
O20 R5R U . 11.20 -7.77 -30.14
#